data_5QSB
# 
_entry.id   5QSB 
# 
_audit_conform.dict_name       mmcif_pdbx.dic 
_audit_conform.dict_version    5.387 
_audit_conform.dict_location   http://mmcif.pdb.org/dictionaries/ascii/mmcif_pdbx.dic 
# 
loop_
_database_2.database_id 
_database_2.database_code 
_database_2.pdbx_database_accession 
_database_2.pdbx_DOI 
PDB   5QSB         pdb_00005qsb 10.2210/pdb5qsb/pdb 
WWPDB D_1001402344 ?            ?                   
# 
loop_
_pdbx_audit_revision_history.ordinal 
_pdbx_audit_revision_history.data_content_type 
_pdbx_audit_revision_history.major_revision 
_pdbx_audit_revision_history.minor_revision 
_pdbx_audit_revision_history.revision_date 
1 'Structure model' 1 0 2019-08-21 
2 'Structure model' 1 1 2024-03-06 
# 
_pdbx_audit_revision_details.ordinal             1 
_pdbx_audit_revision_details.revision_ordinal    1 
_pdbx_audit_revision_details.data_content_type   'Structure model' 
_pdbx_audit_revision_details.provider            repository 
_pdbx_audit_revision_details.type                'Initial release' 
_pdbx_audit_revision_details.description         ? 
_pdbx_audit_revision_details.details             ? 
# 
loop_
_pdbx_audit_revision_group.ordinal 
_pdbx_audit_revision_group.revision_ordinal 
_pdbx_audit_revision_group.data_content_type 
_pdbx_audit_revision_group.group 
1 2 'Structure model' 'Data collection'     
2 2 'Structure model' 'Database references' 
# 
loop_
_pdbx_audit_revision_category.ordinal 
_pdbx_audit_revision_category.revision_ordinal 
_pdbx_audit_revision_category.data_content_type 
_pdbx_audit_revision_category.category 
1 2 'Structure model' chem_comp_atom 
2 2 'Structure model' chem_comp_bond 
3 2 'Structure model' database_2     
# 
loop_
_pdbx_audit_revision_item.ordinal 
_pdbx_audit_revision_item.revision_ordinal 
_pdbx_audit_revision_item.data_content_type 
_pdbx_audit_revision_item.item 
1 2 'Structure model' '_database_2.pdbx_DOI'                
2 2 'Structure model' '_database_2.pdbx_database_accession' 
# 
_pdbx_database_status.entry_id                        5QSB 
_pdbx_database_status.status_code                     REL 
_pdbx_database_status.status_code_sf                  REL 
_pdbx_database_status.status_code_mr                  ? 
_pdbx_database_status.status_code_cs                  ? 
_pdbx_database_status.recvd_initial_deposition_date   2019-05-25 
_pdbx_database_status.deposit_site                    RCSB 
_pdbx_database_status.process_site                    RCSB 
_pdbx_database_status.SG_entry                        ? 
_pdbx_database_status.pdb_format_compatible           Y 
_pdbx_database_status.methods_development_category    ? 
_pdbx_database_status.status_code_nmr_data            ? 
# 
loop_
_audit_author.name 
_audit_author.pdbx_ordinal 
'Newman, J.A.'        1 
'Gavard, A.E.'        2 
'Sherestha, L.'       3 
'Burgess-Brown, N.A.' 4 
'von Delft, F.'       5 
'Arrowsmith, C.H.'    6 
'Edwards, A.'         7 
'Bountra, C.'         8 
'Gileadi, O.'         9 
# 
_citation.id                        primary 
_citation.title                     'PanDDA analysis group deposition' 
_citation.journal_abbrev            'To Be Published' 
_citation.journal_volume            ? 
_citation.page_first                ? 
_citation.page_last                 ? 
_citation.year                      ? 
_citation.journal_id_ASTM           ? 
_citation.country                   ? 
_citation.journal_id_ISSN           ? 
_citation.journal_id_CSD            0353 
_citation.book_publisher            ? 
_citation.pdbx_database_id_PubMed   ? 
_citation.pdbx_database_id_DOI      ? 
# 
loop_
_citation_author.citation_id 
_citation_author.name 
_citation_author.identifier_ORCID 
_citation_author.ordinal 
primary 'Newman, J.A.'        ? 1 
primary 'Gavard, A.E.'        ? 2 
primary 'Sherestha, L.'       ? 3 
primary 'Burgess-Brown, N.A.' ? 4 
primary 'von Delft, F.'       ? 5 
primary 'Arrowsmith, C.H.'    ? 6 
primary 'Edwards, A.'         ? 7 
primary 'Bountra, C.'         ? 8 
primary 'Gileadi, O.'         ? 9 
# 
loop_
_entity.id 
_entity.type 
_entity.src_method 
_entity.pdbx_description 
_entity.formula_weight 
_entity.pdbx_number_of_molecules 
_entity.pdbx_ec 
_entity.pdbx_mutation 
_entity.pdbx_fragment 
_entity.details 
1 polymer     man 'T-box transcription factor T'                    19655.623 1   ? G177D ? ? 
2 non-polymer syn '1-{[4-(propan-2-yl)phenyl]methyl}piperidin-4-ol' 233.349   1   ? ?     ? ? 
3 water       nat water                                             18.015    178 ? ?     ? ? 
# 
_entity_name_com.entity_id   1 
_entity_name_com.name        'Brachyury protein,Protein T' 
# 
_entity_poly.entity_id                      1 
_entity_poly.type                           'polypeptide(L)' 
_entity_poly.nstd_linkage                   no 
_entity_poly.nstd_monomer                   no 
_entity_poly.pdbx_seq_one_letter_code       
;GELRVGLEESELWLRFKELTNEMIVTKNGRRMFPVLKVNVSGLDPNAMYSFLLDFVAADNHRWKYVNGEWVPGGKPEPQA
PSCVYIHPDSPNFGAHWMKAPVSFSKVKLTNKLNGGGQIMLNSLHKYEPRIHIVRVGDPQRMITSHCFPETQFIAVTAYQ
NEEITALKIKYN
;
_entity_poly.pdbx_seq_one_letter_code_can   
;GELRVGLEESELWLRFKELTNEMIVTKNGRRMFPVLKVNVSGLDPNAMYSFLLDFVAADNHRWKYVNGEWVPGGKPEPQA
PSCVYIHPDSPNFGAHWMKAPVSFSKVKLTNKLNGGGQIMLNSLHKYEPRIHIVRVGDPQRMITSHCFPETQFIAVTAYQ
NEEITALKIKYN
;
_entity_poly.pdbx_strand_id                 A 
_entity_poly.pdbx_target_identifier         ? 
# 
loop_
_pdbx_entity_nonpoly.entity_id 
_pdbx_entity_nonpoly.name 
_pdbx_entity_nonpoly.comp_id 
2 '1-{[4-(propan-2-yl)phenyl]methyl}piperidin-4-ol' O0M 
3 water                                             HOH 
# 
loop_
_entity_poly_seq.entity_id 
_entity_poly_seq.num 
_entity_poly_seq.mon_id 
_entity_poly_seq.hetero 
1 1   GLY n 
1 2   GLU n 
1 3   LEU n 
1 4   ARG n 
1 5   VAL n 
1 6   GLY n 
1 7   LEU n 
1 8   GLU n 
1 9   GLU n 
1 10  SER n 
1 11  GLU n 
1 12  LEU n 
1 13  TRP n 
1 14  LEU n 
1 15  ARG n 
1 16  PHE n 
1 17  LYS n 
1 18  GLU n 
1 19  LEU n 
1 20  THR n 
1 21  ASN n 
1 22  GLU n 
1 23  MET n 
1 24  ILE n 
1 25  VAL n 
1 26  THR n 
1 27  LYS n 
1 28  ASN n 
1 29  GLY n 
1 30  ARG n 
1 31  ARG n 
1 32  MET n 
1 33  PHE n 
1 34  PRO n 
1 35  VAL n 
1 36  LEU n 
1 37  LYS n 
1 38  VAL n 
1 39  ASN n 
1 40  VAL n 
1 41  SER n 
1 42  GLY n 
1 43  LEU n 
1 44  ASP n 
1 45  PRO n 
1 46  ASN n 
1 47  ALA n 
1 48  MET n 
1 49  TYR n 
1 50  SER n 
1 51  PHE n 
1 52  LEU n 
1 53  LEU n 
1 54  ASP n 
1 55  PHE n 
1 56  VAL n 
1 57  ALA n 
1 58  ALA n 
1 59  ASP n 
1 60  ASN n 
1 61  HIS n 
1 62  ARG n 
1 63  TRP n 
1 64  LYS n 
1 65  TYR n 
1 66  VAL n 
1 67  ASN n 
1 68  GLY n 
1 69  GLU n 
1 70  TRP n 
1 71  VAL n 
1 72  PRO n 
1 73  GLY n 
1 74  GLY n 
1 75  LYS n 
1 76  PRO n 
1 77  GLU n 
1 78  PRO n 
1 79  GLN n 
1 80  ALA n 
1 81  PRO n 
1 82  SER n 
1 83  CYS n 
1 84  VAL n 
1 85  TYR n 
1 86  ILE n 
1 87  HIS n 
1 88  PRO n 
1 89  ASP n 
1 90  SER n 
1 91  PRO n 
1 92  ASN n 
1 93  PHE n 
1 94  GLY n 
1 95  ALA n 
1 96  HIS n 
1 97  TRP n 
1 98  MET n 
1 99  LYS n 
1 100 ALA n 
1 101 PRO n 
1 102 VAL n 
1 103 SER n 
1 104 PHE n 
1 105 SER n 
1 106 LYS n 
1 107 VAL n 
1 108 LYS n 
1 109 LEU n 
1 110 THR n 
1 111 ASN n 
1 112 LYS n 
1 113 LEU n 
1 114 ASN n 
1 115 GLY n 
1 116 GLY n 
1 117 GLY n 
1 118 GLN n 
1 119 ILE n 
1 120 MET n 
1 121 LEU n 
1 122 ASN n 
1 123 SER n 
1 124 LEU n 
1 125 HIS n 
1 126 LYS n 
1 127 TYR n 
1 128 GLU n 
1 129 PRO n 
1 130 ARG n 
1 131 ILE n 
1 132 HIS n 
1 133 ILE n 
1 134 VAL n 
1 135 ARG n 
1 136 VAL n 
1 137 GLY n 
1 138 ASP n 
1 139 PRO n 
1 140 GLN n 
1 141 ARG n 
1 142 MET n 
1 143 ILE n 
1 144 THR n 
1 145 SER n 
1 146 HIS n 
1 147 CYS n 
1 148 PHE n 
1 149 PRO n 
1 150 GLU n 
1 151 THR n 
1 152 GLN n 
1 153 PHE n 
1 154 ILE n 
1 155 ALA n 
1 156 VAL n 
1 157 THR n 
1 158 ALA n 
1 159 TYR n 
1 160 GLN n 
1 161 ASN n 
1 162 GLU n 
1 163 GLU n 
1 164 ILE n 
1 165 THR n 
1 166 ALA n 
1 167 LEU n 
1 168 LYS n 
1 169 ILE n 
1 170 LYS n 
1 171 TYR n 
1 172 ASN n 
# 
_entity_src_gen.entity_id                          1 
_entity_src_gen.pdbx_src_id                        1 
_entity_src_gen.pdbx_alt_source_flag               sample 
_entity_src_gen.pdbx_seq_type                      'Biological sequence' 
_entity_src_gen.pdbx_beg_seq_num                   1 
_entity_src_gen.pdbx_end_seq_num                   172 
_entity_src_gen.gene_src_common_name               Human 
_entity_src_gen.gene_src_genus                     ? 
_entity_src_gen.pdbx_gene_src_gene                 'TBXT, T' 
_entity_src_gen.gene_src_species                   ? 
_entity_src_gen.gene_src_strain                    ? 
_entity_src_gen.gene_src_tissue                    ? 
_entity_src_gen.gene_src_tissue_fraction           ? 
_entity_src_gen.gene_src_details                   ? 
_entity_src_gen.pdbx_gene_src_fragment             ? 
_entity_src_gen.pdbx_gene_src_scientific_name      'Homo sapiens' 
_entity_src_gen.pdbx_gene_src_ncbi_taxonomy_id     9606 
_entity_src_gen.pdbx_gene_src_variant              ? 
_entity_src_gen.pdbx_gene_src_cell_line            ? 
_entity_src_gen.pdbx_gene_src_atcc                 ? 
_entity_src_gen.pdbx_gene_src_organ                ? 
_entity_src_gen.pdbx_gene_src_organelle            ? 
_entity_src_gen.pdbx_gene_src_cell                 ? 
_entity_src_gen.pdbx_gene_src_cellular_location    ? 
_entity_src_gen.host_org_common_name               ? 
_entity_src_gen.pdbx_host_org_scientific_name      'Escherichia coli' 
_entity_src_gen.pdbx_host_org_ncbi_taxonomy_id     562 
_entity_src_gen.host_org_genus                     ? 
_entity_src_gen.pdbx_host_org_gene                 ? 
_entity_src_gen.pdbx_host_org_organ                ? 
_entity_src_gen.host_org_species                   ? 
_entity_src_gen.pdbx_host_org_tissue               ? 
_entity_src_gen.pdbx_host_org_tissue_fraction      ? 
_entity_src_gen.pdbx_host_org_strain               ? 
_entity_src_gen.pdbx_host_org_variant              ? 
_entity_src_gen.pdbx_host_org_cell_line            ? 
_entity_src_gen.pdbx_host_org_atcc                 ? 
_entity_src_gen.pdbx_host_org_culture_collection   ? 
_entity_src_gen.pdbx_host_org_cell                 ? 
_entity_src_gen.pdbx_host_org_organelle            ? 
_entity_src_gen.pdbx_host_org_cellular_location    ? 
_entity_src_gen.pdbx_host_org_vector_type          ? 
_entity_src_gen.pdbx_host_org_vector               ? 
_entity_src_gen.host_org_details                   ? 
_entity_src_gen.expression_system_id               ? 
_entity_src_gen.plasmid_name                       ? 
_entity_src_gen.plasmid_details                    ? 
_entity_src_gen.pdbx_description                   ? 
# 
loop_
_chem_comp.id 
_chem_comp.type 
_chem_comp.mon_nstd_flag 
_chem_comp.name 
_chem_comp.pdbx_synonyms 
_chem_comp.formula 
_chem_comp.formula_weight 
ALA 'L-peptide linking' y ALANINE                                           ? 'C3 H7 N O2'     89.093  
ARG 'L-peptide linking' y ARGININE                                          ? 'C6 H15 N4 O2 1' 175.209 
ASN 'L-peptide linking' y ASPARAGINE                                        ? 'C4 H8 N2 O3'    132.118 
ASP 'L-peptide linking' y 'ASPARTIC ACID'                                   ? 'C4 H7 N O4'     133.103 
CYS 'L-peptide linking' y CYSTEINE                                          ? 'C3 H7 N O2 S'   121.158 
GLN 'L-peptide linking' y GLUTAMINE                                         ? 'C5 H10 N2 O3'   146.144 
GLU 'L-peptide linking' y 'GLUTAMIC ACID'                                   ? 'C5 H9 N O4'     147.129 
GLY 'peptide linking'   y GLYCINE                                           ? 'C2 H5 N O2'     75.067  
HIS 'L-peptide linking' y HISTIDINE                                         ? 'C6 H10 N3 O2 1' 156.162 
HOH non-polymer         . WATER                                             ? 'H2 O'           18.015  
ILE 'L-peptide linking' y ISOLEUCINE                                        ? 'C6 H13 N O2'    131.173 
LEU 'L-peptide linking' y LEUCINE                                           ? 'C6 H13 N O2'    131.173 
LYS 'L-peptide linking' y LYSINE                                            ? 'C6 H15 N2 O2 1' 147.195 
MET 'L-peptide linking' y METHIONINE                                        ? 'C5 H11 N O2 S'  149.211 
O0M non-polymer         . '1-{[4-(propan-2-yl)phenyl]methyl}piperidin-4-ol' ? 'C15 H23 N O'    233.349 
PHE 'L-peptide linking' y PHENYLALANINE                                     ? 'C9 H11 N O2'    165.189 
PRO 'L-peptide linking' y PROLINE                                           ? 'C5 H9 N O2'     115.130 
SER 'L-peptide linking' y SERINE                                            ? 'C3 H7 N O3'     105.093 
THR 'L-peptide linking' y THREONINE                                         ? 'C4 H9 N O3'     119.119 
TRP 'L-peptide linking' y TRYPTOPHAN                                        ? 'C11 H12 N2 O2'  204.225 
TYR 'L-peptide linking' y TYROSINE                                          ? 'C9 H11 N O3'    181.189 
VAL 'L-peptide linking' y VALINE                                            ? 'C5 H11 N O2'    117.146 
# 
loop_
_pdbx_poly_seq_scheme.asym_id 
_pdbx_poly_seq_scheme.entity_id 
_pdbx_poly_seq_scheme.seq_id 
_pdbx_poly_seq_scheme.mon_id 
_pdbx_poly_seq_scheme.ndb_seq_num 
_pdbx_poly_seq_scheme.pdb_seq_num 
_pdbx_poly_seq_scheme.auth_seq_num 
_pdbx_poly_seq_scheme.pdb_mon_id 
_pdbx_poly_seq_scheme.auth_mon_id 
_pdbx_poly_seq_scheme.pdb_strand_id 
_pdbx_poly_seq_scheme.pdb_ins_code 
_pdbx_poly_seq_scheme.hetero 
A 1 1   GLY 1   40  ?   ?   ?   A . n 
A 1 2   GLU 2   41  41  GLU GLU A . n 
A 1 3   LEU 3   42  42  LEU LEU A . n 
A 1 4   ARG 4   43  43  ARG ARG A . n 
A 1 5   VAL 5   44  44  VAL VAL A . n 
A 1 6   GLY 6   45  45  GLY GLY A . n 
A 1 7   LEU 7   46  46  LEU LEU A . n 
A 1 8   GLU 8   47  47  GLU GLU A . n 
A 1 9   GLU 9   48  48  GLU GLU A . n 
A 1 10  SER 10  49  49  SER SER A . n 
A 1 11  GLU 11  50  50  GLU GLU A . n 
A 1 12  LEU 12  51  51  LEU LEU A . n 
A 1 13  TRP 13  52  52  TRP TRP A . n 
A 1 14  LEU 14  53  53  LEU LEU A . n 
A 1 15  ARG 15  54  54  ARG ARG A . n 
A 1 16  PHE 16  55  55  PHE PHE A . n 
A 1 17  LYS 17  56  56  LYS LYS A . n 
A 1 18  GLU 18  57  57  GLU GLU A . n 
A 1 19  LEU 19  58  58  LEU LEU A . n 
A 1 20  THR 20  59  59  THR THR A . n 
A 1 21  ASN 21  60  60  ASN ASN A . n 
A 1 22  GLU 22  61  61  GLU GLU A . n 
A 1 23  MET 23  62  62  MET MET A . n 
A 1 24  ILE 24  63  63  ILE ILE A . n 
A 1 25  VAL 25  64  64  VAL VAL A . n 
A 1 26  THR 26  65  65  THR THR A . n 
A 1 27  LYS 27  66  66  LYS LYS A . n 
A 1 28  ASN 28  67  67  ASN ASN A . n 
A 1 29  GLY 29  68  68  GLY GLY A . n 
A 1 30  ARG 30  69  69  ARG ARG A . n 
A 1 31  ARG 31  70  70  ARG ARG A . n 
A 1 32  MET 32  71  71  MET MET A . n 
A 1 33  PHE 33  72  72  PHE PHE A . n 
A 1 34  PRO 34  73  73  PRO PRO A . n 
A 1 35  VAL 35  74  74  VAL VAL A . n 
A 1 36  LEU 36  75  75  LEU LEU A . n 
A 1 37  LYS 37  76  76  LYS LYS A . n 
A 1 38  VAL 38  77  77  VAL VAL A . n 
A 1 39  ASN 39  78  78  ASN ASN A . n 
A 1 40  VAL 40  79  79  VAL VAL A . n 
A 1 41  SER 41  80  80  SER SER A . n 
A 1 42  GLY 42  81  81  GLY GLY A . n 
A 1 43  LEU 43  82  82  LEU LEU A . n 
A 1 44  ASP 44  83  83  ASP ASP A . n 
A 1 45  PRO 45  84  84  PRO PRO A . n 
A 1 46  ASN 46  85  85  ASN ASN A . n 
A 1 47  ALA 47  86  86  ALA ALA A . n 
A 1 48  MET 48  87  87  MET MET A . n 
A 1 49  TYR 49  88  88  TYR TYR A . n 
A 1 50  SER 50  89  89  SER SER A . n 
A 1 51  PHE 51  90  90  PHE PHE A . n 
A 1 52  LEU 52  91  91  LEU LEU A . n 
A 1 53  LEU 53  92  92  LEU LEU A . n 
A 1 54  ASP 54  93  93  ASP ASP A . n 
A 1 55  PHE 55  94  94  PHE PHE A . n 
A 1 56  VAL 56  95  95  VAL VAL A . n 
A 1 57  ALA 57  96  96  ALA ALA A . n 
A 1 58  ALA 58  97  97  ALA ALA A . n 
A 1 59  ASP 59  98  98  ASP ASP A . n 
A 1 60  ASN 60  99  99  ASN ASN A . n 
A 1 61  HIS 61  100 100 HIS HIS A . n 
A 1 62  ARG 62  101 101 ARG ARG A . n 
A 1 63  TRP 63  102 102 TRP TRP A . n 
A 1 64  LYS 64  103 103 LYS LYS A . n 
A 1 65  TYR 65  104 104 TYR TYR A . n 
A 1 66  VAL 66  105 105 VAL VAL A . n 
A 1 67  ASN 67  106 106 ASN ASN A . n 
A 1 68  GLY 68  107 107 GLY GLY A . n 
A 1 69  GLU 69  108 108 GLU GLU A . n 
A 1 70  TRP 70  109 109 TRP TRP A . n 
A 1 71  VAL 71  110 110 VAL VAL A . n 
A 1 72  PRO 72  111 111 PRO PRO A . n 
A 1 73  GLY 73  112 112 GLY GLY A . n 
A 1 74  GLY 74  113 113 GLY GLY A . n 
A 1 75  LYS 75  114 114 LYS LYS A . n 
A 1 76  PRO 76  115 115 PRO PRO A . n 
A 1 77  GLU 77  116 116 GLU GLU A . n 
A 1 78  PRO 78  117 117 PRO PRO A . n 
A 1 79  GLN 79  118 118 GLN GLN A . n 
A 1 80  ALA 80  119 119 ALA ALA A . n 
A 1 81  PRO 81  120 120 PRO PRO A . n 
A 1 82  SER 82  121 121 SER SER A . n 
A 1 83  CYS 83  122 122 CYS CYS A . n 
A 1 84  VAL 84  123 123 VAL VAL A . n 
A 1 85  TYR 85  124 124 TYR TYR A . n 
A 1 86  ILE 86  125 125 ILE ILE A . n 
A 1 87  HIS 87  126 126 HIS HIS A . n 
A 1 88  PRO 88  127 127 PRO PRO A . n 
A 1 89  ASP 89  128 128 ASP ASP A . n 
A 1 90  SER 90  129 129 SER SER A . n 
A 1 91  PRO 91  130 130 PRO PRO A . n 
A 1 92  ASN 92  131 131 ASN ASN A . n 
A 1 93  PHE 93  132 132 PHE PHE A . n 
A 1 94  GLY 94  133 133 GLY GLY A . n 
A 1 95  ALA 95  134 134 ALA ALA A . n 
A 1 96  HIS 96  135 135 HIS HIS A . n 
A 1 97  TRP 97  136 136 TRP TRP A . n 
A 1 98  MET 98  137 137 MET MET A . n 
A 1 99  LYS 99  138 138 LYS LYS A . n 
A 1 100 ALA 100 139 139 ALA ALA A . n 
A 1 101 PRO 101 140 140 PRO PRO A . n 
A 1 102 VAL 102 141 141 VAL VAL A . n 
A 1 103 SER 103 142 142 SER SER A . n 
A 1 104 PHE 104 143 143 PHE PHE A . n 
A 1 105 SER 105 144 144 SER SER A . n 
A 1 106 LYS 106 145 145 LYS LYS A . n 
A 1 107 VAL 107 146 146 VAL VAL A . n 
A 1 108 LYS 108 147 147 LYS LYS A . n 
A 1 109 LEU 109 148 148 LEU LEU A . n 
A 1 110 THR 110 149 149 THR THR A . n 
A 1 111 ASN 111 150 150 ASN ASN A . n 
A 1 112 LYS 112 151 151 LYS LYS A . n 
A 1 113 LEU 113 152 152 LEU LEU A . n 
A 1 114 ASN 114 153 153 ASN ASN A . n 
A 1 115 GLY 115 154 154 GLY GLY A . n 
A 1 116 GLY 116 155 155 GLY GLY A . n 
A 1 117 GLY 117 156 156 GLY GLY A . n 
A 1 118 GLN 118 157 157 GLN GLN A . n 
A 1 119 ILE 119 158 158 ILE ILE A . n 
A 1 120 MET 120 159 159 MET MET A . n 
A 1 121 LEU 121 160 160 LEU LEU A . n 
A 1 122 ASN 122 161 161 ASN ASN A . n 
A 1 123 SER 123 162 162 SER SER A . n 
A 1 124 LEU 124 163 163 LEU LEU A . n 
A 1 125 HIS 125 164 164 HIS HIS A . n 
A 1 126 LYS 126 165 165 LYS LYS A . n 
A 1 127 TYR 127 166 166 TYR TYR A . n 
A 1 128 GLU 128 167 167 GLU GLU A . n 
A 1 129 PRO 129 168 168 PRO PRO A . n 
A 1 130 ARG 130 169 169 ARG ARG A . n 
A 1 131 ILE 131 170 170 ILE ILE A . n 
A 1 132 HIS 132 171 171 HIS HIS A . n 
A 1 133 ILE 133 172 172 ILE ILE A . n 
A 1 134 VAL 134 173 173 VAL VAL A . n 
A 1 135 ARG 135 174 174 ARG ARG A . n 
A 1 136 VAL 136 175 175 VAL VAL A . n 
A 1 137 GLY 137 176 176 GLY GLY A . n 
A 1 138 ASP 138 177 177 ASP ASP A . n 
A 1 139 PRO 139 178 178 PRO PRO A . n 
A 1 140 GLN 140 179 179 GLN GLN A . n 
A 1 141 ARG 141 180 180 ARG ARG A . n 
A 1 142 MET 142 181 181 MET MET A . n 
A 1 143 ILE 143 182 182 ILE ILE A . n 
A 1 144 THR 144 183 183 THR THR A . n 
A 1 145 SER 145 184 184 SER SER A . n 
A 1 146 HIS 146 185 185 HIS HIS A . n 
A 1 147 CYS 147 186 186 CYS CYS A . n 
A 1 148 PHE 148 187 187 PHE PHE A . n 
A 1 149 PRO 149 188 188 PRO PRO A . n 
A 1 150 GLU 150 189 189 GLU GLU A . n 
A 1 151 THR 151 190 190 THR THR A . n 
A 1 152 GLN 152 191 191 GLN GLN A . n 
A 1 153 PHE 153 192 192 PHE PHE A . n 
A 1 154 ILE 154 193 193 ILE ILE A . n 
A 1 155 ALA 155 194 194 ALA ALA A . n 
A 1 156 VAL 156 195 195 VAL VAL A . n 
A 1 157 THR 157 196 196 THR THR A . n 
A 1 158 ALA 158 197 197 ALA ALA A . n 
A 1 159 TYR 159 198 198 TYR TYR A . n 
A 1 160 GLN 160 199 199 GLN GLN A . n 
A 1 161 ASN 161 200 200 ASN ASN A . n 
A 1 162 GLU 162 201 201 GLU GLU A . n 
A 1 163 GLU 163 202 202 GLU GLU A . n 
A 1 164 ILE 164 203 203 ILE ILE A . n 
A 1 165 THR 165 204 204 THR THR A . n 
A 1 166 ALA 166 205 205 ALA ALA A . n 
A 1 167 LEU 167 206 206 LEU LEU A . n 
A 1 168 LYS 168 207 207 LYS LYS A . n 
A 1 169 ILE 169 208 208 ILE ILE A . n 
A 1 170 LYS 170 209 209 LYS LYS A . n 
A 1 171 TYR 171 210 210 TYR TYR A . n 
A 1 172 ASN 172 211 211 ASN ASN A . n 
# 
loop_
_pdbx_nonpoly_scheme.asym_id 
_pdbx_nonpoly_scheme.entity_id 
_pdbx_nonpoly_scheme.mon_id 
_pdbx_nonpoly_scheme.ndb_seq_num 
_pdbx_nonpoly_scheme.pdb_seq_num 
_pdbx_nonpoly_scheme.auth_seq_num 
_pdbx_nonpoly_scheme.pdb_mon_id 
_pdbx_nonpoly_scheme.auth_mon_id 
_pdbx_nonpoly_scheme.pdb_strand_id 
_pdbx_nonpoly_scheme.pdb_ins_code 
B 2 O0M 1   301 301 O0M LIG A . 
C 3 HOH 1   401 233 HOH HOH A . 
C 3 HOH 2   402 162 HOH HOH A . 
C 3 HOH 3   403 77  HOH HOH A . 
C 3 HOH 4   404 106 HOH HOH A . 
C 3 HOH 5   405 141 HOH HOH A . 
C 3 HOH 6   406 4   HOH HOH A . 
C 3 HOH 7   407 198 HOH HOH A . 
C 3 HOH 8   408 48  HOH HOH A . 
C 3 HOH 9   409 231 HOH HOH A . 
C 3 HOH 10  410 149 HOH HOH A . 
C 3 HOH 11  411 26  HOH HOH A . 
C 3 HOH 12  412 152 HOH HOH A . 
C 3 HOH 13  413 125 HOH HOH A . 
C 3 HOH 14  414 107 HOH HOH A . 
C 3 HOH 15  415 113 HOH HOH A . 
C 3 HOH 16  416 167 HOH HOH A . 
C 3 HOH 17  417 78  HOH HOH A . 
C 3 HOH 18  418 32  HOH HOH A . 
C 3 HOH 19  419 72  HOH HOH A . 
C 3 HOH 20  420 14  HOH HOH A . 
C 3 HOH 21  421 12  HOH HOH A . 
C 3 HOH 22  422 67  HOH HOH A . 
C 3 HOH 23  423 57  HOH HOH A . 
C 3 HOH 24  424 207 HOH HOH A . 
C 3 HOH 25  425 182 HOH HOH A . 
C 3 HOH 26  426 174 HOH HOH A . 
C 3 HOH 27  427 22  HOH HOH A . 
C 3 HOH 28  428 133 HOH HOH A . 
C 3 HOH 29  429 111 HOH HOH A . 
C 3 HOH 30  430 76  HOH HOH A . 
C 3 HOH 31  431 23  HOH HOH A . 
C 3 HOH 32  432 95  HOH HOH A . 
C 3 HOH 33  433 158 HOH HOH A . 
C 3 HOH 34  434 96  HOH HOH A . 
C 3 HOH 35  435 103 HOH HOH A . 
C 3 HOH 36  436 165 HOH HOH A . 
C 3 HOH 37  437 59  HOH HOH A . 
C 3 HOH 38  438 97  HOH HOH A . 
C 3 HOH 39  439 191 HOH HOH A . 
C 3 HOH 40  440 157 HOH HOH A . 
C 3 HOH 41  441 202 HOH HOH A . 
C 3 HOH 42  442 150 HOH HOH A . 
C 3 HOH 43  443 116 HOH HOH A . 
C 3 HOH 44  444 31  HOH HOH A . 
C 3 HOH 45  445 64  HOH HOH A . 
C 3 HOH 46  446 187 HOH HOH A . 
C 3 HOH 47  447 27  HOH HOH A . 
C 3 HOH 48  448 45  HOH HOH A . 
C 3 HOH 49  449 42  HOH HOH A . 
C 3 HOH 50  450 51  HOH HOH A . 
C 3 HOH 51  451 36  HOH HOH A . 
C 3 HOH 52  452 62  HOH HOH A . 
C 3 HOH 53  453 15  HOH HOH A . 
C 3 HOH 54  454 3   HOH HOH A . 
C 3 HOH 55  455 44  HOH HOH A . 
C 3 HOH 56  456 104 HOH HOH A . 
C 3 HOH 57  457 118 HOH HOH A . 
C 3 HOH 58  458 8   HOH HOH A . 
C 3 HOH 59  459 208 HOH HOH A . 
C 3 HOH 60  460 17  HOH HOH A . 
C 3 HOH 61  461 35  HOH HOH A . 
C 3 HOH 62  462 68  HOH HOH A . 
C 3 HOH 63  463 89  HOH HOH A . 
C 3 HOH 64  464 171 HOH HOH A . 
C 3 HOH 65  465 124 HOH HOH A . 
C 3 HOH 66  466 190 HOH HOH A . 
C 3 HOH 67  467 30  HOH HOH A . 
C 3 HOH 68  468 168 HOH HOH A . 
C 3 HOH 69  469 185 HOH HOH A . 
C 3 HOH 70  470 195 HOH HOH A . 
C 3 HOH 71  471 183 HOH HOH A . 
C 3 HOH 72  472 5   HOH HOH A . 
C 3 HOH 73  473 9   HOH HOH A . 
C 3 HOH 74  474 87  HOH HOH A . 
C 3 HOH 75  475 232 HOH HOH A . 
C 3 HOH 76  476 1   HOH HOH A . 
C 3 HOH 77  477 47  HOH HOH A . 
C 3 HOH 78  478 40  HOH HOH A . 
C 3 HOH 79  479 176 HOH HOH A . 
C 3 HOH 80  480 109 HOH HOH A . 
C 3 HOH 81  481 37  HOH HOH A . 
C 3 HOH 82  482 6   HOH HOH A . 
C 3 HOH 83  483 170 HOH HOH A . 
C 3 HOH 84  484 13  HOH HOH A . 
C 3 HOH 85  485 179 HOH HOH A . 
C 3 HOH 86  486 61  HOH HOH A . 
C 3 HOH 87  487 50  HOH HOH A . 
C 3 HOH 88  488 38  HOH HOH A . 
C 3 HOH 89  489 93  HOH HOH A . 
C 3 HOH 90  490 70  HOH HOH A . 
C 3 HOH 91  491 39  HOH HOH A . 
C 3 HOH 92  492 33  HOH HOH A . 
C 3 HOH 93  493 154 HOH HOH A . 
C 3 HOH 94  494 166 HOH HOH A . 
C 3 HOH 95  495 60  HOH HOH A . 
C 3 HOH 96  496 58  HOH HOH A . 
C 3 HOH 97  497 66  HOH HOH A . 
C 3 HOH 98  498 56  HOH HOH A . 
C 3 HOH 99  499 199 HOH HOH A . 
C 3 HOH 100 500 184 HOH HOH A . 
C 3 HOH 101 501 28  HOH HOH A . 
C 3 HOH 102 502 151 HOH HOH A . 
C 3 HOH 103 503 180 HOH HOH A . 
C 3 HOH 104 504 164 HOH HOH A . 
C 3 HOH 105 505 209 HOH HOH A . 
C 3 HOH 106 506 140 HOH HOH A . 
C 3 HOH 107 507 7   HOH HOH A . 
C 3 HOH 108 508 94  HOH HOH A . 
C 3 HOH 109 509 188 HOH HOH A . 
C 3 HOH 110 510 175 HOH HOH A . 
C 3 HOH 111 511 178 HOH HOH A . 
C 3 HOH 112 512 99  HOH HOH A . 
C 3 HOH 113 513 138 HOH HOH A . 
C 3 HOH 114 514 25  HOH HOH A . 
C 3 HOH 115 515 11  HOH HOH A . 
C 3 HOH 116 516 161 HOH HOH A . 
C 3 HOH 117 517 213 HOH HOH A . 
C 3 HOH 118 518 24  HOH HOH A . 
C 3 HOH 119 519 82  HOH HOH A . 
C 3 HOH 120 520 163 HOH HOH A . 
C 3 HOH 121 521 169 HOH HOH A . 
C 3 HOH 122 522 20  HOH HOH A . 
C 3 HOH 123 523 16  HOH HOH A . 
C 3 HOH 124 524 160 HOH HOH A . 
C 3 HOH 125 525 117 HOH HOH A . 
C 3 HOH 126 526 98  HOH HOH A . 
C 3 HOH 127 527 2   HOH HOH A . 
C 3 HOH 128 528 92  HOH HOH A . 
C 3 HOH 129 529 29  HOH HOH A . 
C 3 HOH 130 530 135 HOH HOH A . 
C 3 HOH 131 531 85  HOH HOH A . 
C 3 HOH 132 532 210 HOH HOH A . 
C 3 HOH 133 533 172 HOH HOH A . 
C 3 HOH 134 534 114 HOH HOH A . 
C 3 HOH 135 535 181 HOH HOH A . 
C 3 HOH 136 536 127 HOH HOH A . 
C 3 HOH 137 537 80  HOH HOH A . 
C 3 HOH 138 538 100 HOH HOH A . 
C 3 HOH 139 539 131 HOH HOH A . 
C 3 HOH 140 540 173 HOH HOH A . 
C 3 HOH 141 541 186 HOH HOH A . 
C 3 HOH 142 542 234 HOH HOH A . 
C 3 HOH 143 543 83  HOH HOH A . 
C 3 HOH 144 544 193 HOH HOH A . 
C 3 HOH 145 545 136 HOH HOH A . 
C 3 HOH 146 546 139 HOH HOH A . 
C 3 HOH 147 547 197 HOH HOH A . 
C 3 HOH 148 548 156 HOH HOH A . 
C 3 HOH 149 549 19  HOH HOH A . 
C 3 HOH 150 550 204 HOH HOH A . 
C 3 HOH 151 551 200 HOH HOH A . 
C 3 HOH 152 552 137 HOH HOH A . 
C 3 HOH 153 553 206 HOH HOH A . 
C 3 HOH 154 554 108 HOH HOH A . 
C 3 HOH 155 555 229 HOH HOH A . 
C 3 HOH 156 556 143 HOH HOH A . 
C 3 HOH 157 557 55  HOH HOH A . 
C 3 HOH 158 558 21  HOH HOH A . 
C 3 HOH 159 559 217 HOH HOH A . 
C 3 HOH 160 560 74  HOH HOH A . 
C 3 HOH 161 561 132 HOH HOH A . 
C 3 HOH 162 562 144 HOH HOH A . 
C 3 HOH 163 563 155 HOH HOH A . 
C 3 HOH 164 564 222 HOH HOH A . 
C 3 HOH 165 565 130 HOH HOH A . 
C 3 HOH 166 566 71  HOH HOH A . 
C 3 HOH 167 567 153 HOH HOH A . 
C 3 HOH 168 568 73  HOH HOH A . 
C 3 HOH 169 569 142 HOH HOH A . 
C 3 HOH 170 570 112 HOH HOH A . 
C 3 HOH 171 571 128 HOH HOH A . 
C 3 HOH 172 572 110 HOH HOH A . 
C 3 HOH 173 573 134 HOH HOH A . 
C 3 HOH 174 574 211 HOH HOH A . 
C 3 HOH 175 575 203 HOH HOH A . 
C 3 HOH 176 576 147 HOH HOH A . 
C 3 HOH 177 577 145 HOH HOH A . 
C 3 HOH 178 578 146 HOH HOH A . 
# 
loop_
_software.pdbx_ordinal 
_software.name 
_software.version 
_software.date 
_software.type 
_software.contact_author 
_software.contact_author_email 
_software.classification 
_software.location 
_software.language 
_software.citation_id 
1 REFMAC      5.8.0238 ?               program 'Garib N. Murshudov' garib@ysbl.york.ac.uk    refinement        
http://www.ccp4.ac.uk/dist/html/refmac5.html        Fortran_77 ? 
2 Aimless     0.7.3    15/08/18        program 'Phil Evans'         ?                        'data scaling'    
http://www.mrc-lmb.cam.ac.uk/harry/pre/aimless.html ?          ? 
3 PDB_EXTRACT 3.23     'SEP. 23, 2016' package PDB                  deposit@deposit.rcsb.org 'data extraction' 
http://sw-tools.pdb.org/apps/PDB_EXTRACT/           C++        ? 
4 XDS         .        ?               program ?                    ?                        'data reduction'  ? ?          ? 
5 REFMAC      .        ?               program ?                    ?                        phasing           ? ?          ? 
# 
_cell.entry_id           5QSB 
_cell.length_a           99.070 
_cell.length_b           99.070 
_cell.length_c           99.570 
_cell.angle_alpha        90.000 
_cell.angle_beta         90.000 
_cell.angle_gamma        120.000 
_cell.Z_PDB              18 
_cell.pdbx_unique_axis   ? 
# 
_symmetry.entry_id                         5QSB 
_symmetry.Int_Tables_number                155 
_symmetry.space_group_name_H-M             'H 3 2' 
_symmetry.pdbx_full_space_group_name_H-M   ? 
_symmetry.cell_setting                     ? 
# 
_exptl.crystals_number   1 
_exptl.entry_id          5QSB 
_exptl.method            'X-RAY DIFFRACTION' 
# 
_exptl_crystal.id                    1 
_exptl_crystal.pdbx_mosaicity        0.000 
_exptl_crystal.pdbx_mosaicity_esd    ? 
_exptl_crystal.density_Matthews      2.39 
_exptl_crystal.density_diffrn        ? 
_exptl_crystal.density_meas          ? 
_exptl_crystal.density_meas_temp     ? 
_exptl_crystal.density_percent_sol   48.58 
_exptl_crystal.size_max              ? 
_exptl_crystal.size_mid              ? 
_exptl_crystal.size_min              ? 
_exptl_crystal.size_rad              ? 
_exptl_crystal.description           ? 
# 
_exptl_crystal_grow.crystal_id      1 
_exptl_crystal_grow.method          'VAPOR DIFFUSION, SITTING DROP' 
_exptl_crystal_grow.pH              7 
_exptl_crystal_grow.temp            298 
_exptl_crystal_grow.pdbx_details    '0.1 M SPG pH 7.0, 30 % PEG 1000' 
_exptl_crystal_grow.temp_details    ? 
_exptl_crystal_grow.pdbx_pH_range   ? 
# 
_diffrn.id                               1 
_diffrn.ambient_temp                     100 
_diffrn.crystal_id                       1 
_diffrn.ambient_temp_details             ? 
_diffrn.pdbx_serial_crystal_experiment   ? 
# 
_diffrn_detector.detector               PIXEL 
_diffrn_detector.type                   'DECTRIS PILATUS 6M' 
_diffrn_detector.pdbx_collection_date   2018-12-09 
_diffrn_detector.diffrn_id              1 
_diffrn_detector.details                ? 
# 
_diffrn_radiation.diffrn_id                        1 
_diffrn_radiation.wavelength_id                    1 
_diffrn_radiation.pdbx_diffrn_protocol             'SINGLE WAVELENGTH' 
_diffrn_radiation.pdbx_monochromatic_or_laue_m_l   M 
_diffrn_radiation.monochromator                    ? 
_diffrn_radiation.pdbx_scattering_type             x-ray 
# 
_diffrn_radiation_wavelength.id           1 
_diffrn_radiation_wavelength.wavelength   0.91587 
_diffrn_radiation_wavelength.wt           1.0 
# 
_diffrn_source.diffrn_id                   1 
_diffrn_source.source                      SYNCHROTRON 
_diffrn_source.type                        'DIAMOND BEAMLINE I04-1' 
_diffrn_source.pdbx_wavelength_list        0.91587 
_diffrn_source.pdbx_synchrotron_site       Diamond 
_diffrn_source.pdbx_synchrotron_beamline   I04-1 
_diffrn_source.pdbx_wavelength             ? 
# 
_reflns.entry_id                     5QSB 
_reflns.pdbx_diffrn_id               1 
_reflns.pdbx_ordinal                 1 
_reflns.observed_criterion_sigma_I   ? 
_reflns.observed_criterion_sigma_F   ? 
_reflns.d_resolution_low             64.940 
_reflns.d_resolution_high            1.740 
_reflns.number_obs                   19395 
_reflns.number_all                   ? 
_reflns.percent_possible_obs         100.000 
_reflns.pdbx_Rmerge_I_obs            0.070 
_reflns.pdbx_Rsym_value              ? 
_reflns.pdbx_netI_over_sigmaI        14.300 
_reflns.B_iso_Wilson_estimate        ? 
_reflns.pdbx_redundancy              9.600 
_reflns.pdbx_Rrim_I_all              0.074 
_reflns.pdbx_Rpim_I_all              0.024 
_reflns.pdbx_CC_half                 0.999 
_reflns.pdbx_netI_over_av_sigmaI     ? 
_reflns.pdbx_number_measured_all     185289 
_reflns.pdbx_scaling_rejects         179 
_reflns.pdbx_chi_squared             ? 
_reflns.Rmerge_F_all                 ? 
_reflns.Rmerge_F_obs                 ? 
_reflns.observed_criterion_F_max     ? 
_reflns.observed_criterion_F_min     ? 
_reflns.observed_criterion_I_max     ? 
_reflns.observed_criterion_I_min     ? 
_reflns.pdbx_d_res_high_opt          ? 
_reflns.pdbx_d_res_low_opt           ? 
_reflns.details                      ? 
# 
loop_
_reflns_shell.pdbx_diffrn_id 
_reflns_shell.pdbx_ordinal 
_reflns_shell.d_res_high 
_reflns_shell.d_res_low 
_reflns_shell.number_measured_obs 
_reflns_shell.number_measured_all 
_reflns_shell.number_unique_obs 
_reflns_shell.pdbx_rejects 
_reflns_shell.Rmerge_I_obs 
_reflns_shell.meanI_over_sigI_obs 
_reflns_shell.pdbx_Rsym_value 
_reflns_shell.pdbx_chi_squared 
_reflns_shell.pdbx_redundancy 
_reflns_shell.percent_possible_obs 
_reflns_shell.pdbx_netI_over_sigmaI_obs 
_reflns_shell.number_possible 
_reflns_shell.number_unique_all 
_reflns_shell.Rmerge_F_all 
_reflns_shell.Rmerge_F_obs 
_reflns_shell.Rmerge_I_all 
_reflns_shell.meanI_over_sigI_all 
_reflns_shell.percent_possible_all 
_reflns_shell.pdbx_Rrim_I_all 
_reflns_shell.pdbx_Rpim_I_all 
_reflns_shell.pdbx_CC_half 
1 1 1.740 1.790  ? 12111 ? ? 2.019 ? ? ? 8.500 ? 1.200  ? 1419 ? ? ? ? 100.000 2.150 0.733 0.550 
1 2 7.780 64.940 ? 2279  ? ? 0.045 ? ? ? 9.100 ? 46.200 ? 250  ? ? ? ? 99.900  0.048 0.016 0.998 
# 
_refine.entry_id                                 5QSB 
_refine.pdbx_refine_id                           'X-RAY DIFFRACTION' 
_refine.ls_d_res_high                            1.8200 
_refine.ls_d_res_low                             49.5300 
_refine.pdbx_ls_sigma_F                          0.000 
_refine.pdbx_data_cutoff_high_absF               ? 
_refine.pdbx_data_cutoff_low_absF                ? 
_refine.ls_percent_reflns_obs                    99.8800 
_refine.ls_number_reflns_obs                     16185 
_refine.ls_number_reflns_all                     ? 
_refine.pdbx_ls_cross_valid_method               THROUGHOUT 
_refine.ls_matrix_type                           ? 
_refine.pdbx_R_Free_selection_details            RANDOM 
_refine.details                                  
'HYDROGENS HAVE BEEN ADDED IN THE RIDING POSITIONS U VALUES      : REFINED INDIVIDUALLY' 
_refine.ls_R_factor_all                          ? 
_refine.ls_R_factor_obs                          0.1808 
_refine.ls_R_factor_R_work                       0.1781 
_refine.ls_wR_factor_R_work                      ? 
_refine.ls_R_factor_R_free                       0.2293 
_refine.ls_wR_factor_R_free                      ? 
_refine.ls_percent_reflns_R_free                 4.9000 
_refine.ls_number_reflns_R_free                  828 
_refine.ls_number_reflns_R_work                  ? 
_refine.ls_R_factor_R_free_error                 ? 
_refine.B_iso_mean                               41.8200 
_refine.solvent_model_param_bsol                 ? 
_refine.solvent_model_param_ksol                 ? 
_refine.pdbx_isotropic_thermal_model             ? 
_refine.aniso_B[1][1]                            0.7600 
_refine.aniso_B[2][2]                            0.7600 
_refine.aniso_B[3][3]                            -2.4800 
_refine.aniso_B[1][2]                            0.3800 
_refine.aniso_B[1][3]                            0.0000 
_refine.aniso_B[2][3]                            0.0000 
_refine.correlation_coeff_Fo_to_Fc               0.9700 
_refine.correlation_coeff_Fo_to_Fc_free          0.9550 
_refine.overall_SU_R_Cruickshank_DPI             ? 
_refine.pdbx_overall_SU_R_free_Cruickshank_DPI   ? 
_refine.pdbx_overall_SU_R_Blow_DPI               ? 
_refine.pdbx_overall_SU_R_free_Blow_DPI          ? 
_refine.overall_SU_R_free                        ? 
_refine.pdbx_overall_ESU_R                       0.1530 
_refine.pdbx_overall_ESU_R_Free                  0.1450 
_refine.overall_SU_ML                            0.1140 
_refine.overall_SU_B                             3.8060 
_refine.solvent_model_details                    MASK 
_refine.pdbx_solvent_vdw_probe_radii             1.2000 
_refine.pdbx_solvent_ion_probe_radii             0.8000 
_refine.pdbx_solvent_shrinkage_radii             0.8000 
_refine.ls_number_parameters                     ? 
_refine.ls_number_restraints                     ? 
_refine.pdbx_starting_model                      6f58 
_refine.pdbx_method_to_determine_struct          'FOURIER SYNTHESIS' 
_refine.pdbx_stereochemistry_target_values       'MAXIMUM LIKELIHOOD' 
_refine.pdbx_stereochem_target_val_spec_case     ? 
_refine.overall_FOM_work_R_set                   ? 
_refine.B_iso_max                                112.900 
_refine.B_iso_min                                26.460 
_refine.pdbx_overall_phase_error                 ? 
_refine.occupancy_max                            ? 
_refine.occupancy_min                            ? 
_refine.pdbx_diffrn_id                           1 
_refine.pdbx_TLS_residual_ADP_flag               ? 
_refine.pdbx_ls_sigma_I                          ? 
_refine.pdbx_data_cutoff_high_rms_absF           ? 
_refine.ls_R_factor_R_free_error_details         ? 
# 
_refine_hist.cycle_id                         final 
_refine_hist.pdbx_refine_id                   'X-RAY DIFFRACTION' 
_refine_hist.d_res_high                       1.8200 
_refine_hist.d_res_low                        49.5300 
_refine_hist.pdbx_number_atoms_ligand         17 
_refine_hist.number_atoms_solvent             178 
_refine_hist.number_atoms_total               1575 
_refine_hist.pdbx_number_residues_total       171 
_refine_hist.pdbx_B_iso_mean_ligand           58.81 
_refine_hist.pdbx_B_iso_mean_solvent          56.74 
_refine_hist.pdbx_number_atoms_protein        1380 
_refine_hist.pdbx_number_atoms_nucleic_acid   0 
# 
loop_
_refine_ls_restr.pdbx_refine_id 
_refine_ls_restr.type 
_refine_ls_restr.number 
_refine_ls_restr.dev_ideal 
_refine_ls_restr.dev_ideal_target 
_refine_ls_restr.weight 
_refine_ls_restr.pdbx_restraint_function 
'X-RAY DIFFRACTION' r_bond_refined_d       1866 0.019  0.014  ? ? 
'X-RAY DIFFRACTION' r_bond_other_d         1571 0.001  0.017  ? ? 
'X-RAY DIFFRACTION' r_angle_refined_deg    2315 2.038  1.674  ? ? 
'X-RAY DIFFRACTION' r_angle_other_deg      3669 1.437  1.615  ? ? 
'X-RAY DIFFRACTION' r_dihedral_angle_1_deg 212  7.391  5.000  ? ? 
'X-RAY DIFFRACTION' r_dihedral_angle_2_deg 86   26.717 21.744 ? ? 
'X-RAY DIFFRACTION' r_dihedral_angle_3_deg 297  16.777 15.000 ? ? 
'X-RAY DIFFRACTION' r_dihedral_angle_4_deg 11   17.701 15.000 ? ? 
'X-RAY DIFFRACTION' r_chiral_restr         215  0.070  0.200  ? ? 
'X-RAY DIFFRACTION' r_gen_planes_refined   2004 0.009  0.020  ? ? 
'X-RAY DIFFRACTION' r_gen_planes_other     369  0.002  0.020  ? ? 
'X-RAY DIFFRACTION' r_mcbond_it            887  3.024  3.944  ? ? 
'X-RAY DIFFRACTION' r_mcbond_other         882  3.032  3.919  ? ? 
'X-RAY DIFFRACTION' r_mcangle_it           1032 4.267  5.904  ? ? 
# 
_refine_ls_shell.d_res_high                       1.8200 
_refine_ls_shell.d_res_low                        1.8670 
_refine_ls_shell.pdbx_total_number_of_bins_used   20 
_refine_ls_shell.percent_reflns_obs               99.9200 
_refine_ls_shell.number_reflns_R_work             1204 
_refine_ls_shell.R_factor_all                     ? 
_refine_ls_shell.R_factor_R_work                  0.3040 
_refine_ls_shell.R_factor_R_free                  0.2950 
_refine_ls_shell.percent_reflns_R_free            ? 
_refine_ls_shell.number_reflns_R_free             48 
_refine_ls_shell.R_factor_R_free_error            ? 
_refine_ls_shell.number_reflns_all                1252 
_refine_ls_shell.number_reflns_obs                ? 
_refine_ls_shell.pdbx_refine_id                   'X-RAY DIFFRACTION' 
# 
_struct.entry_id                  5QSB 
_struct.title                     
'PanDDA analysis group deposition -- Crystal Structure of human Brachyury G177D variant in complex with Z2856434874' 
_struct.pdbx_model_details        ? 
_struct.pdbx_CASP_flag            ? 
_struct.pdbx_model_type_details   ? 
# 
_struct_keywords.entry_id        5QSB 
_struct_keywords.text            'SGC - Diamond I04-1 fragment screening, PanDDA, XChemExplorer, TRANSCRIPTION' 
_struct_keywords.pdbx_keywords   TRANSCRIPTION 
# 
loop_
_struct_asym.id 
_struct_asym.pdbx_blank_PDB_chainid_flag 
_struct_asym.pdbx_modified 
_struct_asym.entity_id 
_struct_asym.details 
A N N 1 ? 
B N N 2 ? 
C N N 3 ? 
# 
_struct_ref.id                         1 
_struct_ref.db_name                    UNP 
_struct_ref.db_code                    TBXT_HUMAN 
_struct_ref.pdbx_db_accession          O15178 
_struct_ref.pdbx_db_isoform            ? 
_struct_ref.entity_id                  1 
_struct_ref.pdbx_seq_one_letter_code   
;ELRVGLEESELWLRFKELTNEMIVTKNGRRMFPVLKVNVSGLDPNAMYSFLLDFVAADNHRWKYVNGEWVPGGKPEPQAP
SCVYIHPDSPNFGAHWMKAPVSFSKVKLTNKLNGGGQIMLNSLHKYEPRIHIVRVGGPQRMITSHCFPETQFIAVTAYQN
EEITALKIKYN
;
_struct_ref.pdbx_align_begin           41 
# 
_struct_ref_seq.align_id                      1 
_struct_ref_seq.ref_id                        1 
_struct_ref_seq.pdbx_PDB_id_code              5QSB 
_struct_ref_seq.pdbx_strand_id                A 
_struct_ref_seq.seq_align_beg                 2 
_struct_ref_seq.pdbx_seq_align_beg_ins_code   ? 
_struct_ref_seq.seq_align_end                 172 
_struct_ref_seq.pdbx_seq_align_end_ins_code   ? 
_struct_ref_seq.pdbx_db_accession             O15178 
_struct_ref_seq.db_align_beg                  41 
_struct_ref_seq.pdbx_db_align_beg_ins_code    ? 
_struct_ref_seq.db_align_end                  211 
_struct_ref_seq.pdbx_db_align_end_ins_code    ? 
_struct_ref_seq.pdbx_auth_seq_align_beg       41 
_struct_ref_seq.pdbx_auth_seq_align_end       211 
# 
loop_
_struct_ref_seq_dif.align_id 
_struct_ref_seq_dif.pdbx_pdb_id_code 
_struct_ref_seq_dif.mon_id 
_struct_ref_seq_dif.pdbx_pdb_strand_id 
_struct_ref_seq_dif.seq_num 
_struct_ref_seq_dif.pdbx_pdb_ins_code 
_struct_ref_seq_dif.pdbx_seq_db_name 
_struct_ref_seq_dif.pdbx_seq_db_accession_code 
_struct_ref_seq_dif.db_mon_id 
_struct_ref_seq_dif.pdbx_seq_db_seq_num 
_struct_ref_seq_dif.details 
_struct_ref_seq_dif.pdbx_auth_seq_num 
_struct_ref_seq_dif.pdbx_ordinal 
1 5QSB GLY A 1   ? UNP O15178 ?   ?   'expression tag'      40  1 
1 5QSB ASP A 138 ? UNP O15178 GLY 177 'engineered mutation' 177 2 
# 
_pdbx_struct_assembly.id                   1 
_pdbx_struct_assembly.details              author_and_software_defined_assembly 
_pdbx_struct_assembly.method_details       PISA 
_pdbx_struct_assembly.oligomeric_details   monomeric 
_pdbx_struct_assembly.oligomeric_count     1 
# 
_pdbx_struct_assembly_gen.assembly_id       1 
_pdbx_struct_assembly_gen.oper_expression   1 
_pdbx_struct_assembly_gen.asym_id_list      A,B,C 
# 
_pdbx_struct_oper_list.id                   1 
_pdbx_struct_oper_list.type                 'identity operation' 
_pdbx_struct_oper_list.name                 1_555 
_pdbx_struct_oper_list.symmetry_operation   x,y,z 
_pdbx_struct_oper_list.matrix[1][1]         1.0000000000 
_pdbx_struct_oper_list.matrix[1][2]         0.0000000000 
_pdbx_struct_oper_list.matrix[1][3]         0.0000000000 
_pdbx_struct_oper_list.vector[1]            0.0000000000 
_pdbx_struct_oper_list.matrix[2][1]         0.0000000000 
_pdbx_struct_oper_list.matrix[2][2]         1.0000000000 
_pdbx_struct_oper_list.matrix[2][3]         0.0000000000 
_pdbx_struct_oper_list.vector[2]            0.0000000000 
_pdbx_struct_oper_list.matrix[3][1]         0.0000000000 
_pdbx_struct_oper_list.matrix[3][2]         0.0000000000 
_pdbx_struct_oper_list.matrix[3][3]         1.0000000000 
_pdbx_struct_oper_list.vector[3]            0.0000000000 
# 
loop_
_struct_conf.conf_type_id 
_struct_conf.id 
_struct_conf.pdbx_PDB_helix_id 
_struct_conf.beg_label_comp_id 
_struct_conf.beg_label_asym_id 
_struct_conf.beg_label_seq_id 
_struct_conf.pdbx_beg_PDB_ins_code 
_struct_conf.end_label_comp_id 
_struct_conf.end_label_asym_id 
_struct_conf.end_label_seq_id 
_struct_conf.pdbx_end_PDB_ins_code 
_struct_conf.beg_auth_comp_id 
_struct_conf.beg_auth_asym_id 
_struct_conf.beg_auth_seq_id 
_struct_conf.end_auth_comp_id 
_struct_conf.end_auth_asym_id 
_struct_conf.end_auth_seq_id 
_struct_conf.pdbx_PDB_helix_class 
_struct_conf.details 
_struct_conf.pdbx_PDB_helix_length 
HELX_P HELX_P1 AA1 GLU A 9   ? GLU A 18  ? GLU A 48  GLU A 57  1 ? 10 
HELX_P HELX_P2 AA2 GLY A 94  ? ALA A 100 ? GLY A 133 ALA A 139 1 ? 7  
HELX_P HELX_P3 AA3 PRO A 149 ? GLN A 152 ? PRO A 188 GLN A 191 5 ? 4  
HELX_P HELX_P4 AA4 ASN A 161 ? ASN A 172 ? ASN A 200 ASN A 211 1 ? 12 
# 
_struct_conf_type.id          HELX_P 
_struct_conf_type.criteria    ? 
_struct_conf_type.reference   ? 
# 
loop_
_struct_mon_prot_cis.pdbx_id 
_struct_mon_prot_cis.label_comp_id 
_struct_mon_prot_cis.label_seq_id 
_struct_mon_prot_cis.label_asym_id 
_struct_mon_prot_cis.label_alt_id 
_struct_mon_prot_cis.pdbx_PDB_ins_code 
_struct_mon_prot_cis.auth_comp_id 
_struct_mon_prot_cis.auth_seq_id 
_struct_mon_prot_cis.auth_asym_id 
_struct_mon_prot_cis.pdbx_label_comp_id_2 
_struct_mon_prot_cis.pdbx_label_seq_id_2 
_struct_mon_prot_cis.pdbx_label_asym_id_2 
_struct_mon_prot_cis.pdbx_PDB_ins_code_2 
_struct_mon_prot_cis.pdbx_auth_comp_id_2 
_struct_mon_prot_cis.pdbx_auth_seq_id_2 
_struct_mon_prot_cis.pdbx_auth_asym_id_2 
_struct_mon_prot_cis.pdbx_PDB_model_num 
_struct_mon_prot_cis.pdbx_omega_angle 
1 PHE 33 A . ? PHE 72  A PRO 34 A ? PRO 73  A 1 -8.25  
2 SER 90 A . ? SER 129 A PRO 91 A ? PRO 130 A 1 -14.88 
# 
loop_
_struct_sheet.id 
_struct_sheet.type 
_struct_sheet.number_strands 
_struct_sheet.details 
AA1 ? 3 ? 
AA2 ? 5 ? 
AA3 ? 4 ? 
AA4 ? 3 ? 
AA5 ? 2 ? 
# 
loop_
_struct_sheet_order.sheet_id 
_struct_sheet_order.range_id_1 
_struct_sheet_order.range_id_2 
_struct_sheet_order.offset 
_struct_sheet_order.sense 
AA1 1 2 ? anti-parallel 
AA1 2 3 ? anti-parallel 
AA2 1 2 ? parallel      
AA2 2 3 ? anti-parallel 
AA2 3 4 ? anti-parallel 
AA2 4 5 ? anti-parallel 
AA3 1 2 ? anti-parallel 
AA3 2 3 ? anti-parallel 
AA3 3 4 ? anti-parallel 
AA4 1 2 ? anti-parallel 
AA4 2 3 ? parallel      
AA5 1 2 ? anti-parallel 
# 
loop_
_struct_sheet_range.sheet_id 
_struct_sheet_range.id 
_struct_sheet_range.beg_label_comp_id 
_struct_sheet_range.beg_label_asym_id 
_struct_sheet_range.beg_label_seq_id 
_struct_sheet_range.pdbx_beg_PDB_ins_code 
_struct_sheet_range.end_label_comp_id 
_struct_sheet_range.end_label_asym_id 
_struct_sheet_range.end_label_seq_id 
_struct_sheet_range.pdbx_end_PDB_ins_code 
_struct_sheet_range.beg_auth_comp_id 
_struct_sheet_range.beg_auth_asym_id 
_struct_sheet_range.beg_auth_seq_id 
_struct_sheet_range.end_auth_comp_id 
_struct_sheet_range.end_auth_asym_id 
_struct_sheet_range.end_auth_seq_id 
AA1 1 ARG A 4   ? LEU A 7   ? ARG A 43  LEU A 46  
AA1 2 LYS A 37  ? SER A 41  ? LYS A 76  SER A 80  
AA1 3 VAL A 102 ? SER A 103 ? VAL A 141 SER A 142 
AA2 1 GLU A 22  ? ILE A 24  ? GLU A 61  ILE A 63  
AA2 2 PHE A 153 ? VAL A 156 ? PHE A 192 VAL A 195 
AA2 3 LYS A 126 ? ARG A 135 ? LYS A 165 ARG A 174 
AA2 4 MET A 48  ? ALA A 57  ? MET A 87  ALA A 96  
AA2 5 ASN A 92  ? PHE A 93  ? ASN A 131 PHE A 132 
AA3 1 TYR A 85  ? ILE A 86  ? TYR A 124 ILE A 125 
AA3 2 MET A 48  ? ALA A 57  ? MET A 87  ALA A 96  
AA3 3 LYS A 126 ? ARG A 135 ? LYS A 165 ARG A 174 
AA3 4 ILE A 143 ? CYS A 147 ? ILE A 182 CYS A 186 
AA4 1 ARG A 30  ? ARG A 31  ? ARG A 69  ARG A 70  
AA4 2 LYS A 108 ? THR A 110 ? LYS A 147 THR A 149 
AA4 3 ILE A 119 ? MET A 120 ? ILE A 158 MET A 159 
AA5 1 ARG A 62  ? VAL A 66  ? ARG A 101 VAL A 105 
AA5 2 GLU A 69  ? GLY A 74  ? GLU A 108 GLY A 113 
# 
loop_
_pdbx_struct_sheet_hbond.sheet_id 
_pdbx_struct_sheet_hbond.range_id_1 
_pdbx_struct_sheet_hbond.range_id_2 
_pdbx_struct_sheet_hbond.range_1_label_atom_id 
_pdbx_struct_sheet_hbond.range_1_label_comp_id 
_pdbx_struct_sheet_hbond.range_1_label_asym_id 
_pdbx_struct_sheet_hbond.range_1_label_seq_id 
_pdbx_struct_sheet_hbond.range_1_PDB_ins_code 
_pdbx_struct_sheet_hbond.range_1_auth_atom_id 
_pdbx_struct_sheet_hbond.range_1_auth_comp_id 
_pdbx_struct_sheet_hbond.range_1_auth_asym_id 
_pdbx_struct_sheet_hbond.range_1_auth_seq_id 
_pdbx_struct_sheet_hbond.range_2_label_atom_id 
_pdbx_struct_sheet_hbond.range_2_label_comp_id 
_pdbx_struct_sheet_hbond.range_2_label_asym_id 
_pdbx_struct_sheet_hbond.range_2_label_seq_id 
_pdbx_struct_sheet_hbond.range_2_PDB_ins_code 
_pdbx_struct_sheet_hbond.range_2_auth_atom_id 
_pdbx_struct_sheet_hbond.range_2_auth_comp_id 
_pdbx_struct_sheet_hbond.range_2_auth_asym_id 
_pdbx_struct_sheet_hbond.range_2_auth_seq_id 
AA1 1 2 N GLY A 6   ? N GLY A 45  O ASN A 39  ? O ASN A 78  
AA1 2 3 N VAL A 38  ? N VAL A 77  O VAL A 102 ? O VAL A 141 
AA2 1 2 N MET A 23  ? N MET A 62  O VAL A 156 ? O VAL A 195 
AA2 2 3 O PHE A 153 ? O PHE A 192 N TYR A 127 ? N TYR A 166 
AA2 3 4 O VAL A 134 ? O VAL A 173 N SER A 50  ? N SER A 89  
AA2 4 5 N TYR A 49  ? N TYR A 88  O ASN A 92  ? O ASN A 131 
AA3 1 2 O TYR A 85  ? O TYR A 124 N LEU A 53  ? N LEU A 92  
AA3 2 3 N SER A 50  ? N SER A 89  O VAL A 134 ? O VAL A 173 
AA3 3 4 N ILE A 131 ? N ILE A 170 O HIS A 146 ? O HIS A 185 
AA4 1 2 N ARG A 30  ? N ARG A 69  O LEU A 109 ? O LEU A 148 
AA4 2 3 N THR A 110 ? N THR A 149 O ILE A 119 ? O ILE A 158 
AA5 1 2 N LYS A 64  ? N LYS A 103 O VAL A 71  ? O VAL A 110 
# 
_struct_site.id                   AC1 
_struct_site.pdbx_evidence_code   Software 
_struct_site.pdbx_auth_asym_id    A 
_struct_site.pdbx_auth_comp_id    O0M 
_struct_site.pdbx_auth_seq_id     301 
_struct_site.pdbx_auth_ins_code   ? 
_struct_site.pdbx_num_residues    7 
_struct_site.details              'binding site for residue O0M A 301' 
# 
loop_
_struct_site_gen.id 
_struct_site_gen.site_id 
_struct_site_gen.pdbx_num_res 
_struct_site_gen.label_comp_id 
_struct_site_gen.label_asym_id 
_struct_site_gen.label_seq_id 
_struct_site_gen.pdbx_auth_ins_code 
_struct_site_gen.auth_comp_id 
_struct_site_gen.auth_asym_id 
_struct_site_gen.auth_seq_id 
_struct_site_gen.label_atom_id 
_struct_site_gen.label_alt_id 
_struct_site_gen.symmetry 
_struct_site_gen.details 
1 AC1 7 GLU A 9   ? GLU A 48  . ? 1_555 ? 
2 AC1 7 GLU A 11  ? GLU A 50  . ? 4_555 ? 
3 AC1 7 PHE A 33  ? PHE A 72  . ? 1_555 ? 
4 AC1 7 VAL A 35  ? VAL A 74  . ? 1_555 ? 
5 AC1 7 LYS A 37  ? LYS A 76  . ? 1_555 ? 
6 AC1 7 TYR A 171 ? TYR A 210 . ? 1_555 ? 
7 AC1 7 TYR A 171 ? TYR A 210 . ? 4_555 ? 
# 
loop_
_pdbx_validate_torsion.id 
_pdbx_validate_torsion.PDB_model_num 
_pdbx_validate_torsion.auth_comp_id 
_pdbx_validate_torsion.auth_asym_id 
_pdbx_validate_torsion.auth_seq_id 
_pdbx_validate_torsion.PDB_ins_code 
_pdbx_validate_torsion.label_alt_id 
_pdbx_validate_torsion.phi 
_pdbx_validate_torsion.psi 
1 1 THR A 59  ? ? 75.83  111.09 
2 1 SER A 121 ? ? -45.54 101.56 
3 1 PHE A 143 ? ? -97.27 39.60  
4 1 PHE A 143 ? ? -97.21 39.60  
5 1 LEU A 152 ? ? -54.16 74.99  
# 
_pdbx_struct_special_symmetry.id              1 
_pdbx_struct_special_symmetry.PDB_model_num   1 
_pdbx_struct_special_symmetry.auth_asym_id    A 
_pdbx_struct_special_symmetry.auth_comp_id    HOH 
_pdbx_struct_special_symmetry.auth_seq_id     467 
_pdbx_struct_special_symmetry.PDB_ins_code    ? 
_pdbx_struct_special_symmetry.label_asym_id   C 
_pdbx_struct_special_symmetry.label_comp_id   HOH 
_pdbx_struct_special_symmetry.label_seq_id    . 
# 
_phasing.method   MR 
# 
_pdbx_entry_details.entry_id                 5QSB 
_pdbx_entry_details.has_ligand_of_interest   Y 
_pdbx_entry_details.compound_details         ? 
_pdbx_entry_details.source_details           ? 
_pdbx_entry_details.nonpolymer_details       ? 
_pdbx_entry_details.sequence_details         ? 
# 
loop_
_pdbx_distant_solvent_atoms.id 
_pdbx_distant_solvent_atoms.PDB_model_num 
_pdbx_distant_solvent_atoms.auth_atom_id 
_pdbx_distant_solvent_atoms.label_alt_id 
_pdbx_distant_solvent_atoms.auth_asym_id 
_pdbx_distant_solvent_atoms.auth_comp_id 
_pdbx_distant_solvent_atoms.auth_seq_id 
_pdbx_distant_solvent_atoms.PDB_ins_code 
_pdbx_distant_solvent_atoms.neighbor_macromolecule_distance 
_pdbx_distant_solvent_atoms.neighbor_ligand_distance 
1 1 O ? A HOH 575 ? 5.81 . 
2 1 O ? A HOH 576 ? 5.92 . 
3 1 O ? A HOH 577 ? 6.60 . 
4 1 O ? A HOH 578 ? 7.41 . 
# 
_pdbx_unobs_or_zero_occ_residues.id               1 
_pdbx_unobs_or_zero_occ_residues.PDB_model_num    1 
_pdbx_unobs_or_zero_occ_residues.polymer_flag     Y 
_pdbx_unobs_or_zero_occ_residues.occupancy_flag   1 
_pdbx_unobs_or_zero_occ_residues.auth_asym_id     A 
_pdbx_unobs_or_zero_occ_residues.auth_comp_id     GLY 
_pdbx_unobs_or_zero_occ_residues.auth_seq_id      40 
_pdbx_unobs_or_zero_occ_residues.PDB_ins_code     ? 
_pdbx_unobs_or_zero_occ_residues.label_asym_id    A 
_pdbx_unobs_or_zero_occ_residues.label_comp_id    GLY 
_pdbx_unobs_or_zero_occ_residues.label_seq_id     1 
# 
loop_
_chem_comp_atom.comp_id 
_chem_comp_atom.atom_id 
_chem_comp_atom.type_symbol 
_chem_comp_atom.pdbx_aromatic_flag 
_chem_comp_atom.pdbx_stereo_config 
_chem_comp_atom.pdbx_ordinal 
ALA N    N N N 1   
ALA CA   C N S 2   
ALA C    C N N 3   
ALA O    O N N 4   
ALA CB   C N N 5   
ALA OXT  O N N 6   
ALA H    H N N 7   
ALA H2   H N N 8   
ALA HA   H N N 9   
ALA HB1  H N N 10  
ALA HB2  H N N 11  
ALA HB3  H N N 12  
ALA HXT  H N N 13  
ARG N    N N N 14  
ARG CA   C N S 15  
ARG C    C N N 16  
ARG O    O N N 17  
ARG CB   C N N 18  
ARG CG   C N N 19  
ARG CD   C N N 20  
ARG NE   N N N 21  
ARG CZ   C N N 22  
ARG NH1  N N N 23  
ARG NH2  N N N 24  
ARG OXT  O N N 25  
ARG H    H N N 26  
ARG H2   H N N 27  
ARG HA   H N N 28  
ARG HB2  H N N 29  
ARG HB3  H N N 30  
ARG HG2  H N N 31  
ARG HG3  H N N 32  
ARG HD2  H N N 33  
ARG HD3  H N N 34  
ARG HE   H N N 35  
ARG HH11 H N N 36  
ARG HH12 H N N 37  
ARG HH21 H N N 38  
ARG HH22 H N N 39  
ARG HXT  H N N 40  
ASN N    N N N 41  
ASN CA   C N S 42  
ASN C    C N N 43  
ASN O    O N N 44  
ASN CB   C N N 45  
ASN CG   C N N 46  
ASN OD1  O N N 47  
ASN ND2  N N N 48  
ASN OXT  O N N 49  
ASN H    H N N 50  
ASN H2   H N N 51  
ASN HA   H N N 52  
ASN HB2  H N N 53  
ASN HB3  H N N 54  
ASN HD21 H N N 55  
ASN HD22 H N N 56  
ASN HXT  H N N 57  
ASP N    N N N 58  
ASP CA   C N S 59  
ASP C    C N N 60  
ASP O    O N N 61  
ASP CB   C N N 62  
ASP CG   C N N 63  
ASP OD1  O N N 64  
ASP OD2  O N N 65  
ASP OXT  O N N 66  
ASP H    H N N 67  
ASP H2   H N N 68  
ASP HA   H N N 69  
ASP HB2  H N N 70  
ASP HB3  H N N 71  
ASP HD2  H N N 72  
ASP HXT  H N N 73  
CYS N    N N N 74  
CYS CA   C N R 75  
CYS C    C N N 76  
CYS O    O N N 77  
CYS CB   C N N 78  
CYS SG   S N N 79  
CYS OXT  O N N 80  
CYS H    H N N 81  
CYS H2   H N N 82  
CYS HA   H N N 83  
CYS HB2  H N N 84  
CYS HB3  H N N 85  
CYS HG   H N N 86  
CYS HXT  H N N 87  
GLN N    N N N 88  
GLN CA   C N S 89  
GLN C    C N N 90  
GLN O    O N N 91  
GLN CB   C N N 92  
GLN CG   C N N 93  
GLN CD   C N N 94  
GLN OE1  O N N 95  
GLN NE2  N N N 96  
GLN OXT  O N N 97  
GLN H    H N N 98  
GLN H2   H N N 99  
GLN HA   H N N 100 
GLN HB2  H N N 101 
GLN HB3  H N N 102 
GLN HG2  H N N 103 
GLN HG3  H N N 104 
GLN HE21 H N N 105 
GLN HE22 H N N 106 
GLN HXT  H N N 107 
GLU N    N N N 108 
GLU CA   C N S 109 
GLU C    C N N 110 
GLU O    O N N 111 
GLU CB   C N N 112 
GLU CG   C N N 113 
GLU CD   C N N 114 
GLU OE1  O N N 115 
GLU OE2  O N N 116 
GLU OXT  O N N 117 
GLU H    H N N 118 
GLU H2   H N N 119 
GLU HA   H N N 120 
GLU HB2  H N N 121 
GLU HB3  H N N 122 
GLU HG2  H N N 123 
GLU HG3  H N N 124 
GLU HE2  H N N 125 
GLU HXT  H N N 126 
GLY N    N N N 127 
GLY CA   C N N 128 
GLY C    C N N 129 
GLY O    O N N 130 
GLY OXT  O N N 131 
GLY H    H N N 132 
GLY H2   H N N 133 
GLY HA2  H N N 134 
GLY HA3  H N N 135 
GLY HXT  H N N 136 
HIS N    N N N 137 
HIS CA   C N S 138 
HIS C    C N N 139 
HIS O    O N N 140 
HIS CB   C N N 141 
HIS CG   C Y N 142 
HIS ND1  N Y N 143 
HIS CD2  C Y N 144 
HIS CE1  C Y N 145 
HIS NE2  N Y N 146 
HIS OXT  O N N 147 
HIS H    H N N 148 
HIS H2   H N N 149 
HIS HA   H N N 150 
HIS HB2  H N N 151 
HIS HB3  H N N 152 
HIS HD1  H N N 153 
HIS HD2  H N N 154 
HIS HE1  H N N 155 
HIS HE2  H N N 156 
HIS HXT  H N N 157 
HOH O    O N N 158 
HOH H1   H N N 159 
HOH H2   H N N 160 
ILE N    N N N 161 
ILE CA   C N S 162 
ILE C    C N N 163 
ILE O    O N N 164 
ILE CB   C N S 165 
ILE CG1  C N N 166 
ILE CG2  C N N 167 
ILE CD1  C N N 168 
ILE OXT  O N N 169 
ILE H    H N N 170 
ILE H2   H N N 171 
ILE HA   H N N 172 
ILE HB   H N N 173 
ILE HG12 H N N 174 
ILE HG13 H N N 175 
ILE HG21 H N N 176 
ILE HG22 H N N 177 
ILE HG23 H N N 178 
ILE HD11 H N N 179 
ILE HD12 H N N 180 
ILE HD13 H N N 181 
ILE HXT  H N N 182 
LEU N    N N N 183 
LEU CA   C N S 184 
LEU C    C N N 185 
LEU O    O N N 186 
LEU CB   C N N 187 
LEU CG   C N N 188 
LEU CD1  C N N 189 
LEU CD2  C N N 190 
LEU OXT  O N N 191 
LEU H    H N N 192 
LEU H2   H N N 193 
LEU HA   H N N 194 
LEU HB2  H N N 195 
LEU HB3  H N N 196 
LEU HG   H N N 197 
LEU HD11 H N N 198 
LEU HD12 H N N 199 
LEU HD13 H N N 200 
LEU HD21 H N N 201 
LEU HD22 H N N 202 
LEU HD23 H N N 203 
LEU HXT  H N N 204 
LYS N    N N N 205 
LYS CA   C N S 206 
LYS C    C N N 207 
LYS O    O N N 208 
LYS CB   C N N 209 
LYS CG   C N N 210 
LYS CD   C N N 211 
LYS CE   C N N 212 
LYS NZ   N N N 213 
LYS OXT  O N N 214 
LYS H    H N N 215 
LYS H2   H N N 216 
LYS HA   H N N 217 
LYS HB2  H N N 218 
LYS HB3  H N N 219 
LYS HG2  H N N 220 
LYS HG3  H N N 221 
LYS HD2  H N N 222 
LYS HD3  H N N 223 
LYS HE2  H N N 224 
LYS HE3  H N N 225 
LYS HZ1  H N N 226 
LYS HZ2  H N N 227 
LYS HZ3  H N N 228 
LYS HXT  H N N 229 
MET N    N N N 230 
MET CA   C N S 231 
MET C    C N N 232 
MET O    O N N 233 
MET CB   C N N 234 
MET CG   C N N 235 
MET SD   S N N 236 
MET CE   C N N 237 
MET OXT  O N N 238 
MET H    H N N 239 
MET H2   H N N 240 
MET HA   H N N 241 
MET HB2  H N N 242 
MET HB3  H N N 243 
MET HG2  H N N 244 
MET HG3  H N N 245 
MET HE1  H N N 246 
MET HE2  H N N 247 
MET HE3  H N N 248 
MET HXT  H N N 249 
O0M C4   C Y N 250 
O0M C5   C Y N 251 
O0M C6   C Y N 252 
O0M C7   C N N 253 
O0M C8   C N N 254 
O0M C10  C N N 255 
O0M C13  C Y N 256 
O0M N    N N N 257 
O0M C    C N N 258 
O0M O    O N N 259 
O0M C1   C N N 260 
O0M C11  C N N 261 
O0M C12  C N N 262 
O0M C14  C Y N 263 
O0M C2   C N N 264 
O0M C3   C Y N 265 
O0M C9   C N N 266 
O0M H1   H N N 267 
O0M H2   H N N 268 
O0M H3   H N N 269 
O0M H4   H N N 270 
O0M H5   H N N 271 
O0M H6   H N N 272 
O0M H7   H N N 273 
O0M H8   H N N 274 
O0M H10  H N N 275 
O0M H11  H N N 276 
O0M H12  H N N 277 
O0M H13  H N N 278 
O0M H14  H N N 279 
O0M H15  H N N 280 
O0M H16  H N N 281 
O0M H17  H N N 282 
O0M H18  H N N 283 
O0M H19  H N N 284 
O0M H20  H N N 285 
O0M H21  H N N 286 
O0M H22  H N N 287 
O0M H23  H N N 288 
O0M H24  H N N 289 
PHE N    N N N 290 
PHE CA   C N S 291 
PHE C    C N N 292 
PHE O    O N N 293 
PHE CB   C N N 294 
PHE CG   C Y N 295 
PHE CD1  C Y N 296 
PHE CD2  C Y N 297 
PHE CE1  C Y N 298 
PHE CE2  C Y N 299 
PHE CZ   C Y N 300 
PHE OXT  O N N 301 
PHE H    H N N 302 
PHE H2   H N N 303 
PHE HA   H N N 304 
PHE HB2  H N N 305 
PHE HB3  H N N 306 
PHE HD1  H N N 307 
PHE HD2  H N N 308 
PHE HE1  H N N 309 
PHE HE2  H N N 310 
PHE HZ   H N N 311 
PHE HXT  H N N 312 
PRO N    N N N 313 
PRO CA   C N S 314 
PRO C    C N N 315 
PRO O    O N N 316 
PRO CB   C N N 317 
PRO CG   C N N 318 
PRO CD   C N N 319 
PRO OXT  O N N 320 
PRO H    H N N 321 
PRO HA   H N N 322 
PRO HB2  H N N 323 
PRO HB3  H N N 324 
PRO HG2  H N N 325 
PRO HG3  H N N 326 
PRO HD2  H N N 327 
PRO HD3  H N N 328 
PRO HXT  H N N 329 
SER N    N N N 330 
SER CA   C N S 331 
SER C    C N N 332 
SER O    O N N 333 
SER CB   C N N 334 
SER OG   O N N 335 
SER OXT  O N N 336 
SER H    H N N 337 
SER H2   H N N 338 
SER HA   H N N 339 
SER HB2  H N N 340 
SER HB3  H N N 341 
SER HG   H N N 342 
SER HXT  H N N 343 
THR N    N N N 344 
THR CA   C N S 345 
THR C    C N N 346 
THR O    O N N 347 
THR CB   C N R 348 
THR OG1  O N N 349 
THR CG2  C N N 350 
THR OXT  O N N 351 
THR H    H N N 352 
THR H2   H N N 353 
THR HA   H N N 354 
THR HB   H N N 355 
THR HG1  H N N 356 
THR HG21 H N N 357 
THR HG22 H N N 358 
THR HG23 H N N 359 
THR HXT  H N N 360 
TRP N    N N N 361 
TRP CA   C N S 362 
TRP C    C N N 363 
TRP O    O N N 364 
TRP CB   C N N 365 
TRP CG   C Y N 366 
TRP CD1  C Y N 367 
TRP CD2  C Y N 368 
TRP NE1  N Y N 369 
TRP CE2  C Y N 370 
TRP CE3  C Y N 371 
TRP CZ2  C Y N 372 
TRP CZ3  C Y N 373 
TRP CH2  C Y N 374 
TRP OXT  O N N 375 
TRP H    H N N 376 
TRP H2   H N N 377 
TRP HA   H N N 378 
TRP HB2  H N N 379 
TRP HB3  H N N 380 
TRP HD1  H N N 381 
TRP HE1  H N N 382 
TRP HE3  H N N 383 
TRP HZ2  H N N 384 
TRP HZ3  H N N 385 
TRP HH2  H N N 386 
TRP HXT  H N N 387 
TYR N    N N N 388 
TYR CA   C N S 389 
TYR C    C N N 390 
TYR O    O N N 391 
TYR CB   C N N 392 
TYR CG   C Y N 393 
TYR CD1  C Y N 394 
TYR CD2  C Y N 395 
TYR CE1  C Y N 396 
TYR CE2  C Y N 397 
TYR CZ   C Y N 398 
TYR OH   O N N 399 
TYR OXT  O N N 400 
TYR H    H N N 401 
TYR H2   H N N 402 
TYR HA   H N N 403 
TYR HB2  H N N 404 
TYR HB3  H N N 405 
TYR HD1  H N N 406 
TYR HD2  H N N 407 
TYR HE1  H N N 408 
TYR HE2  H N N 409 
TYR HH   H N N 410 
TYR HXT  H N N 411 
VAL N    N N N 412 
VAL CA   C N S 413 
VAL C    C N N 414 
VAL O    O N N 415 
VAL CB   C N N 416 
VAL CG1  C N N 417 
VAL CG2  C N N 418 
VAL OXT  O N N 419 
VAL H    H N N 420 
VAL H2   H N N 421 
VAL HA   H N N 422 
VAL HB   H N N 423 
VAL HG11 H N N 424 
VAL HG12 H N N 425 
VAL HG13 H N N 426 
VAL HG21 H N N 427 
VAL HG22 H N N 428 
VAL HG23 H N N 429 
VAL HXT  H N N 430 
# 
loop_
_chem_comp_bond.comp_id 
_chem_comp_bond.atom_id_1 
_chem_comp_bond.atom_id_2 
_chem_comp_bond.value_order 
_chem_comp_bond.pdbx_aromatic_flag 
_chem_comp_bond.pdbx_stereo_config 
_chem_comp_bond.pdbx_ordinal 
ALA N   CA   sing N N 1   
ALA N   H    sing N N 2   
ALA N   H2   sing N N 3   
ALA CA  C    sing N N 4   
ALA CA  CB   sing N N 5   
ALA CA  HA   sing N N 6   
ALA C   O    doub N N 7   
ALA C   OXT  sing N N 8   
ALA CB  HB1  sing N N 9   
ALA CB  HB2  sing N N 10  
ALA CB  HB3  sing N N 11  
ALA OXT HXT  sing N N 12  
ARG N   CA   sing N N 13  
ARG N   H    sing N N 14  
ARG N   H2   sing N N 15  
ARG CA  C    sing N N 16  
ARG CA  CB   sing N N 17  
ARG CA  HA   sing N N 18  
ARG C   O    doub N N 19  
ARG C   OXT  sing N N 20  
ARG CB  CG   sing N N 21  
ARG CB  HB2  sing N N 22  
ARG CB  HB3  sing N N 23  
ARG CG  CD   sing N N 24  
ARG CG  HG2  sing N N 25  
ARG CG  HG3  sing N N 26  
ARG CD  NE   sing N N 27  
ARG CD  HD2  sing N N 28  
ARG CD  HD3  sing N N 29  
ARG NE  CZ   sing N N 30  
ARG NE  HE   sing N N 31  
ARG CZ  NH1  sing N N 32  
ARG CZ  NH2  doub N N 33  
ARG NH1 HH11 sing N N 34  
ARG NH1 HH12 sing N N 35  
ARG NH2 HH21 sing N N 36  
ARG NH2 HH22 sing N N 37  
ARG OXT HXT  sing N N 38  
ASN N   CA   sing N N 39  
ASN N   H    sing N N 40  
ASN N   H2   sing N N 41  
ASN CA  C    sing N N 42  
ASN CA  CB   sing N N 43  
ASN CA  HA   sing N N 44  
ASN C   O    doub N N 45  
ASN C   OXT  sing N N 46  
ASN CB  CG   sing N N 47  
ASN CB  HB2  sing N N 48  
ASN CB  HB3  sing N N 49  
ASN CG  OD1  doub N N 50  
ASN CG  ND2  sing N N 51  
ASN ND2 HD21 sing N N 52  
ASN ND2 HD22 sing N N 53  
ASN OXT HXT  sing N N 54  
ASP N   CA   sing N N 55  
ASP N   H    sing N N 56  
ASP N   H2   sing N N 57  
ASP CA  C    sing N N 58  
ASP CA  CB   sing N N 59  
ASP CA  HA   sing N N 60  
ASP C   O    doub N N 61  
ASP C   OXT  sing N N 62  
ASP CB  CG   sing N N 63  
ASP CB  HB2  sing N N 64  
ASP CB  HB3  sing N N 65  
ASP CG  OD1  doub N N 66  
ASP CG  OD2  sing N N 67  
ASP OD2 HD2  sing N N 68  
ASP OXT HXT  sing N N 69  
CYS N   CA   sing N N 70  
CYS N   H    sing N N 71  
CYS N   H2   sing N N 72  
CYS CA  C    sing N N 73  
CYS CA  CB   sing N N 74  
CYS CA  HA   sing N N 75  
CYS C   O    doub N N 76  
CYS C   OXT  sing N N 77  
CYS CB  SG   sing N N 78  
CYS CB  HB2  sing N N 79  
CYS CB  HB3  sing N N 80  
CYS SG  HG   sing N N 81  
CYS OXT HXT  sing N N 82  
GLN N   CA   sing N N 83  
GLN N   H    sing N N 84  
GLN N   H2   sing N N 85  
GLN CA  C    sing N N 86  
GLN CA  CB   sing N N 87  
GLN CA  HA   sing N N 88  
GLN C   O    doub N N 89  
GLN C   OXT  sing N N 90  
GLN CB  CG   sing N N 91  
GLN CB  HB2  sing N N 92  
GLN CB  HB3  sing N N 93  
GLN CG  CD   sing N N 94  
GLN CG  HG2  sing N N 95  
GLN CG  HG3  sing N N 96  
GLN CD  OE1  doub N N 97  
GLN CD  NE2  sing N N 98  
GLN NE2 HE21 sing N N 99  
GLN NE2 HE22 sing N N 100 
GLN OXT HXT  sing N N 101 
GLU N   CA   sing N N 102 
GLU N   H    sing N N 103 
GLU N   H2   sing N N 104 
GLU CA  C    sing N N 105 
GLU CA  CB   sing N N 106 
GLU CA  HA   sing N N 107 
GLU C   O    doub N N 108 
GLU C   OXT  sing N N 109 
GLU CB  CG   sing N N 110 
GLU CB  HB2  sing N N 111 
GLU CB  HB3  sing N N 112 
GLU CG  CD   sing N N 113 
GLU CG  HG2  sing N N 114 
GLU CG  HG3  sing N N 115 
GLU CD  OE1  doub N N 116 
GLU CD  OE2  sing N N 117 
GLU OE2 HE2  sing N N 118 
GLU OXT HXT  sing N N 119 
GLY N   CA   sing N N 120 
GLY N   H    sing N N 121 
GLY N   H2   sing N N 122 
GLY CA  C    sing N N 123 
GLY CA  HA2  sing N N 124 
GLY CA  HA3  sing N N 125 
GLY C   O    doub N N 126 
GLY C   OXT  sing N N 127 
GLY OXT HXT  sing N N 128 
HIS N   CA   sing N N 129 
HIS N   H    sing N N 130 
HIS N   H2   sing N N 131 
HIS CA  C    sing N N 132 
HIS CA  CB   sing N N 133 
HIS CA  HA   sing N N 134 
HIS C   O    doub N N 135 
HIS C   OXT  sing N N 136 
HIS CB  CG   sing N N 137 
HIS CB  HB2  sing N N 138 
HIS CB  HB3  sing N N 139 
HIS CG  ND1  sing Y N 140 
HIS CG  CD2  doub Y N 141 
HIS ND1 CE1  doub Y N 142 
HIS ND1 HD1  sing N N 143 
HIS CD2 NE2  sing Y N 144 
HIS CD2 HD2  sing N N 145 
HIS CE1 NE2  sing Y N 146 
HIS CE1 HE1  sing N N 147 
HIS NE2 HE2  sing N N 148 
HIS OXT HXT  sing N N 149 
HOH O   H1   sing N N 150 
HOH O   H2   sing N N 151 
ILE N   CA   sing N N 152 
ILE N   H    sing N N 153 
ILE N   H2   sing N N 154 
ILE CA  C    sing N N 155 
ILE CA  CB   sing N N 156 
ILE CA  HA   sing N N 157 
ILE C   O    doub N N 158 
ILE C   OXT  sing N N 159 
ILE CB  CG1  sing N N 160 
ILE CB  CG2  sing N N 161 
ILE CB  HB   sing N N 162 
ILE CG1 CD1  sing N N 163 
ILE CG1 HG12 sing N N 164 
ILE CG1 HG13 sing N N 165 
ILE CG2 HG21 sing N N 166 
ILE CG2 HG22 sing N N 167 
ILE CG2 HG23 sing N N 168 
ILE CD1 HD11 sing N N 169 
ILE CD1 HD12 sing N N 170 
ILE CD1 HD13 sing N N 171 
ILE OXT HXT  sing N N 172 
LEU N   CA   sing N N 173 
LEU N   H    sing N N 174 
LEU N   H2   sing N N 175 
LEU CA  C    sing N N 176 
LEU CA  CB   sing N N 177 
LEU CA  HA   sing N N 178 
LEU C   O    doub N N 179 
LEU C   OXT  sing N N 180 
LEU CB  CG   sing N N 181 
LEU CB  HB2  sing N N 182 
LEU CB  HB3  sing N N 183 
LEU CG  CD1  sing N N 184 
LEU CG  CD2  sing N N 185 
LEU CG  HG   sing N N 186 
LEU CD1 HD11 sing N N 187 
LEU CD1 HD12 sing N N 188 
LEU CD1 HD13 sing N N 189 
LEU CD2 HD21 sing N N 190 
LEU CD2 HD22 sing N N 191 
LEU CD2 HD23 sing N N 192 
LEU OXT HXT  sing N N 193 
LYS N   CA   sing N N 194 
LYS N   H    sing N N 195 
LYS N   H2   sing N N 196 
LYS CA  C    sing N N 197 
LYS CA  CB   sing N N 198 
LYS CA  HA   sing N N 199 
LYS C   O    doub N N 200 
LYS C   OXT  sing N N 201 
LYS CB  CG   sing N N 202 
LYS CB  HB2  sing N N 203 
LYS CB  HB3  sing N N 204 
LYS CG  CD   sing N N 205 
LYS CG  HG2  sing N N 206 
LYS CG  HG3  sing N N 207 
LYS CD  CE   sing N N 208 
LYS CD  HD2  sing N N 209 
LYS CD  HD3  sing N N 210 
LYS CE  NZ   sing N N 211 
LYS CE  HE2  sing N N 212 
LYS CE  HE3  sing N N 213 
LYS NZ  HZ1  sing N N 214 
LYS NZ  HZ2  sing N N 215 
LYS NZ  HZ3  sing N N 216 
LYS OXT HXT  sing N N 217 
MET N   CA   sing N N 218 
MET N   H    sing N N 219 
MET N   H2   sing N N 220 
MET CA  C    sing N N 221 
MET CA  CB   sing N N 222 
MET CA  HA   sing N N 223 
MET C   O    doub N N 224 
MET C   OXT  sing N N 225 
MET CB  CG   sing N N 226 
MET CB  HB2  sing N N 227 
MET CB  HB3  sing N N 228 
MET CG  SD   sing N N 229 
MET CG  HG2  sing N N 230 
MET CG  HG3  sing N N 231 
MET SD  CE   sing N N 232 
MET CE  HE1  sing N N 233 
MET CE  HE2  sing N N 234 
MET CE  HE3  sing N N 235 
MET OXT HXT  sing N N 236 
O0M C11 C12  sing N N 237 
O0M C11 C10  sing N N 238 
O0M C12 N    sing N N 239 
O0M O   C10  sing N N 240 
O0M C10 C9   sing N N 241 
O0M C9  C8   sing N N 242 
O0M N   C8   sing N N 243 
O0M N   C7   sing N N 244 
O0M C7  C6   sing N N 245 
O0M C6  C13  doub Y N 246 
O0M C6  C5   sing Y N 247 
O0M C13 C14  sing Y N 248 
O0M C5  C4   doub Y N 249 
O0M C14 C3   doub Y N 250 
O0M C4  C3   sing Y N 251 
O0M C3  C1   sing N N 252 
O0M C1  C    sing N N 253 
O0M C1  C2   sing N N 254 
O0M C4  H1   sing N N 255 
O0M C5  H2   sing N N 256 
O0M C7  H3   sing N N 257 
O0M C7  H4   sing N N 258 
O0M C8  H5   sing N N 259 
O0M C8  H6   sing N N 260 
O0M C10 H7   sing N N 261 
O0M C13 H8   sing N N 262 
O0M C   H10  sing N N 263 
O0M C   H11  sing N N 264 
O0M C   H12  sing N N 265 
O0M O   H13  sing N N 266 
O0M C1  H14  sing N N 267 
O0M C11 H15  sing N N 268 
O0M C11 H16  sing N N 269 
O0M C12 H17  sing N N 270 
O0M C12 H18  sing N N 271 
O0M C14 H19  sing N N 272 
O0M C2  H20  sing N N 273 
O0M C2  H21  sing N N 274 
O0M C2  H22  sing N N 275 
O0M C9  H23  sing N N 276 
O0M C9  H24  sing N N 277 
PHE N   CA   sing N N 278 
PHE N   H    sing N N 279 
PHE N   H2   sing N N 280 
PHE CA  C    sing N N 281 
PHE CA  CB   sing N N 282 
PHE CA  HA   sing N N 283 
PHE C   O    doub N N 284 
PHE C   OXT  sing N N 285 
PHE CB  CG   sing N N 286 
PHE CB  HB2  sing N N 287 
PHE CB  HB3  sing N N 288 
PHE CG  CD1  doub Y N 289 
PHE CG  CD2  sing Y N 290 
PHE CD1 CE1  sing Y N 291 
PHE CD1 HD1  sing N N 292 
PHE CD2 CE2  doub Y N 293 
PHE CD2 HD2  sing N N 294 
PHE CE1 CZ   doub Y N 295 
PHE CE1 HE1  sing N N 296 
PHE CE2 CZ   sing Y N 297 
PHE CE2 HE2  sing N N 298 
PHE CZ  HZ   sing N N 299 
PHE OXT HXT  sing N N 300 
PRO N   CA   sing N N 301 
PRO N   CD   sing N N 302 
PRO N   H    sing N N 303 
PRO CA  C    sing N N 304 
PRO CA  CB   sing N N 305 
PRO CA  HA   sing N N 306 
PRO C   O    doub N N 307 
PRO C   OXT  sing N N 308 
PRO CB  CG   sing N N 309 
PRO CB  HB2  sing N N 310 
PRO CB  HB3  sing N N 311 
PRO CG  CD   sing N N 312 
PRO CG  HG2  sing N N 313 
PRO CG  HG3  sing N N 314 
PRO CD  HD2  sing N N 315 
PRO CD  HD3  sing N N 316 
PRO OXT HXT  sing N N 317 
SER N   CA   sing N N 318 
SER N   H    sing N N 319 
SER N   H2   sing N N 320 
SER CA  C    sing N N 321 
SER CA  CB   sing N N 322 
SER CA  HA   sing N N 323 
SER C   O    doub N N 324 
SER C   OXT  sing N N 325 
SER CB  OG   sing N N 326 
SER CB  HB2  sing N N 327 
SER CB  HB3  sing N N 328 
SER OG  HG   sing N N 329 
SER OXT HXT  sing N N 330 
THR N   CA   sing N N 331 
THR N   H    sing N N 332 
THR N   H2   sing N N 333 
THR CA  C    sing N N 334 
THR CA  CB   sing N N 335 
THR CA  HA   sing N N 336 
THR C   O    doub N N 337 
THR C   OXT  sing N N 338 
THR CB  OG1  sing N N 339 
THR CB  CG2  sing N N 340 
THR CB  HB   sing N N 341 
THR OG1 HG1  sing N N 342 
THR CG2 HG21 sing N N 343 
THR CG2 HG22 sing N N 344 
THR CG2 HG23 sing N N 345 
THR OXT HXT  sing N N 346 
TRP N   CA   sing N N 347 
TRP N   H    sing N N 348 
TRP N   H2   sing N N 349 
TRP CA  C    sing N N 350 
TRP CA  CB   sing N N 351 
TRP CA  HA   sing N N 352 
TRP C   O    doub N N 353 
TRP C   OXT  sing N N 354 
TRP CB  CG   sing N N 355 
TRP CB  HB2  sing N N 356 
TRP CB  HB3  sing N N 357 
TRP CG  CD1  doub Y N 358 
TRP CG  CD2  sing Y N 359 
TRP CD1 NE1  sing Y N 360 
TRP CD1 HD1  sing N N 361 
TRP CD2 CE2  doub Y N 362 
TRP CD2 CE3  sing Y N 363 
TRP NE1 CE2  sing Y N 364 
TRP NE1 HE1  sing N N 365 
TRP CE2 CZ2  sing Y N 366 
TRP CE3 CZ3  doub Y N 367 
TRP CE3 HE3  sing N N 368 
TRP CZ2 CH2  doub Y N 369 
TRP CZ2 HZ2  sing N N 370 
TRP CZ3 CH2  sing Y N 371 
TRP CZ3 HZ3  sing N N 372 
TRP CH2 HH2  sing N N 373 
TRP OXT HXT  sing N N 374 
TYR N   CA   sing N N 375 
TYR N   H    sing N N 376 
TYR N   H2   sing N N 377 
TYR CA  C    sing N N 378 
TYR CA  CB   sing N N 379 
TYR CA  HA   sing N N 380 
TYR C   O    doub N N 381 
TYR C   OXT  sing N N 382 
TYR CB  CG   sing N N 383 
TYR CB  HB2  sing N N 384 
TYR CB  HB3  sing N N 385 
TYR CG  CD1  doub Y N 386 
TYR CG  CD2  sing Y N 387 
TYR CD1 CE1  sing Y N 388 
TYR CD1 HD1  sing N N 389 
TYR CD2 CE2  doub Y N 390 
TYR CD2 HD2  sing N N 391 
TYR CE1 CZ   doub Y N 392 
TYR CE1 HE1  sing N N 393 
TYR CE2 CZ   sing Y N 394 
TYR CE2 HE2  sing N N 395 
TYR CZ  OH   sing N N 396 
TYR OH  HH   sing N N 397 
TYR OXT HXT  sing N N 398 
VAL N   CA   sing N N 399 
VAL N   H    sing N N 400 
VAL N   H2   sing N N 401 
VAL CA  C    sing N N 402 
VAL CA  CB   sing N N 403 
VAL CA  HA   sing N N 404 
VAL C   O    doub N N 405 
VAL C   OXT  sing N N 406 
VAL CB  CG1  sing N N 407 
VAL CB  CG2  sing N N 408 
VAL CB  HB   sing N N 409 
VAL CG1 HG11 sing N N 410 
VAL CG1 HG12 sing N N 411 
VAL CG1 HG13 sing N N 412 
VAL CG2 HG21 sing N N 413 
VAL CG2 HG22 sing N N 414 
VAL CG2 HG23 sing N N 415 
VAL OXT HXT  sing N N 416 
# 
_pdbx_deposit_group.group_id            G_1002081 
_pdbx_deposit_group.group_description   
;Human Brachyury G177D variant screened against the DSI-poised Fragment Library by X-ray Crystallography at the XChem facility of Diamond Light Source beamline I04-1
;
_pdbx_deposit_group.group_title         'PanDDA analysis group deposition' 
_pdbx_deposit_group.group_type          'changed state' 
# 
_pdbx_entity_instance_feature.ordinal        1 
_pdbx_entity_instance_feature.comp_id        O0M 
_pdbx_entity_instance_feature.asym_id        ? 
_pdbx_entity_instance_feature.seq_num        ? 
_pdbx_entity_instance_feature.auth_comp_id   O0M 
_pdbx_entity_instance_feature.auth_asym_id   ? 
_pdbx_entity_instance_feature.auth_seq_num   ? 
_pdbx_entity_instance_feature.feature_type   'SUBJECT OF INVESTIGATION' 
_pdbx_entity_instance_feature.details        ? 
# 
_atom_sites.entry_id                    5QSB 
_atom_sites.fract_transf_matrix[1][1]   -0.00369698 
_atom_sites.fract_transf_matrix[1][2]   0.01101583 
_atom_sites.fract_transf_matrix[1][3]   -0.00091556 
_atom_sites.fract_transf_matrix[2][1]   0.00290608 
_atom_sites.fract_transf_matrix[2][2]   0.00636687 
_atom_sites.fract_transf_matrix[2][3]   -0.00931969 
_atom_sites.fract_transf_matrix[3][1]   -0.00826646 
_atom_sites.fract_transf_matrix[3][2]   -0.00316842 
_atom_sites.fract_transf_matrix[3][3]   -0.00474221 
_atom_sites.fract_transf_vector[1]      -0.177631 
_atom_sites.fract_transf_vector[2]      -0.362877 
_atom_sites.fract_transf_vector[3]      -0.016433 
# 
loop_
_atom_type.symbol 
C 
N 
O 
S 
# 
loop_
_atom_site.group_PDB 
_atom_site.id 
_atom_site.type_symbol 
_atom_site.label_atom_id 
_atom_site.label_alt_id 
_atom_site.label_comp_id 
_atom_site.label_asym_id 
_atom_site.label_entity_id 
_atom_site.label_seq_id 
_atom_site.pdbx_PDB_ins_code 
_atom_site.Cartn_x 
_atom_site.Cartn_y 
_atom_site.Cartn_z 
_atom_site.occupancy 
_atom_site.B_iso_or_equiv 
_atom_site.pdbx_formal_charge 
_atom_site.auth_seq_id 
_atom_site.auth_comp_id 
_atom_site.auth_asym_id 
_atom_site.auth_atom_id 
_atom_site.pdbx_PDB_model_num 
ATOM   1    N N   . GLU A 1 2   ? 3.665   12.344  -20.700 1.00 53.09  ? 41  GLU A N   1 
ATOM   2    C CA  . GLU A 1 2   ? 2.525   11.991  -19.824 1.00 53.91  ? 41  GLU A CA  1 
ATOM   3    C C   . GLU A 1 2   ? 3.020   11.217  -18.583 1.00 45.53  ? 41  GLU A C   1 
ATOM   4    O O   . GLU A 1 2   ? 3.771   10.247  -18.776 1.00 41.83  ? 41  GLU A O   1 
ATOM   5    C CB  . GLU A 1 2   ? 1.527   11.149  -20.624 1.00 64.31  ? 41  GLU A CB  1 
ATOM   6    C CG  . GLU A 1 2   ? 0.152   11.060  -19.979 1.00 73.97  ? 41  GLU A CG  1 
ATOM   7    C CD  . GLU A 1 2   ? -0.665  12.344  -19.996 1.00 78.74  ? 41  GLU A CD  1 
ATOM   8    O OE1 . GLU A 1 2   ? -1.749  12.347  -19.396 1.00 69.28  ? 41  GLU A OE1 1 
ATOM   9    O OE2 . GLU A 1 2   ? -0.218  13.338  -20.613 1.00 87.09  ? 41  GLU A OE2 1 
ATOM   10   N N   . LEU A 1 3   ? 2.592   11.606  -17.376 1.00 40.14  ? 42  LEU A N   1 
ATOM   11   C CA  . LEU A 1 3   ? 2.935   10.855  -16.128 1.00 38.09  ? 42  LEU A CA  1 
ATOM   12   C C   . LEU A 1 3   ? 2.287   9.474   -16.192 1.00 37.58  ? 42  LEU A C   1 
ATOM   13   O O   . LEU A 1 3   ? 1.046   9.376   -16.305 1.00 39.65  ? 42  LEU A O   1 
ATOM   14   C CB  . LEU A 1 3   ? 2.492   11.596  -14.865 1.00 36.61  ? 42  LEU A CB  1 
ATOM   15   C CG  . LEU A 1 3   ? 2.688   10.821  -13.553 1.00 36.61  ? 42  LEU A CG  1 
ATOM   16   C CD1 . LEU A 1 3   ? 4.156   10.442  -13.375 1.00 36.33  ? 42  LEU A CD1 1 
ATOM   17   C CD2 . LEU A 1 3   ? 2.262   11.644  -12.376 1.00 38.33  ? 42  LEU A CD2 1 
ATOM   18   N N   . ARG A 1 4   ? 3.084   8.441   -16.020 1.00 35.63  ? 43  ARG A N   1 
ATOM   19   C CA  . ARG A 1 4   ? 2.603   7.047   -15.907 1.00 38.20  ? 43  ARG A CA  1 
ATOM   20   C C   . ARG A 1 4   ? 3.281   6.414   -14.704 1.00 32.44  ? 43  ARG A C   1 
ATOM   21   O O   . ARG A 1 4   ? 4.479   6.567   -14.545 1.00 33.62  ? 43  ARG A O   1 
ATOM   22   C CB  . ARG A 1 4   ? 2.941   6.271   -17.187 1.00 40.88  ? 43  ARG A CB  1 
ATOM   23   C CG  . ARG A 1 4   ? 2.230   6.804   -18.425 1.00 48.76  ? 43  ARG A CG  1 
ATOM   24   C CD  . ARG A 1 4   ? 2.917   6.428   -19.728 1.00 58.27  ? 43  ARG A CD  1 
ATOM   25   N NE  . ARG A 1 4   ? 3.204   5.001   -19.787 1.00 65.89  ? 43  ARG A NE  1 
ATOM   26   C CZ  . ARG A 1 4   ? 2.487   4.080   -20.428 1.00 70.93  ? 43  ARG A CZ  1 
ATOM   27   N NH1 . ARG A 1 4   ? 2.881   2.816   -20.376 1.00 66.81  ? 43  ARG A NH1 1 
ATOM   28   N NH2 . ARG A 1 4   ? 1.403   4.405   -21.123 1.00 76.89  ? 43  ARG A NH2 1 
ATOM   29   N N   . VAL A 1 5   ? 2.498   5.715   -13.887 1.00 33.19  ? 44  VAL A N   1 
ATOM   30   C CA  . VAL A 1 5   ? 2.974   4.998   -12.688 1.00 33.30  ? 44  VAL A CA  1 
ATOM   31   C C   . VAL A 1 5   ? 2.410   3.581   -12.823 1.00 33.71  ? 44  VAL A C   1 
ATOM   32   O O   . VAL A 1 5   ? 1.185   3.440   -12.697 1.00 39.45  ? 44  VAL A O   1 
ATOM   33   C CB  . VAL A 1 5   ? 2.506   5.703   -11.402 1.00 32.86  ? 44  VAL A CB  1 
ATOM   34   C CG1 . VAL A 1 5   ? 3.016   5.016   -10.147 1.00 33.07  ? 44  VAL A CG1 1 
ATOM   35   C CG2 . VAL A 1 5   ? 2.940   7.158   -11.350 1.00 32.85  ? 44  VAL A CG2 1 
ATOM   36   N N   . GLY A 1 6   ? 3.277   2.617   -13.110 1.00 33.81  ? 45  GLY A N   1 
ATOM   37   C CA  . GLY A 1 6   ? 2.898   1.225   -13.370 1.00 33.84  ? 45  GLY A CA  1 
ATOM   38   C C   . GLY A 1 6   ? 3.283   0.364   -12.197 1.00 32.43  ? 45  GLY A C   1 
ATOM   39   O O   . GLY A 1 6   ? 4.349   0.562   -11.641 1.00 34.33  ? 45  GLY A O   1 
ATOM   40   N N   . LEU A 1 7   ? 2.422   -0.569  -11.837 1.00 34.89  ? 46  LEU A N   1 
ATOM   41   C CA  . LEU A 1 7   ? 2.690   -1.530  -10.762 1.00 31.99  ? 46  LEU A CA  1 
ATOM   42   C C   . LEU A 1 7   ? 3.748   -2.515  -11.265 1.00 33.64  ? 46  LEU A C   1 
ATOM   43   O O   . LEU A 1 7   ? 3.573   -3.038  -12.395 1.00 33.34  ? 46  LEU A O   1 
ATOM   44   C CB  . LEU A 1 7   ? 1.386   -2.240  -10.437 1.00 34.94  ? 46  LEU A CB  1 
ATOM   45   C CG  . LEU A 1 7   ? 1.492   -3.316  -9.369  1.00 33.79  ? 46  LEU A CG  1 
ATOM   46   C CD1 . LEU A 1 7   ? 1.894   -2.737  -8.046  1.00 35.58  ? 46  LEU A CD1 1 
ATOM   47   C CD2 . LEU A 1 7   ? 0.170   -4.076  -9.281  1.00 34.79  ? 46  LEU A CD2 1 
ATOM   48   N N   . GLU A 1 8   ? 4.775   -2.740  -10.459 1.00 33.71  ? 47  GLU A N   1 
ATOM   49   C CA  . GLU A 1 8   ? 5.818   -3.768  -10.708 1.00 37.46  ? 47  GLU A CA  1 
ATOM   50   C C   . GLU A 1 8   ? 5.307   -5.107  -10.177 1.00 36.07  ? 47  GLU A C   1 
ATOM   51   O O   . GLU A 1 8   ? 4.464   -5.112  -9.242  1.00 36.66  ? 47  GLU A O   1 
ATOM   52   C CB  . GLU A 1 8   ? 7.136   -3.408  -10.027 1.00 41.07  ? 47  GLU A CB  1 
ATOM   53   C CG  . GLU A 1 8   ? 7.815   -2.229  -10.691 1.00 43.29  ? 47  GLU A CG  1 
ATOM   54   C CD  . GLU A 1 8   ? 8.746   -2.586  -11.841 1.00 50.84  ? 47  GLU A CD  1 
ATOM   55   O OE1 . GLU A 1 8   ? 8.822   -1.769  -12.804 1.00 46.70  ? 47  GLU A OE1 1 
ATOM   56   O OE2 . GLU A 1 8   ? 9.440   -3.636  -11.729 1.00 44.36  ? 47  GLU A OE2 1 
ATOM   57   N N   . GLU A 1 9   ? 5.752   -6.194  -10.788 1.00 35.87  ? 48  GLU A N   1 
ATOM   58   C CA  . GLU A 1 9   ? 5.358   -7.555  -10.347 1.00 36.54  ? 48  GLU A CA  1 
ATOM   59   C C   . GLU A 1 9   ? 3.820   -7.659  -10.269 1.00 36.03  ? 48  GLU A C   1 
ATOM   60   O O   . GLU A 1 9   ? 3.322   -8.316  -9.319  1.00 37.22  ? 48  GLU A O   1 
ATOM   61   C CB  . GLU A 1 9   ? 6.055   -7.809  -9.009  1.00 37.80  ? 48  GLU A CB  1 
ATOM   62   C CG  . GLU A 1 9   ? 7.570   -7.740  -9.071  1.00 40.01  ? 48  GLU A CG  1 
ATOM   63   C CD  . GLU A 1 9   ? 8.337   -7.957  -7.766  1.00 49.38  ? 48  GLU A CD  1 
ATOM   64   O OE1 . GLU A 1 9   ? 7.710   -8.216  -6.710  1.00 49.71  ? 48  GLU A OE1 1 
ATOM   65   O OE2 . GLU A 1 9   ? 9.584   -7.880  -7.803  1.00 48.26  ? 48  GLU A OE2 1 
ATOM   66   N N   . SER A 1 10  ? 3.064   -7.087  -11.225 1.00 33.40  ? 49  SER A N   1 
ATOM   67   C CA  . SER A 1 10  ? 1.580   -7.136  -11.200 1.00 38.76  ? 49  SER A CA  1 
ATOM   68   C C   . SER A 1 10  ? 1.092   -8.597  -11.220 1.00 37.71  ? 49  SER A C   1 
ATOM   69   O O   . SER A 1 10  ? 0.104   -8.881  -10.600 1.00 37.60  ? 49  SER A O   1 
ATOM   70   C CB  . SER A 1 10  ? 0.958   -6.375  -12.328 1.00 37.02  ? 49  SER A CB  1 
ATOM   71   O OG  . SER A 1 10  ? 1.545   -6.788  -13.540 1.00 39.08  ? 49  SER A OG  1 
ATOM   72   N N   . GLU A 1 11  ? 1.790   -9.480  -11.942 0.52 37.46  ? 50  GLU A N   1 
ATOM   73   C CA  . GLU A 1 11  ? 1.431   -10.922 -12.027 0.52 40.55  ? 50  GLU A CA  1 
ATOM   74   C C   . GLU A 1 11  ? 1.467   -11.533 -10.620 0.52 36.63  ? 50  GLU A C   1 
ATOM   75   O O   . GLU A 1 11  ? 0.530   -12.286 -10.282 0.52 39.71  ? 50  GLU A O   1 
ATOM   76   C CB  . GLU A 1 11  ? 2.372   -11.663 -12.979 0.52 44.19  ? 50  GLU A CB  1 
ATOM   77   C CG  . GLU A 1 11  ? 2.033   -13.134 -13.141 0.52 48.80  ? 50  GLU A CG  1 
ATOM   78   C CD  . GLU A 1 11  ? 0.651   -13.435 -13.696 0.52 52.06  ? 50  GLU A CD  1 
ATOM   79   O OE1 . GLU A 1 11  ? 0.165   -12.655 -14.546 0.52 53.35  ? 50  GLU A OE1 1 
ATOM   80   O OE2 . GLU A 1 11  ? 0.075   -14.465 -13.294 0.52 53.94  ? 50  GLU A OE2 1 
ATOM   81   N N   . LEU A 1 12  ? 2.508   -11.222 -9.841  1.00 36.11  ? 51  LEU A N   1 
ATOM   82   C CA  . LEU A 1 12  ? 2.655   -11.730 -8.448  1.00 36.75  ? 51  LEU A CA  1 
ATOM   83   C C   . LEU A 1 12  ? 1.492   -11.211 -7.610  1.00 37.75  ? 51  LEU A C   1 
ATOM   84   O O   . LEU A 1 12  ? 0.833   -12.007 -6.920  1.00 34.71  ? 51  LEU A O   1 
ATOM   85   C CB  . LEU A 1 12  ? 3.968   -11.307 -7.810  1.00 39.63  ? 51  LEU A CB  1 
ATOM   86   C CG  . LEU A 1 12  ? 4.114   -11.725 -6.347  1.00 40.02  ? 51  LEU A CG  1 
ATOM   87   C CD1 . LEU A 1 12  ? 4.090   -13.236 -6.224  1.00 44.24  ? 51  LEU A CD1 1 
ATOM   88   C CD2 . LEU A 1 12  ? 5.339   -11.107 -5.710  1.00 46.97  ? 51  LEU A CD2 1 
ATOM   89   N N   . TRP A 1 13  ? 1.240   -9.905  -7.673  1.00 35.46  ? 52  TRP A N   1 
ATOM   90   C CA  . TRP A 1 13  ? 0.092   -9.328  -6.933  1.00 35.81  ? 52  TRP A CA  1 
ATOM   91   C C   . TRP A 1 13  ? -1.191  -10.053 -7.309  1.00 35.40  ? 52  TRP A C   1 
ATOM   92   O O   . TRP A 1 13  ? -1.984  -10.322 -6.413  1.00 33.69  ? 52  TRP A O   1 
ATOM   93   C CB  . TRP A 1 13  ? -0.036  -7.828  -7.207  1.00 34.29  ? 52  TRP A CB  1 
ATOM   94   C CG  . TRP A 1 13  ? 0.920   -7.051  -6.384  1.00 33.31  ? 52  TRP A CG  1 
ATOM   95   C CD1 . TRP A 1 13  ? 2.112   -6.511  -6.773  1.00 34.45  ? 52  TRP A CD1 1 
ATOM   96   C CD2 . TRP A 1 13  ? 0.779   -6.767  -4.985  1.00 35.36  ? 52  TRP A CD2 1 
ATOM   97   N NE1 . TRP A 1 13  ? 2.708   -5.887  -5.720  1.00 35.25  ? 52  TRP A NE1 1 
ATOM   98   C CE2 . TRP A 1 13  ? 1.908   -6.009  -4.609  1.00 33.67  ? 52  TRP A CE2 1 
ATOM   99   C CE3 . TRP A 1 13  ? -0.207  -7.051  -4.035  1.00 33.51  ? 52  TRP A CE3 1 
ATOM   100  C CZ2 . TRP A 1 13  ? 2.096   -5.551  -3.306  1.00 33.22  ? 52  TRP A CZ2 1 
ATOM   101  C CZ3 . TRP A 1 13  ? -0.005  -6.631  -2.740  1.00 34.08  ? 52  TRP A CZ3 1 
ATOM   102  C CH2 . TRP A 1 13  ? 1.117   -5.866  -2.384  1.00 34.63  ? 52  TRP A CH2 1 
ATOM   103  N N   . LEU A 1 14  ? -1.429  -10.261 -8.604  1.00 36.47  ? 53  LEU A N   1 
ATOM   104  C CA  . LEU A 1 14  ? -2.688  -10.874 -9.108  1.00 39.76  ? 53  LEU A CA  1 
ATOM   105  C C   . LEU A 1 14  ? -2.885  -12.319 -8.583  1.00 39.93  ? 53  LEU A C   1 
ATOM   106  O O   . LEU A 1 14  ? -4.024  -12.721 -8.358  1.00 41.17  ? 53  LEU A O   1 
ATOM   107  C CB  . LEU A 1 14  ? -2.738  -10.744 -10.645 1.00 39.74  ? 53  LEU A CB  1 
ATOM   108  C CG  . LEU A 1 14  ? -3.267  -9.396  -11.182 1.00 41.61  ? 53  LEU A CG  1 
ATOM   109  C CD1 . LEU A 1 14  ? -4.503  -8.917  -10.416 1.00 41.72  ? 53  LEU A CD1 1 
ATOM   110  C CD2 . LEU A 1 14  ? -2.233  -8.292  -11.152 1.00 52.42  ? 53  LEU A CD2 1 
ATOM   111  N N   . ARG A 1 15  ? -1.796  -13.049 -8.331  0.52 41.43  ? 54  ARG A N   1 
ATOM   112  C CA  . ARG A 1 15  ? -1.845  -14.445 -7.815  0.52 43.09  ? 54  ARG A CA  1 
ATOM   113  C C   . ARG A 1 15  ? -2.316  -14.422 -6.356  0.52 40.69  ? 54  ARG A C   1 
ATOM   114  O O   . ARG A 1 15  ? -2.979  -15.383 -5.928  0.52 41.01  ? 54  ARG A O   1 
ATOM   115  C CB  . ARG A 1 15  ? -0.477  -15.111 -7.985  0.52 46.30  ? 54  ARG A CB  1 
ATOM   116  C CG  . ARG A 1 15  ? 0.026   -15.085 -9.423  0.52 50.39  ? 54  ARG A CG  1 
ATOM   117  C CD  . ARG A 1 15  ? -0.064  -16.407 -10.156 0.52 55.54  ? 54  ARG A CD  1 
ATOM   118  N NE  . ARG A 1 15  ? 1.258   -17.000 -10.313 0.52 57.96  ? 54  ARG A NE  1 
ATOM   119  C CZ  . ARG A 1 15  ? 2.015   -16.947 -11.411 0.52 58.02  ? 54  ARG A CZ  1 
ATOM   120  N NH1 . ARG A 1 15  ? 1.594   -16.338 -12.509 0.52 59.40  ? 54  ARG A NH1 1 
ATOM   121  N NH2 . ARG A 1 15  ? 3.201   -17.529 -11.408 0.52 56.73  ? 54  ARG A NH2 1 
ATOM   122  N N   . PHE A 1 16  ? -1.997  -13.348 -5.633  1.00 37.80  ? 55  PHE A N   1 
ATOM   123  C CA  . PHE A 1 16  ? -2.442  -13.137 -4.233  1.00 38.49  ? 55  PHE A CA  1 
ATOM   124  C C   . PHE A 1 16  ? -3.875  -12.656 -4.284  1.00 36.93  ? 55  PHE A C   1 
ATOM   125  O O   . PHE A 1 16  ? -4.673  -13.139 -3.506  1.00 34.71  ? 55  PHE A O   1 
ATOM   126  C CB  . PHE A 1 16  ? -1.542  -12.169 -3.470  1.00 35.24  ? 55  PHE A CB  1 
ATOM   127  C CG  . PHE A 1 16  ? -0.284  -12.793 -2.934  1.00 37.22  ? 55  PHE A CG  1 
ATOM   128  C CD1 . PHE A 1 16  ? -0.254  -13.354 -1.661  1.00 39.13  ? 55  PHE A CD1 1 
ATOM   129  C CD2 . PHE A 1 16  ? 0.853   -12.866 -3.709  1.00 37.84  ? 55  PHE A CD2 1 
ATOM   130  C CE1 . PHE A 1 16  ? 0.887   -13.969 -1.184  1.00 40.00  ? 55  PHE A CE1 1 
ATOM   131  C CE2 . PHE A 1 16  ? 1.997   -13.498 -3.233  1.00 39.00  ? 55  PHE A CE2 1 
ATOM   132  C CZ  . PHE A 1 16  ? 2.016   -14.051 -1.973  1.00 41.21  ? 55  PHE A CZ  1 
ATOM   133  N N   . LYS A 1 17  ? -4.164  -11.735 -5.208  1.00 32.15  ? 56  LYS A N   1 
ATOM   134  C CA  . LYS A 1 17  ? -5.499  -11.128 -5.303  1.00 32.73  ? 56  LYS A CA  1 
ATOM   135  C C   . LYS A 1 17  ? -6.512  -12.218 -5.659  1.00 36.83  ? 56  LYS A C   1 
ATOM   136  O O   . LYS A 1 17  ? -7.615  -12.167 -5.123  1.00 35.41  ? 56  LYS A O   1 
ATOM   137  C CB  . LYS A 1 17  ? -5.545  -9.955  -6.280  1.00 36.17  ? 56  LYS A CB  1 
ATOM   138  C CG  . LYS A 1 17  ? -6.902  -9.261  -6.231  1.00 40.95  ? 56  LYS A CG  1 
ATOM   139  C CD  . LYS A 1 17  ? -6.971  -7.901  -6.867  1.00 45.16  ? 56  LYS A CD  1 
ATOM   140  C CE  . LYS A 1 17  ? -8.378  -7.351  -6.816  1.00 45.28  ? 56  LYS A CE  1 
ATOM   141  N NZ  . LYS A 1 17  ? -8.479  -6.059  -7.531  1.00 47.66  ? 56  LYS A NZ  1 
ATOM   142  N N   . GLU A 1 18  ? -6.161  -13.217 -6.474  1.00 36.55  ? 57  GLU A N   1 
ATOM   143  C CA  . GLU A 1 18  ? -7.203  -14.199 -6.862  1.00 46.12  ? 57  GLU A CA  1 
ATOM   144  C C   . GLU A 1 18  ? -7.614  -15.006 -5.625  1.00 43.52  ? 57  GLU A C   1 
ATOM   145  O O   . GLU A 1 18  ? -8.760  -15.458 -5.617  1.00 46.54  ? 57  GLU A O   1 
ATOM   146  C CB  . GLU A 1 18  ? -6.815  -15.028 -8.083  1.00 51.15  ? 57  GLU A CB  1 
ATOM   147  C CG  . GLU A 1 18  ? -5.665  -15.958 -7.879  1.00 59.76  ? 57  GLU A CG  1 
ATOM   148  C CD  . GLU A 1 18  ? -5.280  -16.709 -9.146  1.00 72.09  ? 57  GLU A CD  1 
ATOM   149  O OE1 . GLU A 1 18  ? -5.582  -16.205 -10.253 1.00 77.63  ? 57  GLU A OE1 1 
ATOM   150  O OE2 . GLU A 1 18  ? -4.661  -17.783 -9.023  1.00 74.19  ? 57  GLU A OE2 1 
ATOM   151  N N   . LEU A 1 19  ? -6.772  -15.120 -4.601  1.00 36.93  ? 58  LEU A N   1 
ATOM   152  C CA  . LEU A 1 19  ? -7.115  -15.836 -3.340  1.00 40.48  ? 58  LEU A CA  1 
ATOM   153  C C   . LEU A 1 19  ? -7.833  -14.916 -2.350  1.00 40.50  ? 58  LEU A C   1 
ATOM   154  O O   . LEU A 1 19  ? -8.324  -15.407 -1.340  1.00 37.82  ? 58  LEU A O   1 
ATOM   155  C CB  . LEU A 1 19  ? -5.827  -16.368 -2.707  1.00 43.26  ? 58  LEU A CB  1 
ATOM   156  C CG  . LEU A 1 19  ? -4.950  -17.273 -3.576  1.00 42.44  ? 58  LEU A CG  1 
ATOM   157  C CD1 . LEU A 1 19  ? -3.723  -17.713 -2.780  1.00 48.32  ? 58  LEU A CD1 1 
ATOM   158  C CD2 . LEU A 1 19  ? -5.734  -18.469 -4.062  1.00 47.34  ? 58  LEU A CD2 1 
ATOM   159  N N   . THR A 1 20  ? -7.844  -13.607 -2.603  1.00 35.91  ? 59  THR A N   1 
ATOM   160  C CA  . THR A 1 20  ? -8.028  -12.550 -1.588  1.00 36.84  ? 59  THR A CA  1 
ATOM   161  C C   . THR A 1 20  ? -6.737  -12.383 -0.790  1.00 36.68  ? 59  THR A C   1 
ATOM   162  O O   . THR A 1 20  ? -6.371  -13.232 0.058   1.00 31.41  ? 59  THR A O   1 
ATOM   163  C CB  . THR A 1 20  ? -9.249  -12.749 -0.681  1.00 37.41  ? 59  THR A CB  1 
ATOM   164  O OG1 . THR A 1 20  ? -10.375 -12.931 -1.528  1.00 42.75  ? 59  THR A OG1 1 
ATOM   165  C CG2 . THR A 1 20  ? -9.477  -11.552 0.209   1.00 36.03  ? 59  THR A CG2 1 
ATOM   166  N N   . ASN A 1 21  ? -6.081  -11.254 -0.982  1.00 35.70  ? 60  ASN A N   1 
ATOM   167  C CA  . ASN A 1 21  ? -4.779  -10.981 -0.348  1.00 31.90  ? 60  ASN A CA  1 
ATOM   168  C C   . ASN A 1 21  ? -5.037  -10.611 1.111   1.00 36.51  ? 60  ASN A C   1 
ATOM   169  O O   . ASN A 1 21  ? -6.108  -10.033 1.419   1.00 36.28  ? 60  ASN A O   1 
ATOM   170  C CB  . ASN A 1 21  ? -3.998  -9.917  -1.121  1.00 35.99  ? 60  ASN A CB  1 
ATOM   171  C CG  . ASN A 1 21  ? -2.502  -9.984  -0.919  1.00 37.15  ? 60  ASN A CG  1 
ATOM   172  O OD1 . ASN A 1 21  ? -2.024  -10.785 -0.132  1.00 35.32  ? 60  ASN A OD1 1 
ATOM   173  N ND2 . ASN A 1 21  ? -1.756  -9.143  -1.635  1.00 36.79  ? 60  ASN A ND2 1 
ATOM   174  N N   . GLU A 1 22  ? -4.112  -11.011 1.968   1.00 34.23  ? 61  GLU A N   1 
ATOM   175  C CA  . GLU A 1 22  ? -4.086  -10.715 3.419   1.00 37.15  ? 61  GLU A CA  1 
ATOM   176  C C   . GLU A 1 22  ? -2.712  -10.148 3.761   1.00 36.12  ? 61  GLU A C   1 
ATOM   177  O O   . GLU A 1 22  ? -1.704  -10.643 3.217   1.00 39.93  ? 61  GLU A O   1 
ATOM   178  C CB  . GLU A 1 22  ? -4.367  -11.985 4.230   1.00 33.82  ? 61  GLU A CB  1 
ATOM   179  C CG  . GLU A 1 22  ? -5.631  -12.705 3.840   1.00 34.15  ? 61  GLU A CG  1 
ATOM   180  C CD  . GLU A 1 22  ? -5.822  -13.961 4.687   1.00 33.88  ? 61  GLU A CD  1 
ATOM   181  O OE1 . GLU A 1 22  ? -6.454  -14.919 4.223   1.00 37.76  ? 61  GLU A OE1 1 
ATOM   182  O OE2 . GLU A 1 22  ? -5.383  -13.933 5.852   1.00 39.29  ? 61  GLU A OE2 1 
ATOM   183  N N   . MET A 1 23  ? -2.649  -9.140  4.621   1.00 33.80  ? 62  MET A N   1 
ATOM   184  C CA  . MET A 1 23  ? -1.376  -8.621  5.147   1.00 33.27  ? 62  MET A CA  1 
ATOM   185  C C   . MET A 1 23  ? -1.462  -8.679  6.664   1.00 32.61  ? 62  MET A C   1 
ATOM   186  O O   . MET A 1 23  ? -2.462  -8.195  7.220   1.00 32.90  ? 62  MET A O   1 
ATOM   187  C CB  . MET A 1 23  ? -1.053  -7.193  4.703   1.00 33.13  ? 62  MET A CB  1 
ATOM   188  C CG  . MET A 1 23  ? -0.857  -7.073  3.210   1.00 36.10  ? 62  MET A CG  1 
ATOM   189  S SD  . MET A 1 23  ? 0.756   -7.698  2.644   1.00 36.97  ? 62  MET A SD  1 
ATOM   190  C CE  . MET A 1 23  ? 0.467   -7.513  0.890   1.00 36.66  ? 62  MET A CE  1 
ATOM   191  N N   . ILE A 1 24  ? -0.433  -9.242  7.285   1.00 35.17  ? 63  ILE A N   1 
ATOM   192  C CA  . ILE A 1 24  ? -0.320  -9.291  8.777   1.00 39.54  ? 63  ILE A CA  1 
ATOM   193  C C   . ILE A 1 24  ? -0.072  -7.884  9.319   1.00 36.23  ? 63  ILE A C   1 
ATOM   194  O O   . ILE A 1 24  ? 0.785   -7.170  8.754   1.00 36.71  ? 63  ILE A O   1 
ATOM   195  C CB  . ILE A 1 24  ? 0.789   -10.233 9.253   1.00 43.97  ? 63  ILE A CB  1 
ATOM   196  C CG1 . ILE A 1 24  ? 0.701   -11.622 8.627   1.00 49.58  ? 63  ILE A CG1 1 
ATOM   197  C CG2 . ILE A 1 24  ? 0.737   -10.309 10.772  1.00 46.60  ? 63  ILE A CG2 1 
ATOM   198  C CD1 . ILE A 1 24  ? -0.462  -12.401 9.139   1.00 52.12  ? 63  ILE A CD1 1 
ATOM   199  N N   . VAL A 1 25  ? -0.843  -7.501  10.346  1.00 34.61  ? 64  VAL A N   1 
ATOM   200  C CA  . VAL A 1 25  ? -0.639  -6.309  11.213  1.00 35.60  ? 64  VAL A CA  1 
ATOM   201  C C   . VAL A 1 25  ? -0.282  -6.803  12.623  1.00 44.04  ? 64  VAL A C   1 
ATOM   202  O O   . VAL A 1 25  ? -0.939  -7.750  13.118  1.00 40.33  ? 64  VAL A O   1 
ATOM   203  C CB  . VAL A 1 25  ? -1.825  -5.333  11.240  1.00 38.29  ? 64  VAL A CB  1 
ATOM   204  C CG1 . VAL A 1 25  ? -2.102  -4.750  9.858   1.00 42.61  ? 64  VAL A CG1 1 
ATOM   205  C CG2 . VAL A 1 25  ? -3.089  -5.942  11.837  1.00 37.41  ? 64  VAL A CG2 1 
ATOM   206  N N   . THR A 1 26  ? 0.759   -6.212  13.213  1.00 43.13  ? 65  THR A N   1 
ATOM   207  C CA  . THR A 1 26  ? 1.238   -6.533  14.579  1.00 46.04  ? 65  THR A CA  1 
ATOM   208  C C   . THR A 1 26  ? 1.467   -5.254  15.365  1.00 48.82  ? 65  THR A C   1 
ATOM   209  O O   . THR A 1 26  ? 1.456   -4.143  14.764  1.00 44.00  ? 65  THR A O   1 
ATOM   210  C CB  . THR A 1 26  ? 2.539   -7.335  14.571  1.00 48.65  ? 65  THR A CB  1 
ATOM   211  O OG1 . THR A 1 26  ? 3.531   -6.495  13.975  1.00 45.13  ? 65  THR A OG1 1 
ATOM   212  C CG2 . THR A 1 26  ? 2.404   -8.652  13.842  1.00 46.42  ? 65  THR A CG2 1 
ATOM   213  N N   . LYS A 1 27  ? 1.649   -5.416  16.675  1.00 45.61  ? 66  LYS A N   1 
ATOM   214  C CA  . LYS A 1 27  ? 1.917   -4.304  17.615  1.00 51.42  ? 66  LYS A CA  1 
ATOM   215  C C   . LYS A 1 27  ? 3.110   -3.489  17.096  1.00 44.20  ? 66  LYS A C   1 
ATOM   216  O O   . LYS A 1 27  ? 3.064   -2.242  17.096  1.00 45.44  ? 66  LYS A O   1 
ATOM   217  C CB  . LYS A 1 27  ? 2.219   -4.911  18.993  1.00 58.42  ? 66  LYS A CB  1 
ATOM   218  C CG  . LYS A 1 27  ? 2.362   -3.944  20.161  1.00 67.72  ? 66  LYS A CG  1 
ATOM   219  C CD  . LYS A 1 27  ? 2.448   -4.695  21.489  1.00 74.71  ? 66  LYS A CD  1 
ATOM   220  C CE  . LYS A 1 27  ? 2.225   -3.840  22.719  1.00 88.61  ? 66  LYS A CE  1 
ATOM   221  N NZ  . LYS A 1 27  ? 3.430   -3.795  23.588  1.00 96.98  ? 66  LYS A NZ  1 
ATOM   222  N N   . ASN A 1 28  ? 4.154   -4.186  16.699  1.00 43.66  ? 67  ASN A N   1 
ATOM   223  C CA  . ASN A 1 28  ? 5.460   -3.553  16.392  1.00 50.75  ? 67  ASN A CA  1 
ATOM   224  C C   . ASN A 1 28  ? 5.603   -3.289  14.894  1.00 51.53  ? 67  ASN A C   1 
ATOM   225  O O   . ASN A 1 28  ? 6.572   -2.594  14.519  1.00 50.19  ? 67  ASN A O   1 
ATOM   226  C CB  . ASN A 1 28  ? 6.594   -4.399  16.939  1.00 52.89  ? 67  ASN A CB  1 
ATOM   227  C CG  . ASN A 1 28  ? 6.610   -4.334  18.450  1.00 53.84  ? 67  ASN A CG  1 
ATOM   228  O OD1 . ASN A 1 28  ? 6.226   -3.321  19.037  1.00 59.54  ? 67  ASN A OD1 1 
ATOM   229  N ND2 . ASN A 1 28  ? 7.019   -5.421  19.071  1.00 56.07  ? 67  ASN A ND2 1 
ATOM   230  N N   . GLY A 1 29  ? 4.683   -3.816  14.083  1.00 49.86  ? 68  GLY A N   1 
ATOM   231  C CA  . GLY A 1 29  ? 4.586   -3.513  12.642  1.00 43.18  ? 68  GLY A CA  1 
ATOM   232  C C   . GLY A 1 29  ? 5.251   -4.590  11.825  1.00 46.06  ? 68  GLY A C   1 
ATOM   233  O O   . GLY A 1 29  ? 6.277   -5.126  12.264  1.00 44.65  ? 68  GLY A O   1 
ATOM   234  N N   . ARG A 1 30  ? 4.660   -4.943  10.694  1.00 42.61  ? 69  ARG A N   1 
ATOM   235  C CA  . ARG A 1 30  ? 5.180   -6.000  9.810   1.00 38.72  ? 69  ARG A CA  1 
ATOM   236  C C   . ARG A 1 30  ? 5.303   -5.434  8.393   1.00 42.14  ? 69  ARG A C   1 
ATOM   237  O O   . ARG A 1 30  ? 4.373   -4.748  7.933   1.00 38.67  ? 69  ARG A O   1 
ATOM   238  C CB  . ARG A 1 30  ? 4.255   -7.208  9.851   1.00 42.41  ? 69  ARG A CB  1 
ATOM   239  C CG  . ARG A 1 30  ? 4.819   -8.419  9.132   1.00 53.69  ? 69  ARG A CG  1 
ATOM   240  C CD  . ARG A 1 30  ? 5.934   -9.082  9.929   1.00 61.14  ? 69  ARG A CD  1 
ATOM   241  N NE  . ARG A 1 30  ? 5.537   -9.511  11.266  1.00 62.99  ? 69  ARG A NE  1 
ATOM   242  C CZ  . ARG A 1 30  ? 4.949   -10.673 11.555  1.00 64.52  ? 69  ARG A CZ  1 
ATOM   243  N NH1 . ARG A 1 30  ? 4.654   -10.965 12.813  1.00 71.60  ? 69  ARG A NH1 1 
ATOM   244  N NH2 . ARG A 1 30  ? 4.636   -11.532 10.600  1.00 68.92  ? 69  ARG A NH2 1 
ATOM   245  N N   . ARG A 1 31  ? 6.413   -5.738  7.727   1.00 41.46  ? 70  ARG A N   1 
ATOM   246  C CA  . ARG A 1 31  ? 6.645   -5.379  6.310   1.00 40.98  ? 70  ARG A CA  1 
ATOM   247  C C   . ARG A 1 31  ? 5.634   -6.151  5.468   1.00 45.29  ? 70  ARG A C   1 
ATOM   248  O O   . ARG A 1 31  ? 5.151   -7.215  5.923   1.00 42.31  ? 70  ARG A O   1 
ATOM   249  C CB  . ARG A 1 31  ? 8.097   -5.646  5.902   1.00 43.66  ? 70  ARG A CB  1 
ATOM   250  C CG  . ARG A 1 31  ? 9.057   -4.569  6.385   1.00 52.29  ? 70  ARG A CG  1 
ATOM   251  C CD  . ARG A 1 31  ? 10.516  -4.808  5.995   1.00 57.85  ? 70  ARG A CD  1 
ATOM   252  N NE  . ARG A 1 31  ? 11.089  -5.946  6.697   1.00 66.75  ? 70  ARG A NE  1 
ATOM   253  C CZ  . ARG A 1 31  ? 11.472  -5.950  7.980   1.00 76.22  ? 70  ARG A CZ  1 
ATOM   254  N NH1 . ARG A 1 31  ? 11.345  -4.864  8.725   1.00 72.48  ? 70  ARG A NH1 1 
ATOM   255  N NH2 . ARG A 1 31  ? 11.983  -7.049  8.520   1.00 75.83  ? 70  ARG A NH2 1 
ATOM   256  N N   . MET A 1 32  ? 5.285   -5.592  4.309   1.00 38.56  ? 71  MET A N   1 
ATOM   257  C CA  . MET A 1 32  ? 4.353   -6.234  3.356   1.00 38.18  ? 71  MET A CA  1 
ATOM   258  C C   . MET A 1 32  ? 5.108   -7.265  2.532   1.00 38.32  ? 71  MET A C   1 
ATOM   259  O O   . MET A 1 32  ? 6.331   -7.088  2.273   1.00 38.60  ? 71  MET A O   1 
ATOM   260  C CB  . MET A 1 32  ? 3.712   -5.196  2.445   1.00 38.09  ? 71  MET A CB  1 
ATOM   261  C CG  . MET A 1 32  ? 2.975   -4.133  3.234   1.00 41.51  ? 71  MET A CG  1 
ATOM   262  S SD  . MET A 1 32  ? 2.511   -2.809  2.162   1.00 42.98  ? 71  MET A SD  1 
ATOM   263  C CE  . MET A 1 32  ? 1.530   -3.770  1.017   1.00 38.88  ? 71  MET A CE  1 
ATOM   264  N N   . PHE A 1 33  ? 4.397   -8.330  2.194   1.00 39.46  ? 72  PHE A N   1 
ATOM   265  C CA  . PHE A 1 33  ? 4.721   -9.258  1.094   1.00 39.03  ? 72  PHE A CA  1 
ATOM   266  C C   . PHE A 1 33  ? 3.462   -9.555  0.304   1.00 38.25  ? 72  PHE A C   1 
ATOM   267  O O   . PHE A 1 33  ? 2.476   -10.028 0.873   1.00 43.70  ? 72  PHE A O   1 
ATOM   268  C CB  . PHE A 1 33  ? 5.296   -10.573 1.628   1.00 42.02  ? 72  PHE A CB  1 
ATOM   269  C CG  . PHE A 1 33  ? 5.848   -11.413 0.517   1.00 41.06  ? 72  PHE A CG  1 
ATOM   270  C CD1 . PHE A 1 33  ? 7.184   -11.322 0.173   1.00 51.49  ? 72  PHE A CD1 1 
ATOM   271  C CD2 . PHE A 1 33  ? 5.012   -12.172 -0.275  1.00 42.72  ? 72  PHE A CD2 1 
ATOM   272  C CE1 . PHE A 1 33  ? 7.682   -12.062 -0.884  1.00 53.26  ? 72  PHE A CE1 1 
ATOM   273  C CE2 . PHE A 1 33  ? 5.505   -12.888 -1.351  1.00 47.60  ? 72  PHE A CE2 1 
ATOM   274  C CZ  . PHE A 1 33  ? 6.837   -12.821 -1.663  1.00 55.09  ? 72  PHE A CZ  1 
ATOM   275  N N   . PRO A 1 34  ? 3.454   -9.344  -1.030  1.00 37.29  ? 73  PRO A N   1 
ATOM   276  C CA  . PRO A 1 34  ? 4.540   -8.677  -1.746  1.00 36.98  ? 73  PRO A CA  1 
ATOM   277  C C   . PRO A 1 34  ? 4.729   -7.224  -1.311  1.00 36.73  ? 73  PRO A C   1 
ATOM   278  O O   . PRO A 1 34  ? 3.886   -6.661  -0.624  1.00 37.23  ? 73  PRO A O   1 
ATOM   279  C CB  . PRO A 1 34  ? 4.097   -8.704  -3.220  1.00 40.13  ? 73  PRO A CB  1 
ATOM   280  C CG  . PRO A 1 34  ? 3.092   -9.817  -3.296  1.00 40.46  ? 73  PRO A CG  1 
ATOM   281  C CD  . PRO A 1 34  ? 2.402   -9.789  -1.949  1.00 38.74  ? 73  PRO A CD  1 
ATOM   282  N N   . VAL A 1 35  ? 5.915   -6.717  -1.601  1.00 38.56  ? 74  VAL A N   1 
ATOM   283  C CA  . VAL A 1 35  ? 6.252   -5.284  -1.426  1.00 35.26  ? 74  VAL A CA  1 
ATOM   284  C C   . VAL A 1 35  ? 5.648   -4.504  -2.597  1.00 36.36  ? 74  VAL A C   1 
ATOM   285  O O   . VAL A 1 35  ? 5.648   -4.999  -3.738  1.00 39.55  ? 74  VAL A O   1 
ATOM   286  C CB  . VAL A 1 35  ? 7.773   -5.127  -1.290  1.00 43.56  ? 74  VAL A CB  1 
ATOM   287  C CG1 . VAL A 1 35  ? 8.197   -3.681  -1.455  1.00 48.10  ? 74  VAL A CG1 1 
ATOM   288  C CG2 . VAL A 1 35  ? 8.246   -5.701  0.054   1.00 44.56  ? 74  VAL A CG2 1 
ATOM   289  N N   . LEU A 1 36  ? 5.150   -3.308  -2.322  1.00 34.38  ? 75  LEU A N   1 
ATOM   290  C CA  . LEU A 1 36  ? 4.658   -2.416  -3.393  1.00 33.23  ? 75  LEU A CA  1 
ATOM   291  C C   . LEU A 1 36  ? 5.855   -1.756  -4.070  1.00 32.36  ? 75  LEU A C   1 
ATOM   292  O O   . LEU A 1 36  ? 6.646   -1.027  -3.406  1.00 34.26  ? 75  LEU A O   1 
ATOM   293  C CB  . LEU A 1 36  ? 3.716   -1.391  -2.783  1.00 36.22  ? 75  LEU A CB  1 
ATOM   294  C CG  . LEU A 1 36  ? 3.070   -0.441  -3.780  1.00 41.31  ? 75  LEU A CG  1 
ATOM   295  C CD1 . LEU A 1 36  ? 2.065   -1.163  -4.657  1.00 46.29  ? 75  LEU A CD1 1 
ATOM   296  C CD2 . LEU A 1 36  ? 2.378   0.693   -3.043  1.00 44.96  ? 75  LEU A CD2 1 
ATOM   297  N N   . LYS A 1 37  ? 5.985   -1.982  -5.365  1.00 35.88  ? 76  LYS A N   1 
ATOM   298  C CA  . LYS A 1 37  ? 7.018   -1.309  -6.177  1.00 35.81  ? 76  LYS A CA  1 
ATOM   299  C C   . LYS A 1 37  ? 6.356   -0.779  -7.423  1.00 34.05  ? 76  LYS A C   1 
ATOM   300  O O   . LYS A 1 37  ? 5.440   -1.455  -7.952  1.00 35.37  ? 76  LYS A O   1 
ATOM   301  C CB  . LYS A 1 37  ? 8.112   -2.289  -6.579  1.00 39.54  ? 76  LYS A CB  1 
ATOM   302  C CG  . LYS A 1 37  ? 8.623   -3.150  -5.439  1.00 43.13  ? 76  LYS A CG  1 
ATOM   303  C CD  . LYS A 1 37  ? 9.950   -3.756  -5.820  1.00 49.75  ? 76  LYS A CD  1 
ATOM   304  C CE  . LYS A 1 37  ? 10.286  -5.014  -5.066  1.00 63.28  ? 76  LYS A CE  1 
ATOM   305  N NZ  . LYS A 1 37  ? 10.429  -6.133  -6.020  1.00 68.13  ? 76  LYS A NZ  1 
ATOM   306  N N   . VAL A 1 38  ? 6.811   0.383   -7.885  1.00 31.36  ? 77  VAL A N   1 
ATOM   307  C CA  . VAL A 1 38  ? 6.205   0.975   -9.097  1.00 32.28  ? 77  VAL A CA  1 
ATOM   308  C C   . VAL A 1 38  ? 7.305   1.470   -10.034 1.00 30.25  ? 77  VAL A C   1 
ATOM   309  O O   . VAL A 1 38  ? 8.379   1.824   -9.555  1.00 32.24  ? 77  VAL A O   1 
ATOM   310  C CB  . VAL A 1 38  ? 5.203   2.092   -8.749  1.00 31.37  ? 77  VAL A CB  1 
ATOM   311  C CG1 . VAL A 1 38  ? 4.006   1.580   -7.955  1.00 32.96  ? 77  VAL A CG1 1 
ATOM   312  C CG2 . VAL A 1 38  ? 5.846   3.267   -8.054  1.00 33.68  ? 77  VAL A CG2 1 
ATOM   313  N N   . ASN A 1 39  ? 6.942   1.635   -11.303 1.00 31.99  ? 78  ASN A N   1 
ATOM   314  C CA  . ASN A 1 39  ? 7.832   2.239   -12.313 1.00 33.19  ? 78  ASN A CA  1 
ATOM   315  C C   . ASN A 1 39  ? 7.142   3.535   -12.736 1.00 35.07  ? 78  ASN A C   1 
ATOM   316  O O   . ASN A 1 39  ? 5.860   3.634   -12.703 1.00 34.79  ? 78  ASN A O   1 
ATOM   317  C CB  . ASN A 1 39  ? 8.208   1.295   -13.444 1.00 38.66  ? 78  ASN A CB  1 
ATOM   318  C CG  . ASN A 1 39  ? 7.008   0.680   -14.113 1.00 49.60  ? 78  ASN A CG  1 
ATOM   319  O OD1 . ASN A 1 39  ? 6.233   1.391   -14.752 1.00 54.47  ? 78  ASN A OD1 1 
ATOM   320  N ND2 . ASN A 1 39  ? 6.827   -0.622  -13.934 1.00 54.17  ? 78  ASN A ND2 1 
ATOM   321  N N   . VAL A 1 40  ? 7.963   4.544   -12.951 1.00 33.31  ? 79  VAL A N   1 
ATOM   322  C CA  . VAL A 1 40  ? 7.467   5.917   -13.206 1.00 32.30  ? 79  VAL A CA  1 
ATOM   323  C C   . VAL A 1 40  ? 8.086   6.408   -14.507 1.00 34.20  ? 79  VAL A C   1 
ATOM   324  O O   . VAL A 1 40  ? 9.322   6.248   -14.687 1.00 34.02  ? 79  VAL A O   1 
ATOM   325  C CB  . VAL A 1 40  ? 7.837   6.832   -12.045 1.00 34.30  ? 79  VAL A CB  1 
ATOM   326  C CG1 . VAL A 1 40  ? 7.221   8.194   -12.254 1.00 35.32  ? 79  VAL A CG1 1 
ATOM   327  C CG2 . VAL A 1 40  ? 7.473   6.194   -10.707 1.00 35.41  ? 79  VAL A CG2 1 
ATOM   328  N N   . SER A 1 41  ? 7.256   6.998   -15.359 1.00 32.59  ? 80  SER A N   1 
ATOM   329  C CA  . SER A 1 41  ? 7.727   7.780   -16.516 1.00 34.80  ? 80  SER A CA  1 
ATOM   330  C C   . SER A 1 41  ? 6.981   9.119   -16.549 1.00 33.79  ? 80  SER A C   1 
ATOM   331  O O   . SER A 1 41  ? 5.892   9.207   -15.983 1.00 34.01  ? 80  SER A O   1 
ATOM   332  C CB  . SER A 1 41  ? 7.552   6.976   -17.787 1.00 37.72  ? 80  SER A CB  1 
ATOM   333  O OG  . SER A 1 41  ? 6.187   6.676   -18.047 1.00 42.38  ? 80  SER A OG  1 
ATOM   334  N N   . GLY A 1 42  ? 7.549   10.122  -17.206 1.00 35.18  ? 81  GLY A N   1 
ATOM   335  C CA  . GLY A 1 42  ? 6.826   11.381  -17.502 1.00 33.60  ? 81  GLY A CA  1 
ATOM   336  C C   . GLY A 1 42  ? 6.843   12.405  -16.389 1.00 34.33  ? 81  GLY A C   1 
ATOM   337  O O   . GLY A 1 42  ? 6.077   13.378  -16.503 1.00 38.93  ? 81  GLY A O   1 
ATOM   338  N N   . LEU A 1 43  ? 7.630   12.215  -15.315 1.00 34.24  ? 82  LEU A N   1 
ATOM   339  C CA  . LEU A 1 43  ? 8.018   13.329  -14.403 1.00 31.53  ? 82  LEU A CA  1 
ATOM   340  C C   . LEU A 1 43  ? 8.992   14.230  -15.135 1.00 31.75  ? 82  LEU A C   1 
ATOM   341  O O   . LEU A 1 43  ? 9.593   13.806  -16.164 1.00 33.53  ? 82  LEU A O   1 
ATOM   342  C CB  . LEU A 1 43  ? 8.686   12.833  -13.127 1.00 33.14  ? 82  LEU A CB  1 
ATOM   343  C CG  . LEU A 1 43  ? 7.806   11.999  -12.218 1.00 35.13  ? 82  LEU A CG  1 
ATOM   344  C CD1 . LEU A 1 43  ? 8.660   11.431  -11.096 1.00 37.05  ? 82  LEU A CD1 1 
ATOM   345  C CD2 . LEU A 1 43  ? 6.654   12.828  -11.654 1.00 36.19  ? 82  LEU A CD2 1 
ATOM   346  N N   . ASP A 1 44  ? 9.115   15.451  -14.638 1.00 34.97  ? 83  ASP A N   1 
ATOM   347  C CA  . ASP A 1 44  ? 10.192  16.360  -15.076 1.00 35.98  ? 83  ASP A CA  1 
ATOM   348  C C   . ASP A 1 44  ? 11.469  15.851  -14.444 1.00 32.49  ? 83  ASP A C   1 
ATOM   349  O O   . ASP A 1 44  ? 11.525  15.794  -13.225 1.00 33.37  ? 83  ASP A O   1 
ATOM   350  C CB  . ASP A 1 44  ? 9.847   17.787  -14.674 1.00 35.63  ? 83  ASP A CB  1 
ATOM   351  C CG  . ASP A 1 44  ? 10.871  18.783  -15.153 1.00 42.49  ? 83  ASP A CG  1 
ATOM   352  O OD1 . ASP A 1 44  ? 11.950  18.354  -15.616 1.00 40.11  ? 83  ASP A OD1 1 
ATOM   353  O OD2 . ASP A 1 44  ? 10.595  19.983  -15.024 1.00 40.30  ? 83  ASP A OD2 1 
ATOM   354  N N   . PRO A 1 45  ? 12.478  15.375  -15.215 1.00 33.82  ? 84  PRO A N   1 
ATOM   355  C CA  . PRO A 1 45  ? 13.698  14.827  -14.620 1.00 33.99  ? 84  PRO A CA  1 
ATOM   356  C C   . PRO A 1 45  ? 14.438  15.828  -13.721 1.00 36.44  ? 84  PRO A C   1 
ATOM   357  O O   . PRO A 1 45  ? 15.087  15.412  -12.788 1.00 35.82  ? 84  PRO A O   1 
ATOM   358  C CB  . PRO A 1 45  ? 14.583  14.430  -15.821 1.00 35.23  ? 84  PRO A CB  1 
ATOM   359  C CG  . PRO A 1 45  ? 13.968  15.111  -17.013 1.00 38.92  ? 84  PRO A CG  1 
ATOM   360  C CD  . PRO A 1 45  ? 12.495  15.305  -16.686 1.00 38.01  ? 84  PRO A CD  1 
ATOM   361  N N   . ASN A 1 46  ? 14.269  17.121  -14.022 1.00 33.65  ? 85  ASN A N   1 
ATOM   362  C CA  . ASN A 1 46  ? 14.923  18.273  -13.376 1.00 33.11  ? 85  ASN A CA  1 
ATOM   363  C C   . ASN A 1 46  ? 14.220  18.661  -12.065 1.00 37.07  ? 85  ASN A C   1 
ATOM   364  O O   . ASN A 1 46  ? 14.878  19.316  -11.248 1.00 38.67  ? 85  ASN A O   1 
ATOM   365  C CB  . ASN A 1 46  ? 14.873  19.478  -14.314 1.00 37.23  ? 85  ASN A CB  1 
ATOM   366  C CG  . ASN A 1 46  ? 15.408  19.163  -15.689 1.00 40.08  ? 85  ASN A CG  1 
ATOM   367  O OD1 . ASN A 1 46  ? 16.558  18.747  -15.832 1.00 45.50  ? 85  ASN A OD1 1 
ATOM   368  N ND2 . ASN A 1 46  ? 14.572  19.344  -16.699 1.00 44.78  ? 85  ASN A ND2 1 
ATOM   369  N N   . ALA A 1 47  ? 12.940  18.309  -11.880 1.00 32.07  ? 86  ALA A N   1 
ATOM   370  C CA  . ALA A 1 47  ? 12.120  18.767  -10.735 1.00 31.26  ? 86  ALA A CA  1 
ATOM   371  C C   . ALA A 1 47  ? 12.364  17.836  -9.551  1.00 30.00  ? 86  ALA A C   1 
ATOM   372  O O   . ALA A 1 47  ? 12.928  16.732  -9.758  1.00 35.49  ? 86  ALA A O   1 
ATOM   373  C CB  . ALA A 1 47  ? 10.659  18.845  -11.107 1.00 33.98  ? 86  ALA A CB  1 
ATOM   374  N N   . MET A 1 48  ? 12.071  18.298  -8.353  1.00 32.88  ? 87  MET A N   1 
ATOM   375  C CA  . MET A 1 48  ? 12.131  17.423  -7.149  1.00 35.35  ? 87  MET A CA  1 
ATOM   376  C C   . MET A 1 48  ? 10.706  17.074  -6.703  1.00 32.87  ? 87  MET A C   1 
ATOM   377  O O   . MET A 1 48  ? 9.782   17.906  -6.836  1.00 34.48  ? 87  MET A O   1 
ATOM   378  C CB  . MET A 1 48  ? 12.912  18.066  -6.004  1.00 36.00  ? 87  MET A CB  1 
ATOM   379  C CG  . MET A 1 48  ? 14.369  18.338  -6.355  1.00 38.89  ? 87  MET A CG  1 
ATOM   380  S SD  . MET A 1 48  ? 15.279  18.712  -4.860  1.00 40.23  ? 87  MET A SD  1 
ATOM   381  C CE  . MET A 1 48  ? 15.551  17.035  -4.290  1.00 43.09  ? 87  MET A CE  1 
ATOM   382  N N   . TYR A 1 49  ? 10.553  15.858  -6.192  1.00 31.68  ? 88  TYR A N   1 
ATOM   383  C CA  . TYR A 1 49  ? 9.269   15.261  -5.800  1.00 30.62  ? 88  TYR A CA  1 
ATOM   384  C C   . TYR A 1 49  ? 9.527   14.427  -4.546  1.00 32.91  ? 88  TYR A C   1 
ATOM   385  O O   . TYR A 1 49  ? 10.646  13.908  -4.406  1.00 32.01  ? 88  TYR A O   1 
ATOM   386  C CB  . TYR A 1 49  ? 8.730   14.336  -6.890  1.00 32.15  ? 88  TYR A CB  1 
ATOM   387  C CG  . TYR A 1 49  ? 8.575   14.969  -8.249  1.00 33.12  ? 88  TYR A CG  1 
ATOM   388  C CD1 . TYR A 1 49  ? 7.414   15.618  -8.605  1.00 30.07  ? 88  TYR A CD1 1 
ATOM   389  C CD2 . TYR A 1 49  ? 9.582   14.870  -9.197  1.00 30.78  ? 88  TYR A CD2 1 
ATOM   390  C CE1 . TYR A 1 49  ? 7.251   16.166  -9.879  1.00 31.02  ? 88  TYR A CE1 1 
ATOM   391  C CE2 . TYR A 1 49  ? 9.433   15.401  -10.464 1.00 32.57  ? 88  TYR A CE2 1 
ATOM   392  C CZ  . TYR A 1 49  ? 8.258   16.037  -10.818 1.00 31.71  ? 88  TYR A CZ  1 
ATOM   393  O OH  . TYR A 1 49  ? 8.181   16.531  -12.090 1.00 33.16  ? 88  TYR A OH  1 
ATOM   394  N N   . SER A 1 50  ? 8.520   14.326  -3.691  1.00 33.28  ? 89  SER A N   1 
ATOM   395  C CA  . SER A 1 50  ? 8.404   13.289  -2.649  1.00 32.43  ? 89  SER A CA  1 
ATOM   396  C C   . SER A 1 50  ? 7.312   12.289  -3.039  1.00 32.70  ? 89  SER A C   1 
ATOM   397  O O   . SER A 1 50  ? 6.300   12.692  -3.665  1.00 34.25  ? 89  SER A O   1 
ATOM   398  C CB  . SER A 1 50  ? 8.141   13.950  -1.332  1.00 34.69  ? 89  SER A CB  1 
ATOM   399  O OG  . SER A 1 50  ? 9.198   14.846  -1.051  1.00 35.50  ? 89  SER A OG  1 
ATOM   400  N N   . PHE A 1 51  ? 7.566   11.016  -2.738  1.00 33.66  ? 90  PHE A N   1 
ATOM   401  C CA  . PHE A 1 51  ? 6.629   9.885   -2.889  1.00 32.51  ? 90  PHE A CA  1 
ATOM   402  C C   . PHE A 1 51  ? 6.065   9.539   -1.508  1.00 32.64  ? 90  PHE A C   1 
ATOM   403  O O   . PHE A 1 51  ? 6.841   9.325   -0.590  1.00 37.53  ? 90  PHE A O   1 
ATOM   404  C CB  . PHE A 1 51  ? 7.323   8.697   -3.551  1.00 34.85  ? 90  PHE A CB  1 
ATOM   405  C CG  . PHE A 1 51  ? 7.413   8.781   -5.052  1.00 32.60  ? 90  PHE A CG  1 
ATOM   406  C CD1 . PHE A 1 51  ? 6.880   7.780   -5.848  1.00 32.59  ? 90  PHE A CD1 1 
ATOM   407  C CD2 . PHE A 1 51  ? 7.953   9.891   -5.675  1.00 33.44  ? 90  PHE A CD2 1 
ATOM   408  C CE1 . PHE A 1 51  ? 6.974   7.838   -7.230  1.00 33.39  ? 90  PHE A CE1 1 
ATOM   409  C CE2 . PHE A 1 51  ? 8.026   9.968   -7.061  1.00 31.70  ? 90  PHE A CE2 1 
ATOM   410  C CZ  . PHE A 1 51  ? 7.539   8.934   -7.837  1.00 32.36  ? 90  PHE A CZ  1 
ATOM   411  N N   . LEU A 1 52  ? 4.742   9.569   -1.382  1.00 33.27  ? 91  LEU A N   1 
ATOM   412  C CA  . LEU A 1 52  ? 3.980   9.204   -0.161  1.00 37.18  ? 91  LEU A CA  1 
ATOM   413  C C   . LEU A 1 52  ? 3.133   7.964   -0.469  1.00 35.04  ? 91  LEU A C   1 
ATOM   414  O O   . LEU A 1 52  ? 2.724   7.791   -1.623  1.00 34.92  ? 91  LEU A O   1 
ATOM   415  C CB  . LEU A 1 52  ? 3.037   10.341  0.238   1.00 41.00  ? 91  LEU A CB  1 
ATOM   416  C CG  . LEU A 1 52  ? 3.628   11.551  0.953   1.00 53.75  ? 91  LEU A CG  1 
ATOM   417  C CD1 . LEU A 1 52  ? 4.916   11.997  0.311   1.00 48.48  ? 91  LEU A CD1 1 
ATOM   418  C CD2 . LEU A 1 52  ? 2.609   12.692  0.973   1.00 49.95  ? 91  LEU A CD2 1 
ATOM   419  N N   . LEU A 1 53  ? 2.882   7.138   0.543   1.00 33.32  ? 92  LEU A N   1 
ATOM   420  C CA  . LEU A 1 53  ? 2.033   5.935   0.432   1.00 30.56  ? 92  LEU A CA  1 
ATOM   421  C C   . LEU A 1 53  ? 1.025   6.038   1.566   1.00 29.74  ? 92  LEU A C   1 
ATOM   422  O O   . LEU A 1 53  ? 1.446   6.287   2.711   1.00 33.31  ? 92  LEU A O   1 
ATOM   423  C CB  . LEU A 1 53  ? 2.890   4.678   0.509   1.00 35.98  ? 92  LEU A CB  1 
ATOM   424  C CG  . LEU A 1 53  ? 2.130   3.366   0.702   1.00 37.19  ? 92  LEU A CG  1 
ATOM   425  C CD1 . LEU A 1 53  ? 1.392   2.942   -0.556  1.00 37.99  ? 92  LEU A CD1 1 
ATOM   426  C CD2 . LEU A 1 53  ? 3.062   2.269   1.159   1.00 37.98  ? 92  LEU A CD2 1 
ATOM   427  N N   . ASP A 1 54  ? -0.243  5.906   1.228   1.00 31.97  ? 93  ASP A N   1 
ATOM   428  C CA  . ASP A 1 54  ? -1.295  5.634   2.237   1.00 33.36  ? 93  ASP A CA  1 
ATOM   429  C C   . ASP A 1 54  ? -2.179  4.498   1.742   1.00 34.27  ? 93  ASP A C   1 
ATOM   430  O O   . ASP A 1 54  ? -1.890  3.913   0.697   1.00 34.64  ? 93  ASP A O   1 
ATOM   431  C CB  . ASP A 1 54  ? -2.062  6.896   2.630   1.00 34.05  ? 93  ASP A CB  1 
ATOM   432  C CG  . ASP A 1 54  ? -3.016  7.454   1.590   1.00 38.06  ? 93  ASP A CG  1 
ATOM   433  O OD1 . ASP A 1 54  ? -2.924  7.105   0.415   1.00 37.69  ? 93  ASP A OD1 1 
ATOM   434  O OD2 . ASP A 1 54  ? -3.889  8.217   1.987   1.00 51.01  ? 93  ASP A OD2 1 
ATOM   435  N N   . PHE A 1 55  ? -3.195  4.166   2.543   1.00 35.26  ? 94  PHE A N   1 
ATOM   436  C CA  . PHE A 1 55  ? -4.011  2.944   2.418   1.00 31.96  ? 94  PHE A CA  1 
ATOM   437  C C   . PHE A 1 55  ? -5.460  3.378   2.576   1.00 35.23  ? 94  PHE A C   1 
ATOM   438  O O   . PHE A 1 55  ? -5.799  3.886   3.630   1.00 37.18  ? 94  PHE A O   1 
ATOM   439  C CB  . PHE A 1 55  ? -3.610  1.916   3.470   1.00 34.19  ? 94  PHE A CB  1 
ATOM   440  C CG  . PHE A 1 55  ? -2.251  1.321   3.243   1.00 34.66  ? 94  PHE A CG  1 
ATOM   441  C CD1 . PHE A 1 55  ? -2.106  0.125   2.543   1.00 35.63  ? 94  PHE A CD1 1 
ATOM   442  C CD2 . PHE A 1 55  ? -1.115  2.011   3.639   1.00 32.59  ? 94  PHE A CD2 1 
ATOM   443  C CE1 . PHE A 1 55  ? -0.842  -0.382  2.300   1.00 36.76  ? 94  PHE A CE1 1 
ATOM   444  C CE2 . PHE A 1 55  ? 0.145   1.494   3.389   1.00 33.55  ? 94  PHE A CE2 1 
ATOM   445  C CZ  . PHE A 1 55  ? 0.269   0.297   2.734   1.00 34.68  ? 94  PHE A CZ  1 
ATOM   446  N N   . VAL A 1 56  ? -6.244  3.261   1.521   1.00 34.16  ? 95  VAL A N   1 
ATOM   447  C CA  . VAL A 1 56  ? -7.655  3.743   1.494   1.00 38.46  ? 95  VAL A CA  1 
ATOM   448  C C   . VAL A 1 56  ? -8.561  2.570   1.859   1.00 37.27  ? 95  VAL A C   1 
ATOM   449  O O   . VAL A 1 56  ? -8.417  1.522   1.263   1.00 34.04  ? 95  VAL A O   1 
ATOM   450  C CB  . VAL A 1 56  ? -8.005  4.329   0.127   1.00 40.31  ? 95  VAL A CB  1 
ATOM   451  C CG1 . VAL A 1 56  ? -9.469  4.731   0.053   1.00 47.77  ? 95  VAL A CG1 1 
ATOM   452  C CG2 . VAL A 1 56  ? -7.091  5.496   -0.196  1.00 43.81  ? 95  VAL A CG2 1 
ATOM   453  N N   . ALA A 1 57  ? -9.447  2.766   2.821   1.00 39.37  ? 96  ALA A N   1 
ATOM   454  C CA  . ALA A 1 57  ? -10.451 1.760   3.238   1.00 46.32  ? 96  ALA A CA  1 
ATOM   455  C C   . ALA A 1 57  ? -11.412 1.516   2.077   1.00 41.23  ? 96  ALA A C   1 
ATOM   456  O O   . ALA A 1 57  ? -12.020 2.480   1.618   1.00 38.22  ? 96  ALA A O   1 
ATOM   457  C CB  . ALA A 1 57  ? -11.193 2.244   4.462   1.00 48.72  ? 96  ALA A CB  1 
ATOM   458  N N   . ALA A 1 58  ? -11.522 0.272   1.609   1.00 38.40  ? 97  ALA A N   1 
ATOM   459  C CA  . ALA A 1 58  ? -12.222 -0.119  0.369   1.00 41.53  ? 97  ALA A CA  1 
ATOM   460  C C   . ALA A 1 58  ? -13.747 -0.180  0.606   1.00 44.17  ? 97  ALA A C   1 
ATOM   461  O O   . ALA A 1 58  ? -14.486 0.107   -0.332  1.00 46.04  ? 97  ALA A O   1 
ATOM   462  C CB  . ALA A 1 58  ? -11.651 -1.423  -0.143  1.00 45.74  ? 97  ALA A CB  1 
ATOM   463  N N   . ASP A 1 59  ? -14.232 -0.432  1.829   1.00 41.47  ? 98  ASP A N   1 
ATOM   464  C CA  . ASP A 1 59  ? -15.631 -0.908  2.018   1.00 42.75  ? 98  ASP A CA  1 
ATOM   465  C C   . ASP A 1 59  ? -16.328 -0.228  3.190   1.00 39.46  ? 98  ASP A C   1 
ATOM   466  O O   . ASP A 1 59  ? -15.643 0.155   4.152   1.00 42.78  ? 98  ASP A O   1 
ATOM   467  C CB  . ASP A 1 59  ? -15.636 -2.409  2.277   1.00 41.89  ? 98  ASP A CB  1 
ATOM   468  C CG  . ASP A 1 59  ? -15.013 -3.184  1.149   1.00 41.79  ? 98  ASP A CG  1 
ATOM   469  O OD1 . ASP A 1 59  ? -14.090 -3.949  1.415   1.00 46.24  ? 98  ASP A OD1 1 
ATOM   470  O OD2 . ASP A 1 59  ? -15.466 -3.023  0.028   1.00 51.22  ? 98  ASP A OD2 1 
ATOM   471  N N   . ASN A 1 60  ? -17.667 -0.143  3.141   1.00 44.99  ? 99  ASN A N   1 
ATOM   472  C CA  . ASN A 1 60  ? -18.488 0.326   4.290   1.00 49.83  ? 99  ASN A CA  1 
ATOM   473  C C   . ASN A 1 60  ? -18.808 -0.882  5.194   1.00 48.22  ? 99  ASN A C   1 
ATOM   474  O O   . ASN A 1 60  ? -19.812 -0.865  5.925   1.00 42.44  ? 99  ASN A O   1 
ATOM   475  C CB  . ASN A 1 60  ? -19.730 1.098   3.814   1.00 61.67  ? 99  ASN A CB  1 
ATOM   476  C CG  . ASN A 1 60  ? -20.830 0.210   3.259   1.00 72.44  ? 99  ASN A CG  1 
ATOM   477  O OD1 . ASN A 1 60  ? -20.562 -0.884  2.758   1.00 79.21  ? 99  ASN A OD1 1 
ATOM   478  N ND2 . ASN A 1 60  ? -22.076 0.666   3.337   1.00 74.21  ? 99  ASN A ND2 1 
ATOM   479  N N   . HIS A 1 61  ? -17.970 -1.915  5.197   1.00 42.32  ? 100 HIS A N   1 
ATOM   480  C CA  . HIS A 1 61  ? -18.170 -3.070  6.107   1.00 38.67  ? 100 HIS A CA  1 
ATOM   481  C C   . HIS A 1 61  ? -16.841 -3.799  6.276   1.00 36.85  ? 100 HIS A C   1 
ATOM   482  O O   . HIS A 1 61  ? -15.899 -3.593  5.457   1.00 39.18  ? 100 HIS A O   1 
ATOM   483  C CB  . HIS A 1 61  ? -19.278 -3.986  5.586   1.00 42.15  ? 100 HIS A CB  1 
ATOM   484  C CG  . HIS A 1 61  ? -18.913 -4.610  4.288   1.00 37.18  ? 100 HIS A CG  1 
ATOM   485  N ND1 . HIS A 1 61  ? -19.336 -4.114  3.070   1.00 40.84  ? 100 HIS A ND1 1 
ATOM   486  C CD2 . HIS A 1 61  ? -18.129 -5.674  4.007   1.00 37.47  ? 100 HIS A CD2 1 
ATOM   487  C CE1 . HIS A 1 61  ? -18.840 -4.879  2.110   1.00 35.97  ? 100 HIS A CE1 1 
ATOM   488  N NE2 . HIS A 1 61  ? -18.122 -5.822  2.645   1.00 39.89  ? 100 HIS A NE2 1 
ATOM   489  N N   . ARG A 1 62  ? -16.772 -4.597  7.322   1.00 34.17  ? 101 ARG A N   1 
ATOM   490  C CA  . ARG A 1 62  ? -15.585 -5.409  7.587   1.00 35.66  ? 101 ARG A CA  1 
ATOM   491  C C   . ARG A 1 62  ? -15.839 -6.771  6.963   1.00 32.07  ? 101 ARG A C   1 
ATOM   492  O O   . ARG A 1 62  ? -16.895 -7.003  6.395   1.00 34.93  ? 101 ARG A O   1 
ATOM   493  C CB  . ARG A 1 62  ? -15.252 -5.381  9.078   1.00 39.29  ? 101 ARG A CB  1 
ATOM   494  C CG  . ARG A 1 62  ? -16.301 -6.012  9.966   1.00 47.99  ? 101 ARG A CG  1 
ATOM   495  C CD  . ARG A 1 62  ? -16.079 -5.610  11.416  1.00 55.53  ? 101 ARG A CD  1 
ATOM   496  N NE  . ARG A 1 62  ? -16.120 -6.823  12.202  1.00 65.43  ? 101 ARG A NE  1 
ATOM   497  C CZ  . ARG A 1 62  ? -15.789 -6.902  13.481  1.00 83.81  ? 101 ARG A CZ  1 
ATOM   498  N NH1 . ARG A 1 62  ? -15.879 -8.063  14.110  1.00 84.34  ? 101 ARG A NH1 1 
ATOM   499  N NH2 . ARG A 1 62  ? -15.383 -5.821  14.126  1.00 88.83  ? 101 ARG A NH2 1 
ATOM   500  N N   . TRP A 1 63  ? -14.840 -7.628  7.047   1.00 35.27  ? 102 TRP A N   1 
ATOM   501  C CA  . TRP A 1 63  ? -14.853 -8.937  6.368   1.00 33.33  ? 102 TRP A CA  1 
ATOM   502  C C   . TRP A 1 63  ? -14.640 -10.011 7.437   1.00 34.97  ? 102 TRP A C   1 
ATOM   503  O O   . TRP A 1 63  ? -14.135 -9.699  8.514   1.00 38.45  ? 102 TRP A O   1 
ATOM   504  C CB  . TRP A 1 63  ? -13.757 -8.976  5.298   1.00 34.45  ? 102 TRP A CB  1 
ATOM   505  C CG  . TRP A 1 63  ? -14.053 -8.108  4.125   1.00 35.55  ? 102 TRP A CG  1 
ATOM   506  C CD1 . TRP A 1 63  ? -13.688 -6.807  3.947   1.00 36.53  ? 102 TRP A CD1 1 
ATOM   507  C CD2 . TRP A 1 63  ? -14.814 -8.478  2.969   1.00 35.65  ? 102 TRP A CD2 1 
ATOM   508  N NE1 . TRP A 1 63  ? -14.183 -6.355  2.757   1.00 35.20  ? 102 TRP A NE1 1 
ATOM   509  C CE2 . TRP A 1 63  ? -14.845 -7.352  2.115   1.00 37.39  ? 102 TRP A CE2 1 
ATOM   510  C CE3 . TRP A 1 63  ? -15.469 -9.650  2.552   1.00 36.22  ? 102 TRP A CE3 1 
ATOM   511  C CZ2 . TRP A 1 63  ? -15.523 -7.358  0.893   1.00 33.86  ? 102 TRP A CZ2 1 
ATOM   512  C CZ3 . TRP A 1 63  ? -16.107 -9.660  1.330   1.00 39.82  ? 102 TRP A CZ3 1 
ATOM   513  C CH2 . TRP A 1 63  ? -16.145 -8.523  0.523   1.00 39.84  ? 102 TRP A CH2 1 
ATOM   514  N N   A LYS A 1 64  ? -15.057 -11.244 7.138   0.25 37.24  ? 103 LYS A N   1 
ATOM   515  N N   B LYS A 1 64  ? -15.032 -11.249 7.136   0.25 35.32  ? 103 LYS A N   1 
ATOM   516  C CA  A LYS A 1 64  ? -14.785 -12.447 7.969   0.25 39.80  ? 103 LYS A CA  1 
ATOM   517  C CA  B LYS A 1 64  ? -14.717 -12.431 7.980   0.25 36.50  ? 103 LYS A CA  1 
ATOM   518  C C   A LYS A 1 64  ? -14.510 -13.617 7.024   0.25 39.40  ? 103 LYS A C   1 
ATOM   519  C C   B LYS A 1 64  ? -14.558 -13.643 7.060   0.25 37.75  ? 103 LYS A C   1 
ATOM   520  O O   A LYS A 1 64  ? -15.041 -13.582 5.902   0.25 35.87  ? 103 LYS A O   1 
ATOM   521  O O   B LYS A 1 64  ? -15.210 -13.661 5.998   0.25 34.82  ? 103 LYS A O   1 
ATOM   522  C CB  A LYS A 1 64  ? -15.959 -12.744 8.907   0.25 44.41  ? 103 LYS A CB  1 
ATOM   523  C CB  B LYS A 1 64  ? -15.781 -12.619 9.067   0.25 38.45  ? 103 LYS A CB  1 
ATOM   524  C CG  A LYS A 1 64  ? -15.700 -13.864 9.905   0.25 48.69  ? 103 LYS A CG  1 
ATOM   525  C CG  B LYS A 1 64  ? -17.202 -12.870 8.584   0.25 38.43  ? 103 LYS A CG  1 
ATOM   526  C CD  A LYS A 1 64  ? -16.880 -14.180 10.795  0.25 51.71  ? 103 LYS A CD  1 
ATOM   527  C CD  B LYS A 1 64  ? -18.094 -13.387 9.697   0.25 41.62  ? 103 LYS A CD  1 
ATOM   528  C CE  A LYS A 1 64  ? -16.595 -15.300 11.773  0.25 53.46  ? 103 LYS A CE  1 
ATOM   529  C CE  B LYS A 1 64  ? -19.563 -13.057 9.544   0.25 41.38  ? 103 LYS A CE  1 
ATOM   530  N NZ  A LYS A 1 64  ? -17.827 -15.726 12.477  0.25 54.65  ? 103 LYS A NZ  1 
ATOM   531  N NZ  B LYS A 1 64  ? -20.049 -13.211 8.156   0.25 43.30  ? 103 LYS A NZ  1 
ATOM   532  N N   . TYR A 1 65  ? -13.703 -14.592 7.461   1.00 38.59  ? 104 TYR A N   1 
ATOM   533  C CA  . TYR A 1 65  ? -13.336 -15.783 6.665   1.00 38.53  ? 104 TYR A CA  1 
ATOM   534  C C   . TYR A 1 65  ? -14.185 -16.905 7.245   1.00 39.19  ? 104 TYR A C   1 
ATOM   535  O O   . TYR A 1 65  ? -13.941 -17.202 8.411   1.00 40.90  ? 104 TYR A O   1 
ATOM   536  C CB  . TYR A 1 65  ? -11.839 -16.106 6.758   1.00 38.65  ? 104 TYR A CB  1 
ATOM   537  C CG  . TYR A 1 65  ? -11.309 -17.028 5.694   1.00 39.61  ? 104 TYR A CG  1 
ATOM   538  C CD1 . TYR A 1 65  ? -11.268 -16.616 4.380   1.00 42.20  ? 104 TYR A CD1 1 
ATOM   539  C CD2 . TYR A 1 65  ? -10.795 -18.294 5.989   1.00 45.09  ? 104 TYR A CD2 1 
ATOM   540  C CE1 . TYR A 1 65  ? -10.800 -17.439 3.375   1.00 41.27  ? 104 TYR A CE1 1 
ATOM   541  C CE2 . TYR A 1 65  ? -10.267 -19.114 4.995   1.00 42.61  ? 104 TYR A CE2 1 
ATOM   542  C CZ  . TYR A 1 65  ? -10.270 -18.687 3.682   1.00 46.05  ? 104 TYR A CZ  1 
ATOM   543  O OH  . TYR A 1 65  ? -9.816  -19.435 2.634   1.00 48.12  ? 104 TYR A OH  1 
ATOM   544  N N   . VAL A 1 66  ? -15.215 -17.333 6.514   1.00 43.11  ? 105 VAL A N   1 
ATOM   545  C CA  . VAL A 1 66  ? -16.222 -18.340 6.954   1.00 42.45  ? 105 VAL A CA  1 
ATOM   546  C C   . VAL A 1 66  ? -16.223 -19.445 5.911   1.00 39.56  ? 105 VAL A C   1 
ATOM   547  O O   . VAL A 1 66  ? -16.442 -19.145 4.728   1.00 38.96  ? 105 VAL A O   1 
ATOM   548  C CB  . VAL A 1 66  ? -17.622 -17.735 7.153   1.00 45.39  ? 105 VAL A CB  1 
ATOM   549  C CG1 . VAL A 1 66  ? -18.652 -18.797 7.534   1.00 48.98  ? 105 VAL A CG1 1 
ATOM   550  C CG2 . VAL A 1 66  ? -17.595 -16.639 8.198   1.00 48.18  ? 105 VAL A CG2 1 
ATOM   551  N N   . ASN A 1 67  ? -15.963 -20.673 6.339   1.00 37.19  ? 106 ASN A N   1 
ATOM   552  C CA  . ASN A 1 67  ? -16.079 -21.856 5.454   1.00 38.00  ? 106 ASN A CA  1 
ATOM   553  C C   . ASN A 1 67  ? -15.209 -21.626 4.216   1.00 35.55  ? 106 ASN A C   1 
ATOM   554  O O   . ASN A 1 67  ? -15.620 -22.016 3.139   1.00 38.80  ? 106 ASN A O   1 
ATOM   555  C CB  . ASN A 1 67  ? -17.541 -22.141 5.108   1.00 40.64  ? 106 ASN A CB  1 
ATOM   556  C CG  . ASN A 1 67  ? -18.373 -22.462 6.330   1.00 41.25  ? 106 ASN A CG  1 
ATOM   557  O OD1 . ASN A 1 67  ? -17.841 -22.989 7.312   1.00 43.48  ? 106 ASN A OD1 1 
ATOM   558  N ND2 . ASN A 1 67  ? -19.675 -22.199 6.247   1.00 38.06  ? 106 ASN A ND2 1 
ATOM   559  N N   . GLY A 1 68  ? -14.005 -21.078 4.413   1.00 39.44  ? 107 GLY A N   1 
ATOM   560  C CA  . GLY A 1 68  ? -12.987 -20.951 3.355   1.00 38.04  ? 107 GLY A CA  1 
ATOM   561  C C   . GLY A 1 68  ? -13.308 -19.823 2.392   1.00 40.48  ? 107 GLY A C   1 
ATOM   562  O O   . GLY A 1 68  ? -12.764 -19.847 1.284   1.00 46.21  ? 107 GLY A O   1 
ATOM   563  N N   . GLU A 1 69  ? -14.160 -18.883 2.802   1.00 41.68  ? 108 GLU A N   1 
ATOM   564  C CA  . GLU A 1 69  ? -14.722 -17.815 1.914   1.00 46.32  ? 108 GLU A CA  1 
ATOM   565  C C   . GLU A 1 69  ? -14.605 -16.489 2.684   1.00 45.55  ? 108 GLU A C   1 
ATOM   566  O O   . GLU A 1 69  ? -14.933 -16.470 3.869   1.00 38.07  ? 108 GLU A O   1 
ATOM   567  C CB  . GLU A 1 69  ? -16.166 -18.237 1.571   1.00 49.27  ? 108 GLU A CB  1 
ATOM   568  C CG  . GLU A 1 69  ? -16.800 -17.676 0.315   1.00 64.39  ? 108 GLU A CG  1 
ATOM   569  C CD  . GLU A 1 69  ? -18.320 -17.880 0.174   1.00 65.85  ? 108 GLU A CD  1 
ATOM   570  O OE1 . GLU A 1 69  ? -19.013 -18.173 1.189   1.00 57.36  ? 108 GLU A OE1 1 
ATOM   571  O OE2 . GLU A 1 69  ? -18.841 -17.712 -0.951  1.00 69.88  ? 108 GLU A OE2 1 
ATOM   572  N N   . TRP A 1 70  ? -14.165 -15.387 2.063   1.00 39.04  ? 109 TRP A N   1 
ATOM   573  C CA  . TRP A 1 70  ? -14.262 -14.064 2.725   1.00 38.71  ? 109 TRP A CA  1 
ATOM   574  C C   . TRP A 1 70  ? -15.678 -13.518 2.497   1.00 37.48  ? 109 TRP A C   1 
ATOM   575  O O   . TRP A 1 70  ? -16.132 -13.484 1.339   1.00 40.39  ? 109 TRP A O   1 
ATOM   576  C CB  . TRP A 1 70  ? -13.175 -13.099 2.214   1.00 40.37  ? 109 TRP A CB  1 
ATOM   577  C CG  . TRP A 1 70  ? -11.829 -13.305 2.835   1.00 38.32  ? 109 TRP A CG  1 
ATOM   578  C CD1 . TRP A 1 70  ? -10.738 -13.915 2.281   1.00 36.08  ? 109 TRP A CD1 1 
ATOM   579  C CD2 . TRP A 1 70  ? -11.428 -12.876 4.138   1.00 38.05  ? 109 TRP A CD2 1 
ATOM   580  N NE1 . TRP A 1 70  ? -9.704  -13.894 3.166   1.00 38.58  ? 109 TRP A NE1 1 
ATOM   581  C CE2 . TRP A 1 70  ? -10.083 -13.243 4.304   1.00 38.98  ? 109 TRP A CE2 1 
ATOM   582  C CE3 . TRP A 1 70  ? -12.059 -12.177 5.165   1.00 36.50  ? 109 TRP A CE3 1 
ATOM   583  C CZ2 . TRP A 1 70  ? -9.377  -12.960 5.467   1.00 39.26  ? 109 TRP A CZ2 1 
ATOM   584  C CZ3 . TRP A 1 70  ? -11.377 -11.938 6.329   1.00 41.48  ? 109 TRP A CZ3 1 
ATOM   585  C CH2 . TRP A 1 70  ? -10.042 -12.323 6.479   1.00 43.72  ? 109 TRP A CH2 1 
ATOM   586  N N   . VAL A 1 71  ? -16.384 -13.152 3.553   1.00 37.55  ? 110 VAL A N   1 
ATOM   587  C CA  . VAL A 1 71  ? -17.779 -12.634 3.424   1.00 36.24  ? 110 VAL A CA  1 
ATOM   588  C C   . VAL A 1 71  ? -17.913 -11.386 4.289   1.00 31.88  ? 110 VAL A C   1 
ATOM   589  O O   . VAL A 1 71  ? -17.154 -11.165 5.246   1.00 33.92  ? 110 VAL A O   1 
ATOM   590  C CB  . VAL A 1 71  ? -18.820 -13.709 3.805   1.00 38.66  ? 110 VAL A CB  1 
ATOM   591  C CG1 . VAL A 1 71  ? -18.769 -14.903 2.860   1.00 40.33  ? 110 VAL A CG1 1 
ATOM   592  C CG2 . VAL A 1 71  ? -18.619 -14.157 5.235   1.00 40.87  ? 110 VAL A CG2 1 
ATOM   593  N N   . PRO A 1 72  ? -18.875 -10.499 3.974   1.00 33.12  ? 111 PRO A N   1 
ATOM   594  C CA  . PRO A 1 72  ? -19.121 -9.329  4.815   1.00 35.17  ? 111 PRO A CA  1 
ATOM   595  C C   . PRO A 1 72  ? -19.320 -9.778  6.268   1.00 36.68  ? 111 PRO A C   1 
ATOM   596  O O   . PRO A 1 72  ? -20.047 -10.747 6.474   1.00 38.22  ? 111 PRO A O   1 
ATOM   597  C CB  . PRO A 1 72  ? -20.403 -8.733  4.212   1.00 38.27  ? 111 PRO A CB  1 
ATOM   598  C CG  . PRO A 1 72  ? -20.328 -9.146  2.755   1.00 37.59  ? 111 PRO A CG  1 
ATOM   599  C CD  . PRO A 1 72  ? -19.745 -10.547 2.789   1.00 37.09  ? 111 PRO A CD  1 
ATOM   600  N N   . GLY A 1 73  ? -18.659 -9.104  7.213   1.00 36.04  ? 112 GLY A N   1 
ATOM   601  C CA  . GLY A 1 73  ? -18.500 -9.569  8.610   1.00 39.83  ? 112 GLY A CA  1 
ATOM   602  C C   . GLY A 1 73  ? -18.869 -8.533  9.651   1.00 40.60  ? 112 GLY A C   1 
ATOM   603  O O   . GLY A 1 73  ? -18.470 -8.699  10.838  1.00 43.91  ? 112 GLY A O   1 
ATOM   604  N N   . GLY A 1 74  ? -19.613 -7.511  9.253   1.00 36.69  ? 113 GLY A N   1 
ATOM   605  C CA  . GLY A 1 74  ? -20.153 -6.527  10.199  1.00 38.96  ? 113 GLY A CA  1 
ATOM   606  C C   . GLY A 1 74  ? -19.945 -5.115  9.723   1.00 41.23  ? 113 GLY A C   1 
ATOM   607  O O   . GLY A 1 74  ? -19.382 -4.908  8.656   1.00 36.03  ? 113 GLY A O   1 
ATOM   608  N N   . LYS A 1 75  ? -20.386 -4.150  10.523  1.00 43.51  ? 114 LYS A N   1 
ATOM   609  C CA  . LYS A 1 75  ? -20.123 -2.724  10.271  1.00 42.95  ? 114 LYS A CA  1 
ATOM   610  C C   . LYS A 1 75  ? -18.641 -2.439  10.497  1.00 46.77  ? 114 LYS A C   1 
ATOM   611  O O   . LYS A 1 75  ? -17.978 -3.052  11.340  1.00 45.67  ? 114 LYS A O   1 
ATOM   612  C CB  . LYS A 1 75  ? -21.010 -1.871  11.169  1.00 52.03  ? 114 LYS A CB  1 
ATOM   613  C CG  . LYS A 1 75  ? -22.407 -1.660  10.620  1.00 53.68  ? 114 LYS A CG  1 
ATOM   614  C CD  . LYS A 1 75  ? -23.446 -1.655  11.687  1.00 61.15  ? 114 LYS A CD  1 
ATOM   615  C CE  . LYS A 1 75  ? -24.630 -0.788  11.359  1.00 52.32  ? 114 LYS A CE  1 
ATOM   616  N NZ  . LYS A 1 75  ? -24.686 -0.449  9.919   1.00 58.79  ? 114 LYS A NZ  1 
ATOM   617  N N   . PRO A 1 76  ? -18.094 -1.463  9.755   1.00 44.18  ? 115 PRO A N   1 
ATOM   618  C CA  . PRO A 1 76  ? -16.674 -1.142  9.855   1.00 53.22  ? 115 PRO A CA  1 
ATOM   619  C C   . PRO A 1 76  ? -16.400 -0.442  11.196  1.00 58.53  ? 115 PRO A C   1 
ATOM   620  O O   . PRO A 1 76  ? -17.310 0.156   11.772  1.00 56.71  ? 115 PRO A O   1 
ATOM   621  C CB  . PRO A 1 76  ? -16.443 -0.253  8.629   1.00 53.57  ? 115 PRO A CB  1 
ATOM   622  C CG  . PRO A 1 76  ? -17.770 0.444   8.411   1.00 53.58  ? 115 PRO A CG  1 
ATOM   623  C CD  . PRO A 1 76  ? -18.825 -0.531  8.887   1.00 47.99  ? 115 PRO A CD  1 
ATOM   624  N N   . GLU A 1 77  ? -15.185 -0.610  11.715  1.00 57.48  ? 116 GLU A N   1 
ATOM   625  C CA  . GLU A 1 77  ? -14.626 0.195   12.833  1.00 61.03  ? 116 GLU A CA  1 
ATOM   626  C C   . GLU A 1 77  ? -14.445 1.630   12.319  1.00 61.67  ? 116 GLU A C   1 
ATOM   627  O O   . GLU A 1 77  ? -14.339 1.855   11.113  1.00 57.03  ? 116 GLU A O   1 
ATOM   628  C CB  . GLU A 1 77  ? -13.350 -0.492  13.351  1.00 66.83  ? 116 GLU A CB  1 
ATOM   629  C CG  . GLU A 1 77  ? -13.602 -1.839  14.041  1.00 67.94  ? 116 GLU A CG  1 
ATOM   630  C CD  . GLU A 1 77  ? -12.431 -2.806  14.171  1.00 73.88  ? 116 GLU A CD  1 
ATOM   631  O OE1 . GLU A 1 77  ? -11.425 -2.448  14.814  1.00 78.36  ? 116 GLU A OE1 1 
ATOM   632  O OE2 . GLU A 1 77  ? -12.530 -3.934  13.636  1.00 81.87  ? 116 GLU A OE2 1 
ATOM   633  N N   . PRO A 1 78  ? -14.491 2.671   13.189  1.00 63.63  ? 117 PRO A N   1 
ATOM   634  C CA  . PRO A 1 78  ? -14.142 4.027   12.767  1.00 67.65  ? 117 PRO A CA  1 
ATOM   635  C C   . PRO A 1 78  ? -12.792 4.017   12.033  1.00 69.51  ? 117 PRO A C   1 
ATOM   636  O O   . PRO A 1 78  ? -11.896 3.257   12.437  1.00 57.31  ? 117 PRO A O   1 
ATOM   637  C CB  . PRO A 1 78  ? -14.053 4.820   14.074  1.00 67.73  ? 117 PRO A CB  1 
ATOM   638  C CG  . PRO A 1 78  ? -14.973 4.064   15.026  1.00 69.64  ? 117 PRO A CG  1 
ATOM   639  C CD  . PRO A 1 78  ? -14.915 2.611   14.599  1.00 67.98  ? 117 PRO A CD  1 
ATOM   640  N N   . GLN A 1 79  ? -12.686 4.829   10.976  1.00 70.52  ? 118 GLN A N   1 
ATOM   641  C CA  . GLN A 1 79  ? -11.497 4.874   10.083  1.00 81.26  ? 118 GLN A CA  1 
ATOM   642  C C   . GLN A 1 79  ? -10.233 5.033   10.935  1.00 80.20  ? 118 GLN A C   1 
ATOM   643  O O   . GLN A 1 79  ? -10.224 5.910   11.823  1.00 67.15  ? 118 GLN A O   1 
ATOM   644  C CB  . GLN A 1 79  ? -11.624 5.996   9.051   1.00 88.93  ? 118 GLN A CB  1 
ATOM   645  C CG  . GLN A 1 79  ? -12.797 5.799   8.097   1.00 100.17 ? 118 GLN A CG  1 
ATOM   646  C CD  . GLN A 1 79  ? -12.420 5.986   6.646   1.00 108.50 ? 118 GLN A CD  1 
ATOM   647  O OE1 . GLN A 1 79  ? -11.544 6.779   6.306   1.00 108.32 ? 118 GLN A OE1 1 
ATOM   648  N NE2 . GLN A 1 79  ? -13.091 5.249   5.774   1.00 112.90 ? 118 GLN A NE2 1 
ATOM   649  N N   . ALA A 1 80  ? -9.227  4.185   10.677  1.00 83.07  ? 119 ALA A N   1 
ATOM   650  C CA  . ALA A 1 80  ? -7.851  4.273   11.219  1.00 86.89  ? 119 ALA A CA  1 
ATOM   651  C C   . ALA A 1 80  ? -7.344  5.713   11.079  1.00 88.38  ? 119 ALA A C   1 
ATOM   652  O O   . ALA A 1 80  ? -7.664  6.384   10.096  1.00 86.30  ? 119 ALA A O   1 
ATOM   653  C CB  . ALA A 1 80  ? -6.966  3.291   10.485  1.00 81.07  ? 119 ALA A CB  1 
ATOM   654  N N   . PRO A 1 81  ? -6.551  6.245   12.043  1.00 89.46  ? 120 PRO A N   1 
ATOM   655  C CA  . PRO A 1 81  ? -6.060  7.624   11.960  1.00 88.80  ? 120 PRO A CA  1 
ATOM   656  C C   . PRO A 1 81  ? -5.117  7.809   10.760  1.00 83.41  ? 120 PRO A C   1 
ATOM   657  O O   . PRO A 1 81  ? -4.223  6.992   10.600  1.00 88.70  ? 120 PRO A O   1 
ATOM   658  C CB  . PRO A 1 81  ? -5.306  7.834   13.280  1.00 89.62  ? 120 PRO A CB  1 
ATOM   659  C CG  . PRO A 1 81  ? -4.905  6.432   13.698  1.00 90.49  ? 120 PRO A CG  1 
ATOM   660  C CD  . PRO A 1 81  ? -6.037  5.541   13.227  1.00 89.27  ? 120 PRO A CD  1 
ATOM   661  N N   . SER A 1 82  ? -5.359  8.851   9.955   1.00 78.93  ? 121 SER A N   1 
ATOM   662  C CA  . SER A 1 82  ? -4.661  9.153   8.672   1.00 79.79  ? 121 SER A CA  1 
ATOM   663  C C   . SER A 1 82  ? -3.147  8.996   8.835   1.00 70.11  ? 121 SER A C   1 
ATOM   664  O O   . SER A 1 82  ? -2.518  9.908   9.423   1.00 76.42  ? 121 SER A O   1 
ATOM   665  C CB  . SER A 1 82  ? -5.002  10.538  8.180   1.00 83.77  ? 121 SER A CB  1 
ATOM   666  O OG  . SER A 1 82  ? -6.401  10.670  8.009   1.00 86.95  ? 121 SER A OG  1 
ATOM   667  N N   . CYS A 1 83  ? -2.593  7.874   8.364   1.00 53.34  ? 122 CYS A N   1 
ATOM   668  C CA  . CYS A 1 83  ? -1.134  7.613   8.344   1.00 49.98  ? 122 CYS A CA  1 
ATOM   669  C C   . CYS A 1 83  ? -0.659  7.710   6.895   1.00 48.40  ? 122 CYS A C   1 
ATOM   670  O O   . CYS A 1 83  ? -1.288  7.089   6.005   1.00 42.09  ? 122 CYS A O   1 
ATOM   671  C CB  . CYS A 1 83  ? -0.773  6.247   8.917   1.00 52.79  ? 122 CYS A CB  1 
ATOM   672  S SG  . CYS A 1 83  ? -1.406  5.961   10.596  1.00 57.43  ? 122 CYS A SG  1 
ATOM   673  N N   . VAL A 1 84  ? 0.386   8.493   6.676   1.00 42.17  ? 123 VAL A N   1 
ATOM   674  C CA  . VAL A 1 84  ? 1.107   8.557   5.382   1.00 43.82  ? 123 VAL A CA  1 
ATOM   675  C C   . VAL A 1 84  ? 2.540   8.108   5.656   1.00 44.32  ? 123 VAL A C   1 
ATOM   676  O O   . VAL A 1 84  ? 3.089   8.455   6.711   1.00 46.51  ? 123 VAL A O   1 
ATOM   677  C CB  . VAL A 1 84  ? 1.020   9.948   4.745   1.00 44.91  ? 123 VAL A CB  1 
ATOM   678  C CG1 . VAL A 1 84  ? 1.558   9.912   3.341   1.00 47.63  ? 123 VAL A CG1 1 
ATOM   679  C CG2 . VAL A 1 84  ? -0.389  10.511  4.766   1.00 52.32  ? 123 VAL A CG2 1 
ATOM   680  N N   . TYR A 1 85  ? 3.060   7.235   4.802   1.00 38.58  ? 124 TYR A N   1 
ATOM   681  C CA  . TYR A 1 85  ? 4.469   6.817   4.764   1.00 35.65  ? 124 TYR A CA  1 
ATOM   682  C C   . TYR A 1 85  ? 5.190   7.650   3.719   1.00 36.65  ? 124 TYR A C   1 
ATOM   683  O O   . TYR A 1 85  ? 4.698   7.714   2.577   1.00 35.20  ? 124 TYR A O   1 
ATOM   684  C CB  . TYR A 1 85  ? 4.586   5.353   4.378   1.00 35.72  ? 124 TYR A CB  1 
ATOM   685  C CG  . TYR A 1 85  ? 5.993   4.843   4.302   1.00 38.39  ? 124 TYR A CG  1 
ATOM   686  C CD1 . TYR A 1 85  ? 6.708   4.533   5.452   1.00 41.09  ? 124 TYR A CD1 1 
ATOM   687  C CD2 . TYR A 1 85  ? 6.587   4.599   3.083   1.00 37.64  ? 124 TYR A CD2 1 
ATOM   688  C CE1 . TYR A 1 85  ? 7.993   4.036   5.380   1.00 39.39  ? 124 TYR A CE1 1 
ATOM   689  C CE2 . TYR A 1 85  ? 7.873   4.097   2.997   1.00 40.85  ? 124 TYR A CE2 1 
ATOM   690  C CZ  . TYR A 1 85  ? 8.585   3.825   4.153   1.00 37.98  ? 124 TYR A CZ  1 
ATOM   691  O OH  . TYR A 1 85  ? 9.848   3.317   4.044   1.00 41.75  ? 124 TYR A OH  1 
ATOM   692  N N   . ILE A 1 86  ? 6.292   8.283   4.110   1.00 37.90  ? 125 ILE A N   1 
ATOM   693  C CA  . ILE A 1 86  ? 7.111   9.097   3.183   1.00 37.46  ? 125 ILE A CA  1 
ATOM   694  C C   . ILE A 1 86  ? 8.209   8.184   2.699   1.00 33.02  ? 125 ILE A C   1 
ATOM   695  O O   . ILE A 1 86  ? 9.002   7.676   3.515   1.00 35.14  ? 125 ILE A O   1 
ATOM   696  C CB  . ILE A 1 86  ? 7.652   10.376  3.849   1.00 42.96  ? 125 ILE A CB  1 
ATOM   697  C CG1 . ILE A 1 86  ? 6.512   11.337  4.192   1.00 47.18  ? 125 ILE A CG1 1 
ATOM   698  C CG2 . ILE A 1 86  ? 8.688   11.030  2.948   1.00 42.44  ? 125 ILE A CG2 1 
ATOM   699  C CD1 . ILE A 1 86  ? 6.920   12.467  5.118   1.00 55.18  ? 125 ILE A CD1 1 
ATOM   700  N N   . HIS A 1 87  ? 8.317   8.006   1.391   1.00 33.79  ? 126 HIS A N   1 
ATOM   701  C CA  . HIS A 1 87  ? 9.376   7.130   0.851   1.00 35.01  ? 126 HIS A CA  1 
ATOM   702  C C   . HIS A 1 87  ? 10.728  7.711   1.270   1.00 34.59  ? 126 HIS A C   1 
ATOM   703  O O   . HIS A 1 87  ? 10.950  8.910   1.148   1.00 34.02  ? 126 HIS A O   1 
ATOM   704  C CB  . HIS A 1 87  ? 9.238   6.964   -0.662  1.00 33.37  ? 126 HIS A CB  1 
ATOM   705  C CG  . HIS A 1 87  ? 10.186  5.957   -1.207  1.00 31.88  ? 126 HIS A CG  1 
ATOM   706  N ND1 . HIS A 1 87  ? 11.524  6.228   -1.363  1.00 33.06  ? 126 HIS A ND1 1 
ATOM   707  C CD2 . HIS A 1 87  ? 9.987   4.706   -1.665  1.00 32.77  ? 126 HIS A CD2 1 
ATOM   708  C CE1 . HIS A 1 87  ? 12.121  5.178   -1.884  1.00 33.31  ? 126 HIS A CE1 1 
ATOM   709  N NE2 . HIS A 1 87  ? 11.215  4.223   -2.060  1.00 34.37  ? 126 HIS A NE2 1 
ATOM   710  N N   . PRO A 1 88  ? 11.662  6.895   1.808   1.00 36.27  ? 127 PRO A N   1 
ATOM   711  C CA  . PRO A 1 88  ? 12.900  7.430   2.375   1.00 39.97  ? 127 PRO A CA  1 
ATOM   712  C C   . PRO A 1 88  ? 13.831  8.169   1.391   1.00 39.14  ? 127 PRO A C   1 
ATOM   713  O O   . PRO A 1 88  ? 14.688  8.878   1.871   1.00 41.11  ? 127 PRO A O   1 
ATOM   714  C CB  . PRO A 1 88  ? 13.630  6.224   2.972   1.00 43.26  ? 127 PRO A CB  1 
ATOM   715  C CG  . PRO A 1 88  ? 12.918  4.998   2.443   1.00 42.96  ? 127 PRO A CG  1 
ATOM   716  C CD  . PRO A 1 88  ? 11.531  5.446   2.005   1.00 39.64  ? 127 PRO A CD  1 
ATOM   717  N N   . ASP A 1 89  ? 13.656  8.022   0.078   1.00 37.21  ? 128 ASP A N   1 
ATOM   718  C CA  . ASP A 1 89  ? 14.495  8.729   -0.928  1.00 33.79  ? 128 ASP A CA  1 
ATOM   719  C C   . ASP A 1 89  ? 13.976  10.155  -1.107  1.00 35.16  ? 128 ASP A C   1 
ATOM   720  O O   . ASP A 1 89  ? 14.563  10.926  -1.871  1.00 36.72  ? 128 ASP A O   1 
ATOM   721  C CB  . ASP A 1 89  ? 14.511  7.987   -2.253  1.00 34.35  ? 128 ASP A CB  1 
ATOM   722  C CG  . ASP A 1 89  ? 15.227  6.657   -2.228  1.00 41.31  ? 128 ASP A CG  1 
ATOM   723  O OD1 . ASP A 1 89  ? 15.680  6.268   -1.138  1.00 41.41  ? 128 ASP A OD1 1 
ATOM   724  O OD2 . ASP A 1 89  ? 15.339  6.040   -3.310  1.00 37.49  ? 128 ASP A OD2 1 
ATOM   725  N N   . SER A 1 90  ? 12.891  10.522  -0.428  1.00 33.71  ? 129 SER A N   1 
ATOM   726  C CA  . SER A 1 90  ? 12.241  11.835  -0.623  1.00 32.67  ? 129 SER A CA  1 
ATOM   727  C C   . SER A 1 90  ? 13.040  12.894  0.133   1.00 35.46  ? 129 SER A C   1 
ATOM   728  O O   . SER A 1 90  ? 13.570  12.601  1.201   1.00 36.20  ? 129 SER A O   1 
ATOM   729  C CB  . SER A 1 90  ? 10.818  11.818  -0.119  1.00 32.59  ? 129 SER A CB  1 
ATOM   730  O OG  . SER A 1 90  ? 10.028  10.824  -0.752  1.00 31.27  ? 129 SER A OG  1 
ATOM   731  N N   . PRO A 1 91  ? 13.124  14.147  -0.334  1.00 34.12  ? 130 PRO A N   1 
ATOM   732  C CA  . PRO A 1 91  ? 12.759  14.518  -1.694  1.00 33.87  ? 130 PRO A CA  1 
ATOM   733  C C   . PRO A 1 91  ? 13.861  14.145  -2.676  1.00 33.18  ? 130 PRO A C   1 
ATOM   734  O O   . PRO A 1 91  ? 15.004  13.978  -2.271  1.00 33.42  ? 130 PRO A O   1 
ATOM   735  C CB  . PRO A 1 91  ? 12.702  16.042  -1.693  1.00 34.36  ? 130 PRO A CB  1 
ATOM   736  C CG  . PRO A 1 91  ? 13.663  16.436  -0.578  1.00 40.12  ? 130 PRO A CG  1 
ATOM   737  C CD  . PRO A 1 91  ? 13.655  15.292  0.429   1.00 40.26  ? 130 PRO A CD  1 
ATOM   738  N N   . ASN A 1 92  ? 13.536  14.060  -3.961  1.00 35.50  ? 131 ASN A N   1 
ATOM   739  C CA  . ASN A 1 92  ? 14.569  13.646  -4.931  1.00 34.88  ? 131 ASN A CA  1 
ATOM   740  C C   . ASN A 1 92  ? 14.157  14.083  -6.329  1.00 29.92  ? 131 ASN A C   1 
ATOM   741  O O   . ASN A 1 92  ? 12.986  14.325  -6.571  1.00 32.64  ? 131 ASN A O   1 
ATOM   742  C CB  . ASN A 1 92  ? 14.830  12.142  -4.811  1.00 33.96  ? 131 ASN A CB  1 
ATOM   743  C CG  . ASN A 1 92  ? 16.302  11.827  -4.890  1.00 40.16  ? 131 ASN A CG  1 
ATOM   744  O OD1 . ASN A 1 92  ? 17.000  12.378  -5.740  1.00 39.27  ? 131 ASN A OD1 1 
ATOM   745  N ND2 . ASN A 1 92  ? 16.770  10.936  -4.024  1.00 37.24  ? 131 ASN A ND2 1 
ATOM   746  N N   . PHE A 1 93  ? 15.108  14.071  -7.240  1.00 32.98  ? 132 PHE A N   1 
ATOM   747  C CA  . PHE A 1 93  ? 14.885  14.457  -8.645  1.00 32.55  ? 132 PHE A CA  1 
ATOM   748  C C   . PHE A 1 93  ? 13.946  13.468  -9.345  1.00 34.54  ? 132 PHE A C   1 
ATOM   749  O O   . PHE A 1 93  ? 13.979  12.216  -9.099  1.00 34.59  ? 132 PHE A O   1 
ATOM   750  C CB  . PHE A 1 93  ? 16.210  14.542  -9.400  1.00 32.81  ? 132 PHE A CB  1 
ATOM   751  C CG  . PHE A 1 93  ? 17.071  15.688  -8.966  1.00 36.55  ? 132 PHE A CG  1 
ATOM   752  C CD1 . PHE A 1 93  ? 16.711  16.982  -9.310  1.00 37.00  ? 132 PHE A CD1 1 
ATOM   753  C CD2 . PHE A 1 93  ? 18.156  15.487  -8.131  1.00 40.32  ? 132 PHE A CD2 1 
ATOM   754  C CE1 . PHE A 1 93  ? 17.477  18.050  -8.880  1.00 40.72  ? 132 PHE A CE1 1 
ATOM   755  C CE2 . PHE A 1 93  ? 18.947  16.560  -7.736  1.00 37.84  ? 132 PHE A CE2 1 
ATOM   756  C CZ  . PHE A 1 93  ? 18.585  17.833  -8.096  1.00 36.89  ? 132 PHE A CZ  1 
ATOM   757  N N   . GLY A 1 94  ? 13.208  13.988  -10.319 1.00 31.46  ? 133 GLY A N   1 
ATOM   758  C CA  . GLY A 1 94  ? 12.446  13.138  -11.248 1.00 29.84  ? 133 GLY A CA  1 
ATOM   759  C C   . GLY A 1 94  ? 13.320  12.030  -11.806 1.00 31.60  ? 133 GLY A C   1 
ATOM   760  O O   . GLY A 1 94  ? 12.838  10.866  -11.882 1.00 30.84  ? 133 GLY A O   1 
ATOM   761  N N   . ALA A 1 95  ? 14.546  12.370  -12.205 1.00 32.12  ? 134 ALA A N   1 
ATOM   762  C CA  . ALA A 1 95  ? 15.498  11.421  -12.836 1.00 31.30  ? 134 ALA A CA  1 
ATOM   763  C C   . ALA A 1 95  ? 15.761  10.239  -11.887 1.00 33.93  ? 134 ALA A C   1 
ATOM   764  O O   . ALA A 1 95  ? 15.806  9.076   -12.367 1.00 36.28  ? 134 ALA A O   1 
ATOM   765  C CB  . ALA A 1 95  ? 16.784  12.103  -13.194 1.00 32.43  ? 134 ALA A CB  1 
ATOM   766  N N   . HIS A 1 96  ? 15.872  10.514  -10.591 1.00 32.69  ? 135 HIS A N   1 
ATOM   767  C CA  . HIS A 1 96  ? 16.050  9.473   -9.540  1.00 34.80  ? 135 HIS A CA  1 
ATOM   768  C C   . HIS A 1 96  ? 14.853  8.523   -9.498  1.00 35.35  ? 135 HIS A C   1 
ATOM   769  O O   . HIS A 1 96  ? 15.029  7.274   -9.552  1.00 33.50  ? 135 HIS A O   1 
ATOM   770  C CB  . HIS A 1 96  ? 16.295  10.122  -8.163  1.00 35.44  ? 135 HIS A CB  1 
ATOM   771  C CG  . HIS A 1 96  ? 16.306  9.084   -7.093  1.00 35.75  ? 135 HIS A CG  1 
ATOM   772  N ND1 . HIS A 1 96  ? 17.442  8.341   -6.824  1.00 37.39  ? 135 HIS A ND1 1 
ATOM   773  C CD2 . HIS A 1 96  ? 15.329  8.593   -6.299  1.00 36.57  ? 135 HIS A CD2 1 
ATOM   774  C CE1 . HIS A 1 96  ? 17.184  7.501   -5.837  1.00 44.88  ? 135 HIS A CE1 1 
ATOM   775  N NE2 . HIS A 1 96  ? 15.889  7.616   -5.502  1.00 37.80  ? 135 HIS A NE2 1 
ATOM   776  N N   . TRP A 1 97  ? 13.641  9.062   -9.409  1.00 32.11  ? 136 TRP A N   1 
ATOM   777  C CA  . TRP A 1 97  ? 12.426  8.226   -9.294  1.00 30.84  ? 136 TRP A CA  1 
ATOM   778  C C   . TRP A 1 97  ? 12.202  7.414   -10.576 1.00 34.40  ? 136 TRP A C   1 
ATOM   779  O O   . TRP A 1 97  ? 11.570  6.326   -10.491 1.00 33.72  ? 136 TRP A O   1 
ATOM   780  C CB  . TRP A 1 97  ? 11.233  9.127   -8.996  1.00 31.89  ? 136 TRP A CB  1 
ATOM   781  C CG  . TRP A 1 97  ? 11.354  9.903   -7.745  1.00 31.38  ? 136 TRP A CG  1 
ATOM   782  C CD1 . TRP A 1 97  ? 11.388  11.266  -7.639  1.00 34.62  ? 136 TRP A CD1 1 
ATOM   783  C CD2 . TRP A 1 97  ? 11.324  9.392   -6.396  1.00 32.99  ? 136 TRP A CD2 1 
ATOM   784  N NE1 . TRP A 1 97  ? 11.439  11.629  -6.322  1.00 31.17  ? 136 TRP A NE1 1 
ATOM   785  C CE2 . TRP A 1 97  ? 11.379  10.510  -5.538  1.00 30.84  ? 136 TRP A CE2 1 
ATOM   786  C CE3 . TRP A 1 97  ? 11.248  8.119   -5.828  1.00 32.22  ? 136 TRP A CE3 1 
ATOM   787  C CZ2 . TRP A 1 97  ? 11.403  10.398  -4.151  1.00 31.19  ? 136 TRP A CZ2 1 
ATOM   788  C CZ3 . TRP A 1 97  ? 11.278  8.008   -4.456  1.00 31.88  ? 136 TRP A CZ3 1 
ATOM   789  C CH2 . TRP A 1 97  ? 11.340  9.131   -3.630  1.00 33.91  ? 136 TRP A CH2 1 
ATOM   790  N N   . MET A 1 98  ? 12.664  7.922   -11.737 1.00 32.20  ? 137 MET A N   1 
ATOM   791  C CA  . MET A 1 98  ? 12.352  7.255   -13.005 1.00 29.22  ? 137 MET A CA  1 
ATOM   792  C C   . MET A 1 98  ? 13.430  6.235   -13.389 1.00 34.29  ? 137 MET A C   1 
ATOM   793  O O   . MET A 1 98  ? 13.118  5.439   -14.271 1.00 37.88  ? 137 MET A O   1 
ATOM   794  C CB  . MET A 1 98  ? 12.184  8.271   -14.143 1.00 30.11  ? 137 MET A CB  1 
ATOM   795  C CG  . MET A 1 98  ? 10.935  9.107   -13.956 1.00 34.05  ? 137 MET A CG  1 
ATOM   796  S SD  . MET A 1 98  ? 10.641  10.182  -15.381 1.00 35.79  ? 137 MET A SD  1 
ATOM   797  C CE  . MET A 1 98  ? 11.829  11.498  -15.157 1.00 38.32  ? 137 MET A CE  1 
ATOM   798  N N   . LYS A 1 99  ? 14.613  6.242   -12.784 1.00 35.66  ? 138 LYS A N   1 
ATOM   799  C CA  . LYS A 1 99  ? 15.755  5.452   -13.321 1.00 38.35  ? 138 LYS A CA  1 
ATOM   800  C C   . LYS A 1 99  ? 15.599  3.970   -12.958 1.00 41.60  ? 138 LYS A C   1 
ATOM   801  O O   . LYS A 1 99  ? 16.170  3.129   -13.618 1.00 37.42  ? 138 LYS A O   1 
ATOM   802  C CB  . LYS A 1 99  ? 17.081  6.040   -12.834 1.00 43.60  ? 138 LYS A CB  1 
ATOM   803  C CG  . LYS A 1 99  ? 17.432  5.816   -11.372 1.00 43.86  ? 138 LYS A CG  1 
ATOM   804  C CD  . LYS A 1 99  ? 18.720  6.503   -10.984 1.00 50.53  ? 138 LYS A CD  1 
ATOM   805  C CE  . LYS A 1 99  ? 18.936  6.659   -9.491  1.00 57.18  ? 138 LYS A CE  1 
ATOM   806  N NZ  . LYS A 1 99  ? 19.617  7.950   -9.204  1.00 62.80  ? 138 LYS A NZ  1 
ATOM   807  N N   . ALA A 1 100 ? 14.811  3.665   -11.949 1.00 35.40  ? 139 ALA A N   1 
ATOM   808  C CA  . ALA A 1 100 ? 14.669  2.309   -11.395 1.00 36.51  ? 139 ALA A CA  1 
ATOM   809  C C   . ALA A 1 100 ? 13.348  2.270   -10.658 1.00 37.76  ? 139 ALA A C   1 
ATOM   810  O O   . ALA A 1 100 ? 12.850  3.314   -10.222 1.00 36.47  ? 139 ALA A O   1 
ATOM   811  C CB  . ALA A 1 100 ? 15.818  1.977   -10.463 1.00 38.88  ? 139 ALA A CB  1 
ATOM   812  N N   . PRO A 1 101 ? 12.815  1.055   -10.470 1.00 37.63  ? 140 PRO A N   1 
ATOM   813  C CA  . PRO A 1 101 ? 11.592  0.850   -9.698  1.00 36.71  ? 140 PRO A CA  1 
ATOM   814  C C   . PRO A 1 101 ? 11.664  1.506   -8.317  1.00 33.97  ? 140 PRO A C   1 
ATOM   815  O O   . PRO A 1 101 ? 12.672  1.445   -7.663  1.00 33.85  ? 140 PRO A O   1 
ATOM   816  C CB  . PRO A 1 101 ? 11.462  -0.687  -9.666  1.00 38.69  ? 140 PRO A CB  1 
ATOM   817  C CG  . PRO A 1 101 ? 12.157  -1.126  -10.932 1.00 41.52  ? 140 PRO A CG  1 
ATOM   818  C CD  . PRO A 1 101 ? 13.355  -0.199  -11.029 1.00 41.95  ? 140 PRO A CD  1 
ATOM   819  N N   . VAL A 1 102 ? 10.592  2.180   -7.934  1.00 34.07  ? 141 VAL A N   1 
ATOM   820  C CA  . VAL A 1 102 ? 10.429  2.820   -6.608  1.00 34.58  ? 141 VAL A CA  1 
ATOM   821  C C   . VAL A 1 102 ? 9.816   1.758   -5.694  1.00 32.96  ? 141 VAL A C   1 
ATOM   822  O O   . VAL A 1 102 ? 8.718   1.340   -5.948  1.00 35.08  ? 141 VAL A O   1 
ATOM   823  C CB  . VAL A 1 102 ? 9.562   4.083   -6.745  1.00 34.84  ? 141 VAL A CB  1 
ATOM   824  C CG1 . VAL A 1 102 ? 9.379   4.775   -5.416  1.00 35.68  ? 141 VAL A CG1 1 
ATOM   825  C CG2 . VAL A 1 102 ? 10.163  5.024   -7.779  1.00 35.03  ? 141 VAL A CG2 1 
ATOM   826  N N   A SER A 1 103 ? 10.539  1.342   -4.649  0.25 34.22  ? 142 SER A N   1 
ATOM   827  N N   B SER A 1 103 ? 10.535  1.358   -4.639  0.25 36.80  ? 142 SER A N   1 
ATOM   828  C CA  A SER A 1 103 ? 10.112  0.246   -3.740  0.25 32.86  ? 142 SER A CA  1 
ATOM   829  C CA  B SER A 1 103 ? 10.134  0.253   -3.726  0.25 37.20  ? 142 SER A CA  1 
ATOM   830  C C   A SER A 1 103 ? 9.772   0.811   -2.360  0.25 33.69  ? 142 SER A C   1 
ATOM   831  C C   B SER A 1 103 ? 9.775   0.815   -2.350  0.25 36.07  ? 142 SER A C   1 
ATOM   832  O O   A SER A 1 103 ? 10.596  1.547   -1.814  0.25 36.10  ? 142 SER A O   1 
ATOM   833  O O   B SER A 1 103 ? 10.592  1.555   -1.794  0.25 38.54  ? 142 SER A O   1 
ATOM   834  C CB  A SER A 1 103 ? 11.155  -0.831  -3.635  0.25 34.32  ? 142 SER A CB  1 
ATOM   835  C CB  B SER A 1 103 ? 11.218  -0.786  -3.617  0.25 41.64  ? 142 SER A CB  1 
ATOM   836  O OG  A SER A 1 103 ? 10.779  -1.778  -2.651  0.25 30.13  ? 142 SER A OG  1 
ATOM   837  O OG  B SER A 1 103 ? 11.716  -1.115  -4.902  0.25 44.62  ? 142 SER A OG  1 
ATOM   838  N N   . PHE A 1 104 ? 8.591   0.459   -1.842  1.00 34.16  ? 143 PHE A N   1 
ATOM   839  C CA  . PHE A 1 104 ? 8.127   0.781   -0.479  1.00 33.78  ? 143 PHE A CA  1 
ATOM   840  C C   . PHE A 1 104 ? 8.385   -0.413  0.445   1.00 36.35  ? 143 PHE A C   1 
ATOM   841  O O   . PHE A 1 104 ? 7.560   -0.693  1.333   1.00 34.61  ? 143 PHE A O   1 
ATOM   842  C CB  . PHE A 1 104 ? 6.652   1.139   -0.527  1.00 33.23  ? 143 PHE A CB  1 
ATOM   843  C CG  . PHE A 1 104 ? 6.427   2.445   -1.241  1.00 33.32  ? 143 PHE A CG  1 
ATOM   844  C CD1 . PHE A 1 104 ? 6.367   3.625   -0.524  1.00 34.32  ? 143 PHE A CD1 1 
ATOM   845  C CD2 . PHE A 1 104 ? 6.365   2.487   -2.625  1.00 35.21  ? 143 PHE A CD2 1 
ATOM   846  C CE1 . PHE A 1 104 ? 6.233   4.840   -1.177  1.00 33.11  ? 143 PHE A CE1 1 
ATOM   847  C CE2 . PHE A 1 104 ? 6.179   3.698   -3.276  1.00 35.72  ? 143 PHE A CE2 1 
ATOM   848  C CZ  . PHE A 1 104 ? 6.099   4.863   -2.547  1.00 34.75  ? 143 PHE A CZ  1 
ATOM   849  N N   . SER A 1 105 ? 9.527   -1.080  0.286   1.00 38.96  ? 144 SER A N   1 
ATOM   850  C CA  . SER A 1 105 ? 9.852   -2.343  1.004   1.00 42.68  ? 144 SER A CA  1 
ATOM   851  C C   . SER A 1 105 ? 9.914   -2.159  2.531   1.00 43.23  ? 144 SER A C   1 
ATOM   852  O O   . SER A 1 105 ? 9.699   -3.162  3.233   1.00 42.13  ? 144 SER A O   1 
ATOM   853  C CB  . SER A 1 105 ? 11.140  -2.926  0.482   1.00 42.91  ? 144 SER A CB  1 
ATOM   854  O OG  . SER A 1 105 ? 12.187  -2.002  0.703   1.00 43.44  ? 144 SER A OG  1 
ATOM   855  N N   . LYS A 1 106 ? 10.158  -0.955  3.043   1.00 37.94  ? 145 LYS A N   1 
ATOM   856  C CA  . LYS A 1 106 ? 10.434  -0.739  4.489   1.00 44.95  ? 145 LYS A CA  1 
ATOM   857  C C   . LYS A 1 106 ? 9.167   -0.346  5.255   1.00 43.85  ? 145 LYS A C   1 
ATOM   858  O O   . LYS A 1 106 ? 9.241   -0.320  6.491   1.00 41.22  ? 145 LYS A O   1 
ATOM   859  C CB  . LYS A 1 106 ? 11.500  0.343   4.710   1.00 45.61  ? 145 LYS A CB  1 
ATOM   860  C CG  . LYS A 1 106 ? 12.849  0.120   4.034   1.00 49.36  ? 145 LYS A CG  1 
ATOM   861  C CD  . LYS A 1 106 ? 13.406  -1.277  4.229   1.00 65.32  ? 145 LYS A CD  1 
ATOM   862  C CE  . LYS A 1 106 ? 14.918  -1.368  4.100   1.00 74.06  ? 145 LYS A CE  1 
ATOM   863  N NZ  . LYS A 1 106 ? 15.459  -2.491  4.908   1.00 78.77  ? 145 LYS A NZ  1 
ATOM   864  N N   . VAL A 1 107 ? 8.047   -0.047  4.596   1.00 38.85  ? 146 VAL A N   1 
ATOM   865  C CA  . VAL A 1 107 ? 6.810   0.351   5.346   1.00 37.03  ? 146 VAL A CA  1 
ATOM   866  C C   . VAL A 1 107 ? 6.330   -0.858  6.191   1.00 35.62  ? 146 VAL A C   1 
ATOM   867  O O   . VAL A 1 107 ? 6.408   -2.008  5.722   1.00 36.29  ? 146 VAL A O   1 
ATOM   868  C CB  . VAL A 1 107 ? 5.706   0.898   4.418   1.00 38.89  ? 146 VAL A CB  1 
ATOM   869  C CG1 . VAL A 1 107 ? 5.163   -0.174  3.487   1.00 39.44  ? 146 VAL A CG1 1 
ATOM   870  C CG2 . VAL A 1 107 ? 4.587   1.567   5.215   1.00 42.23  ? 146 VAL A CG2 1 
ATOM   871  N N   . LYS A 1 108 ? 5.892   -0.581  7.416   1.00 35.60  ? 147 LYS A N   1 
ATOM   872  C CA  . LYS A 1 108 ? 5.389   -1.562  8.399   1.00 38.24  ? 147 LYS A CA  1 
ATOM   873  C C   . LYS A 1 108 ? 3.917   -1.249  8.680   1.00 34.54  ? 147 LYS A C   1 
ATOM   874  O O   . LYS A 1 108 ? 3.559   -0.088  8.897   1.00 37.13  ? 147 LYS A O   1 
ATOM   875  C CB  . LYS A 1 108 ? 6.213   -1.556  9.692   1.00 42.20  ? 147 LYS A CB  1 
ATOM   876  C CG  . LYS A 1 108 ? 7.595   -2.188  9.595   1.00 47.80  ? 147 LYS A CG  1 
ATOM   877  C CD  . LYS A 1 108 ? 8.310   -2.155  10.946  1.00 54.56  ? 147 LYS A CD  1 
ATOM   878  C CE  . LYS A 1 108 ? 9.524   -3.059  10.993  1.00 63.56  ? 147 LYS A CE  1 
ATOM   879  N NZ  . LYS A 1 108 ? 10.159  -3.056  12.337  1.00 63.75  ? 147 LYS A NZ  1 
ATOM   880  N N   . LEU A 1 109 ? 3.104   -2.294  8.650   1.00 39.40  ? 148 LEU A N   1 
ATOM   881  C CA  . LEU A 1 109 ? 1.652   -2.236  8.945   1.00 37.90  ? 148 LEU A CA  1 
ATOM   882  C C   . LEU A 1 109 ? 1.467   -2.677  10.398  1.00 37.42  ? 148 LEU A C   1 
ATOM   883  O O   . LEU A 1 109 ? 2.008   -3.749  10.773  1.00 38.49  ? 148 LEU A O   1 
ATOM   884  C CB  . LEU A 1 109 ? 0.929   -3.179  7.980   1.00 36.94  ? 148 LEU A CB  1 
ATOM   885  C CG  . LEU A 1 109 ? 1.213   -2.934  6.498   1.00 39.03  ? 148 LEU A CG  1 
ATOM   886  C CD1 . LEU A 1 109 ? 0.340   -3.822  5.609   1.00 38.01  ? 148 LEU A CD1 1 
ATOM   887  C CD2 . LEU A 1 109 ? 1.036   -1.455  6.189   1.00 38.20  ? 148 LEU A CD2 1 
ATOM   888  N N   . THR A 1 110 ? 0.693   -1.917  11.152  1.00 41.15  ? 149 THR A N   1 
ATOM   889  C CA  . THR A 1 110 ? 0.515   -2.143  12.602  1.00 40.48  ? 149 THR A CA  1 
ATOM   890  C C   . THR A 1 110 ? -0.958  -1.998  12.962  1.00 43.80  ? 149 THR A C   1 
ATOM   891  O O   . THR A 1 110 ? -1.695  -1.338  12.226  1.00 38.95  ? 149 THR A O   1 
ATOM   892  C CB  . THR A 1 110 ? 1.371   -1.173  13.435  1.00 42.64  ? 149 THR A CB  1 
ATOM   893  O OG1 . THR A 1 110 ? 1.294   -1.709  14.750  1.00 44.52  ? 149 THR A OG1 1 
ATOM   894  C CG2 . THR A 1 110 ? 0.917   0.272   13.421  1.00 44.21  ? 149 THR A CG2 1 
ATOM   895  N N   . ASN A 1 111 ? -1.343  -2.566  14.100  1.00 40.09  ? 150 ASN A N   1 
ATOM   896  C CA  . ASN A 1 111 ? -2.684  -2.372  14.713  1.00 45.83  ? 150 ASN A CA  1 
ATOM   897  C C   . ASN A 1 111 ? -2.557  -1.634  16.060  1.00 54.44  ? 150 ASN A C   1 
ATOM   898  O O   . ASN A 1 111 ? -3.568  -1.593  16.787  1.00 51.64  ? 150 ASN A O   1 
ATOM   899  C CB  . ASN A 1 111 ? -3.417  -3.706  14.884  1.00 49.12  ? 150 ASN A CB  1 
ATOM   900  C CG  . ASN A 1 111 ? -2.672  -4.741  15.700  1.00 45.09  ? 150 ASN A CG  1 
ATOM   901  O OD1 . ASN A 1 111 ? -3.183  -5.838  15.899  1.00 52.33  ? 150 ASN A OD1 1 
ATOM   902  N ND2 . ASN A 1 111 ? -1.487  -4.428  16.198  1.00 42.73  ? 150 ASN A ND2 1 
ATOM   903  N N   . LYS A 1 112 ? -1.378  -1.071  16.360  1.00 60.13  ? 151 LYS A N   1 
ATOM   904  C CA  . LYS A 1 112 ? -1.080  -0.258  17.573  1.00 66.19  ? 151 LYS A CA  1 
ATOM   905  C C   . LYS A 1 112 ? -0.190  0.923   17.177  1.00 65.29  ? 151 LYS A C   1 
ATOM   906  O O   . LYS A 1 112 ? 0.942   0.684   16.660  1.00 66.18  ? 151 LYS A O   1 
ATOM   907  C CB  . LYS A 1 112 ? -0.368  -1.079  18.652  1.00 70.41  ? 151 LYS A CB  1 
ATOM   908  C CG  . LYS A 1 112 ? -1.213  -2.157  19.326  1.00 83.62  ? 151 LYS A CG  1 
ATOM   909  C CD  . LYS A 1 112 ? -1.783  -1.763  20.685  1.00 91.85  ? 151 LYS A CD  1 
ATOM   910  C CE  . LYS A 1 112 ? -2.461  -2.914  21.402  1.00 91.52  ? 151 LYS A CE  1 
ATOM   911  N NZ  . LYS A 1 112 ? -3.503  -3.541  20.552  1.00 94.13  ? 151 LYS A NZ  1 
ATOM   912  N N   . LEU A 1 113 ? -0.715  2.132   17.382  1.00 76.38  ? 152 LEU A N   1 
ATOM   913  C CA  . LEU A 1 113 ? 0.030   3.423   17.436  1.00 88.64  ? 152 LEU A CA  1 
ATOM   914  C C   . LEU A 1 113 ? 1.175   3.359   18.467  1.00 83.03  ? 152 LEU A C   1 
ATOM   915  O O   . LEU A 1 113 ? 1.041   3.971   19.538  1.00 90.38  ? 152 LEU A O   1 
ATOM   916  C CB  . LEU A 1 113 ? -0.959  4.559   17.753  1.00 93.17  ? 152 LEU A CB  1 
ATOM   917  C CG  . LEU A 1 113 ? -1.947  4.401   18.926  1.00 102.17 ? 152 LEU A CG  1 
ATOM   918  C CD1 . LEU A 1 113 ? -3.371  4.153   18.446  1.00 103.59 ? 152 LEU A CD1 1 
ATOM   919  C CD2 . LEU A 1 113 ? -1.560  3.335   19.953  1.00 103.60 ? 152 LEU A CD2 1 
ATOM   920  N N   . ASN A 1 114 ? 2.276   2.670   18.148  1.00 80.83  ? 153 ASN A N   1 
ATOM   921  C CA  . ASN A 1 114 ? 3.461   2.513   19.039  1.00 77.95  ? 153 ASN A CA  1 
ATOM   922  C C   . ASN A 1 114 ? 4.710   3.047   18.320  1.00 78.13  ? 153 ASN A C   1 
ATOM   923  O O   . ASN A 1 114 ? 5.799   2.477   18.544  1.00 68.27  ? 153 ASN A O   1 
ATOM   924  C CB  . ASN A 1 114 ? 3.632   1.064   19.502  1.00 74.80  ? 153 ASN A CB  1 
ATOM   925  C CG  . ASN A 1 114 ? 4.284   0.172   18.466  1.00 78.16  ? 153 ASN A CG  1 
ATOM   926  O OD1 . ASN A 1 114 ? 5.303   -0.452  18.748  1.00 84.99  ? 153 ASN A OD1 1 
ATOM   927  N ND2 . ASN A 1 114 ? 3.715   0.106   17.269  1.00 93.93  ? 153 ASN A ND2 1 
ATOM   928  N N   . GLY A 1 115 ? 4.537   4.065   17.459  1.00 86.21  ? 154 GLY A N   1 
ATOM   929  C CA  . GLY A 1 115 ? 5.586   4.965   16.926  1.00 86.69  ? 154 GLY A CA  1 
ATOM   930  C C   . GLY A 1 115 ? 6.516   4.323   15.897  1.00 88.35  ? 154 GLY A C   1 
ATOM   931  O O   . GLY A 1 115 ? 6.835   3.122   16.041  1.00 78.63  ? 154 GLY A O   1 
ATOM   932  N N   . GLY A 1 116 ? 6.943   5.108   14.894  1.00 85.40  ? 155 GLY A N   1 
ATOM   933  C CA  . GLY A 1 116 ? 8.134   4.840   14.059  1.00 82.08  ? 155 GLY A CA  1 
ATOM   934  C C   . GLY A 1 116 ? 7.827   4.588   12.587  1.00 79.97  ? 155 GLY A C   1 
ATOM   935  O O   . GLY A 1 116 ? 8.273   3.537   12.076  1.00 71.65  ? 155 GLY A O   1 
ATOM   936  N N   . GLY A 1 117 ? 7.130   5.517   11.913  1.00 82.43  ? 156 GLY A N   1 
ATOM   937  C CA  . GLY A 1 117 ? 6.892   5.491   10.449  1.00 79.40  ? 156 GLY A CA  1 
ATOM   938  C C   . GLY A 1 117 ? 5.943   4.378   10.013  1.00 78.06  ? 156 GLY A C   1 
ATOM   939  O O   . GLY A 1 117 ? 5.945   4.018   8.821   1.00 74.46  ? 156 GLY A O   1 
ATOM   940  N N   . GLN A 1 118 ? 5.142   3.868   10.949  1.00 70.06  ? 157 GLN A N   1 
ATOM   941  C CA  . GLN A 1 118 ? 4.268   2.683   10.788  1.00 55.61  ? 157 GLN A CA  1 
ATOM   942  C C   . GLN A 1 118 ? 2.931   3.155   10.200  1.00 56.05  ? 157 GLN A C   1 
ATOM   943  O O   . GLN A 1 118 ? 2.598   4.353   10.311  1.00 56.68  ? 157 GLN A O   1 
ATOM   944  C CB  . GLN A 1 118 ? 4.084   2.021   12.155  1.00 52.19  ? 157 GLN A CB  1 
ATOM   945  C CG  . GLN A 1 118 ? 5.141   0.982   12.513  1.00 55.75  ? 157 GLN A CG  1 
ATOM   946  C CD  . GLN A 1 118 ? 5.154   0.658   13.990  1.00 59.29  ? 157 GLN A CD  1 
ATOM   947  O OE1 . GLN A 1 118 ? 4.132   0.361   14.608  1.00 58.23  ? 157 GLN A OE1 1 
ATOM   948  N NE2 . GLN A 1 118 ? 6.335   0.699   14.583  1.00 71.21  ? 157 GLN A NE2 1 
ATOM   949  N N   . ILE A 1 119 ? 2.153   2.244   9.618   1.00 44.75  ? 158 ILE A N   1 
ATOM   950  C CA  . ILE A 1 119 ? 0.771   2.549   9.164   1.00 42.44  ? 158 ILE A CA  1 
ATOM   951  C C   . ILE A 1 119 ? -0.213  1.740   10.024  1.00 36.79  ? 158 ILE A C   1 
ATOM   952  O O   . ILE A 1 119 ? -0.146  0.495   10.014  1.00 37.02  ? 158 ILE A O   1 
ATOM   953  C CB  . ILE A 1 119 ? 0.603   2.228   7.667   1.00 41.16  ? 158 ILE A CB  1 
ATOM   954  C CG1 . ILE A 1 119 ? 1.611   2.969   6.775   1.00 45.26  ? 158 ILE A CG1 1 
ATOM   955  C CG2 . ILE A 1 119 ? -0.834  2.442   7.245   1.00 36.79  ? 158 ILE A CG2 1 
ATOM   956  C CD1 . ILE A 1 119 ? 1.121   4.263   6.153   1.00 46.88  ? 158 ILE A CD1 1 
ATOM   957  N N   . MET A 1 120 ? -1.121  2.447   10.684  1.00 42.14  ? 159 MET A N   1 
ATOM   958  C CA  . MET A 1 120 ? -2.207  1.859   11.507  1.00 44.58  ? 159 MET A CA  1 
ATOM   959  C C   . MET A 1 120 ? -3.366  1.398   10.602  1.00 40.11  ? 159 MET A C   1 
ATOM   960  O O   . MET A 1 120 ? -3.961  2.267   9.929   1.00 36.67  ? 159 MET A O   1 
ATOM   961  C CB  . MET A 1 120 ? -2.746  2.900   12.491  1.00 53.54  ? 159 MET A CB  1 
ATOM   962  C CG  . MET A 1 120 ? -3.988  2.440   13.200  1.00 62.94  ? 159 MET A CG  1 
ATOM   963  S SD  . MET A 1 120 ? -3.538  1.379   14.563  1.00 73.49  ? 159 MET A SD  1 
ATOM   964  C CE  . MET A 1 120 ? -3.910  2.507   15.897  1.00 75.20  ? 159 MET A CE  1 
ATOM   965  N N   . LEU A 1 121 ? -3.703  0.099   10.624  1.00 33.55  ? 160 LEU A N   1 
ATOM   966  C CA  . LEU A 1 121 ? -4.870  -0.465  9.888   1.00 35.51  ? 160 LEU A CA  1 
ATOM   967  C C   . LEU A 1 121 ? -5.798  -1.201  10.867  1.00 40.68  ? 160 LEU A C   1 
ATOM   968  O O   . LEU A 1 121 ? -5.327  -1.652  11.921  1.00 41.89  ? 160 LEU A O   1 
ATOM   969  C CB  . LEU A 1 121 ? -4.414  -1.424  8.787   1.00 37.54  ? 160 LEU A CB  1 
ATOM   970  C CG  . LEU A 1 121 ? -3.475  -0.836  7.727   1.00 34.53  ? 160 LEU A CG  1 
ATOM   971  C CD1 . LEU A 1 121 ? -3.120  -1.885  6.711   1.00 36.36  ? 160 LEU A CD1 1 
ATOM   972  C CD2 . LEU A 1 121 ? -4.106  0.350   7.034   1.00 36.65  ? 160 LEU A CD2 1 
ATOM   973  N N   . ASN A 1 122 ? -7.078  -1.291  10.515  1.00 37.37  ? 161 ASN A N   1 
ATOM   974  C CA  . ASN A 1 122 ? -8.092  -2.063  11.276  1.00 37.45  ? 161 ASN A CA  1 
ATOM   975  C C   . ASN A 1 122 ? -8.100  -3.507  10.737  1.00 36.78  ? 161 ASN A C   1 
ATOM   976  O O   . ASN A 1 122 ? -8.374  -3.742  9.545   1.00 34.49  ? 161 ASN A O   1 
ATOM   977  C CB  . ASN A 1 122 ? -9.453  -1.382  11.192  1.00 40.14  ? 161 ASN A CB  1 
ATOM   978  C CG  . ASN A 1 122 ? -9.487  -0.039  11.898  1.00 43.20  ? 161 ASN A CG  1 
ATOM   979  O OD1 . ASN A 1 122 ? -8.936  0.098   12.970  1.00 48.21  ? 161 ASN A OD1 1 
ATOM   980  N ND2 . ASN A 1 122 ? -10.110 0.954   11.299  1.00 45.68  ? 161 ASN A ND2 1 
ATOM   981  N N   . SER A 1 123 ? -7.862  -4.460  11.619  1.00 34.55  ? 162 SER A N   1 
ATOM   982  C CA  . SER A 1 123 ? -8.048  -5.899  11.376  1.00 39.14  ? 162 SER A CA  1 
ATOM   983  C C   . SER A 1 123 ? -9.415  -6.147  10.715  1.00 35.78  ? 162 SER A C   1 
ATOM   984  O O   . SER A 1 123 ? -10.447 -5.515  11.123  1.00 36.08  ? 162 SER A O   1 
ATOM   985  C CB  . SER A 1 123 ? -7.910  -6.671  12.675  1.00 44.49  ? 162 SER A CB  1 
ATOM   986  O OG  . SER A 1 123 ? -7.764  -8.048  12.380  1.00 57.78  ? 162 SER A OG  1 
ATOM   987  N N   . LEU A 1 124 ? -9.408  -7.047  9.737   1.00 33.34  ? 163 LEU A N   1 
ATOM   988  C CA  . LEU A 1 124 ? -10.595 -7.550  9.000   1.00 38.17  ? 163 LEU A CA  1 
ATOM   989  C C   . LEU A 1 124 ? -11.228 -6.449  8.158   1.00 35.02  ? 163 LEU A C   1 
ATOM   990  O O   . LEU A 1 124 ? -12.350 -6.636  7.718   1.00 35.41  ? 163 LEU A O   1 
ATOM   991  C CB  . LEU A 1 124 ? -11.606 -8.150  9.992   1.00 38.32  ? 163 LEU A CB  1 
ATOM   992  C CG  . LEU A 1 124 ? -11.086 -9.338  10.790  1.00 43.55  ? 163 LEU A CG  1 
ATOM   993  C CD1 . LEU A 1 124 ? -12.185 -9.909  11.650  1.00 49.18  ? 163 LEU A CD1 1 
ATOM   994  C CD2 . LEU A 1 124 ? -10.475 -10.406 9.879   1.00 43.51  ? 163 LEU A CD2 1 
ATOM   995  N N   . HIS A 1 125 ? -10.480 -5.399  7.819   1.00 35.12  ? 164 HIS A N   1 
ATOM   996  C CA  . HIS A 1 125 ? -10.903 -4.394  6.830   1.00 31.13  ? 164 HIS A CA  1 
ATOM   997  C C   . HIS A 1 125 ? -10.020 -4.527  5.588   1.00 31.96  ? 164 HIS A C   1 
ATOM   998  O O   . HIS A 1 125 ? -8.815  -4.850  5.723   1.00 34.27  ? 164 HIS A O   1 
ATOM   999  C CB  . HIS A 1 125 ? -10.836 -2.984  7.411   1.00 32.67  ? 164 HIS A CB  1 
ATOM   1000 C CG  . HIS A 1 125 ? -11.772 -2.746  8.542   1.00 36.94  ? 164 HIS A CG  1 
ATOM   1001 N ND1 . HIS A 1 125 ? -11.731 -3.502  9.683   1.00 37.55  ? 164 HIS A ND1 1 
ATOM   1002 C CD2 . HIS A 1 125 ? -12.783 -1.859  8.700   1.00 39.25  ? 164 HIS A CD2 1 
ATOM   1003 C CE1 . HIS A 1 125 ? -12.674 -3.081  10.508  1.00 41.56  ? 164 HIS A CE1 1 
ATOM   1004 N NE2 . HIS A 1 125 ? -13.325 -2.088  9.937   1.00 39.87  ? 164 HIS A NE2 1 
ATOM   1005 N N   . LYS A 1 126 ? -10.592 -4.192  4.448   1.00 30.01  ? 165 LYS A N   1 
ATOM   1006 C CA  . LYS A 1 126 ? -9.893  -4.218  3.145   1.00 32.23  ? 165 LYS A CA  1 
ATOM   1007 C C   . LYS A 1 126 ? -9.344  -2.830  2.840   1.00 33.68  ? 165 LYS A C   1 
ATOM   1008 O O   . LYS A 1 126 ? -10.044 -1.830  3.114   1.00 32.74  ? 165 LYS A O   1 
ATOM   1009 C CB  . LYS A 1 126 ? -10.868 -4.613  2.058   1.00 32.14  ? 165 LYS A CB  1 
ATOM   1010 C CG  . LYS A 1 126 ? -10.249 -4.737  0.672   1.00 37.05  ? 165 LYS A CG  1 
ATOM   1011 C CD  . LYS A 1 126 ? -11.215 -5.285  -0.349  1.00 41.98  ? 165 LYS A CD  1 
ATOM   1012 C CE  . LYS A 1 126 ? -11.624 -6.707  -0.008  1.00 50.76  ? 165 LYS A CE  1 
ATOM   1013 N NZ  . LYS A 1 126 ? -12.159 -7.438  -1.181  1.00 57.37  ? 165 LYS A NZ  1 
ATOM   1014 N N   . TYR A 1 127 ? -8.103  -2.772  2.359   1.00 31.09  ? 166 TYR A N   1 
ATOM   1015 C CA  . TYR A 1 127 ? -7.447  -1.488  2.014   1.00 32.55  ? 166 TYR A CA  1 
ATOM   1016 C C   . TYR A 1 127 ? -6.931  -1.583  0.591   1.00 33.88  ? 166 TYR A C   1 
ATOM   1017 O O   . TYR A 1 127 ? -6.589  -2.698  0.115   1.00 31.84  ? 166 TYR A O   1 
ATOM   1018 C CB  . TYR A 1 127 ? -6.320  -1.167  2.983   1.00 33.50  ? 166 TYR A CB  1 
ATOM   1019 C CG  . TYR A 1 127 ? -6.808  -0.906  4.373   1.00 32.81  ? 166 TYR A CG  1 
ATOM   1020 C CD1 . TYR A 1 127 ? -7.292  0.346   4.711   1.00 31.26  ? 166 TYR A CD1 1 
ATOM   1021 C CD2 . TYR A 1 127 ? -6.897  -1.931  5.294   1.00 32.08  ? 166 TYR A CD2 1 
ATOM   1022 C CE1 . TYR A 1 127 ? -7.765  0.589   5.981   1.00 34.93  ? 166 TYR A CE1 1 
ATOM   1023 C CE2 . TYR A 1 127 ? -7.359  -1.702  6.576   1.00 34.20  ? 166 TYR A CE2 1 
ATOM   1024 C CZ  . TYR A 1 127 ? -7.805  -0.438  6.909   1.00 34.48  ? 166 TYR A CZ  1 
ATOM   1025 O OH  . TYR A 1 127 ? -8.303  -0.188  8.152   1.00 37.12  ? 166 TYR A OH  1 
ATOM   1026 N N   . GLU A 1 128 ? -6.862  -0.419  -0.042  1.00 33.45  ? 167 GLU A N   1 
ATOM   1027 C CA  . GLU A 1 128 ? -6.210  -0.275  -1.360  1.00 31.97  ? 167 GLU A CA  1 
ATOM   1028 C C   . GLU A 1 128 ? -5.078  0.732   -1.202  1.00 36.57  ? 167 GLU A C   1 
ATOM   1029 O O   . GLU A 1 128 ? -5.321  1.914   -0.915  1.00 34.09  ? 167 GLU A O   1 
ATOM   1030 C CB  . GLU A 1 128 ? -7.234  0.190   -2.383  1.00 36.95  ? 167 GLU A CB  1 
ATOM   1031 C CG  . GLU A 1 128 ? -6.631  0.300   -3.768  1.00 36.92  ? 167 GLU A CG  1 
ATOM   1032 C CD  . GLU A 1 128 ? -7.701  0.707   -4.764  1.00 47.95  ? 167 GLU A CD  1 
ATOM   1033 O OE1 . GLU A 1 128 ? -8.077  1.879   -4.749  1.00 52.60  ? 167 GLU A OE1 1 
ATOM   1034 O OE2 . GLU A 1 128 ? -8.208  -0.163  -5.478  1.00 53.21  ? 167 GLU A OE2 1 
ATOM   1035 N N   . PRO A 1 129 ? -3.820  0.275   -1.377  1.00 34.78  ? 168 PRO A N   1 
ATOM   1036 C CA  . PRO A 1 129 ? -2.667  1.162   -1.467  1.00 31.07  ? 168 PRO A CA  1 
ATOM   1037 C C   . PRO A 1 129 ? -2.816  2.287   -2.499  1.00 32.10  ? 168 PRO A C   1 
ATOM   1038 O O   . PRO A 1 129 ? -3.315  2.076   -3.616  1.00 32.96  ? 168 PRO A O   1 
ATOM   1039 C CB  . PRO A 1 129 ? -1.546  0.229   -1.891  1.00 32.33  ? 168 PRO A CB  1 
ATOM   1040 C CG  . PRO A 1 129 ? -1.949  -1.097  -1.248  1.00 32.90  ? 168 PRO A CG  1 
ATOM   1041 C CD  . PRO A 1 129 ? -3.434  -1.151  -1.490  1.00 34.50  ? 168 PRO A CD  1 
ATOM   1042 N N   . ARG A 1 130 ? -2.314  3.437   -2.099  1.00 31.99  ? 169 ARG A N   1 
ATOM   1043 C CA  . ARG A 1 130 ? -2.374  4.680   -2.912  1.00 33.60  ? 169 ARG A CA  1 
ATOM   1044 C C   . ARG A 1 130 ? -1.034  5.405   -2.777  1.00 33.84  ? 169 ARG A C   1 
ATOM   1045 O O   . ARG A 1 130 ? -0.569  5.584   -1.651  1.00 33.91  ? 169 ARG A O   1 
ATOM   1046 C CB  . ARG A 1 130 ? -3.515  5.564   -2.419  1.00 32.07  ? 169 ARG A CB  1 
ATOM   1047 C CG  . ARG A 1 130 ? -3.573  6.916   -3.129  1.00 32.47  ? 169 ARG A CG  1 
ATOM   1048 C CD  . ARG A 1 130 ? -4.902  7.596   -2.899  1.00 35.60  ? 169 ARG A CD  1 
ATOM   1049 N NE  . ARG A 1 130 ? -5.053  7.868   -1.481  1.00 33.59  ? 169 ARG A NE  1 
ATOM   1050 C CZ  . ARG A 1 130 ? -5.997  8.644   -0.962  1.00 39.55  ? 169 ARG A CZ  1 
ATOM   1051 N NH1 . ARG A 1 130 ? -6.918  9.162   -1.742  1.00 38.50  ? 169 ARG A NH1 1 
ATOM   1052 N NH2 . ARG A 1 130 ? -6.030  8.885   0.341   1.00 39.85  ? 169 ARG A NH2 1 
ATOM   1053 N N   . ILE A 1 131 ? -0.454  5.807   -3.899  1.00 31.61  ? 170 ILE A N   1 
ATOM   1054 C CA  . ILE A 1 131 ? 0.854   6.507   -3.924  1.00 30.13  ? 170 ILE A CA  1 
ATOM   1055 C C   . ILE A 1 131 ? 0.580   7.923   -4.428  1.00 32.98  ? 170 ILE A C   1 
ATOM   1056 O O   . ILE A 1 131 ? -0.110  8.066   -5.489  1.00 34.28  ? 170 ILE A O   1 
ATOM   1057 C CB  . ILE A 1 131 ? 1.874   5.795   -4.828  1.00 36.31  ? 170 ILE A CB  1 
ATOM   1058 C CG1 . ILE A 1 131 ? 2.319   4.450   -4.234  1.00 37.26  ? 170 ILE A CG1 1 
ATOM   1059 C CG2 . ILE A 1 131 ? 3.048   6.717   -5.091  1.00 35.85  ? 170 ILE A CG2 1 
ATOM   1060 C CD1 . ILE A 1 131 ? 3.077   3.580   -5.244  1.00 41.26  ? 170 ILE A CD1 1 
ATOM   1061 N N   . HIS A 1 132 ? 1.123   8.883   -3.698  1.00 30.39  ? 171 HIS A N   1 
ATOM   1062 C CA  . HIS A 1 132 ? 1.090   10.330  -4.024  1.00 32.61  ? 171 HIS A CA  1 
ATOM   1063 C C   . HIS A 1 132 ? 2.487   10.808  -4.412  1.00 33.62  ? 171 HIS A C   1 
ATOM   1064 O O   . HIS A 1 132 ? 3.464   10.544  -3.675  1.00 33.93  ? 171 HIS A O   1 
ATOM   1065 C CB  . HIS A 1 132 ? 0.613   11.142  -2.839  1.00 34.27  ? 171 HIS A CB  1 
ATOM   1066 C CG  . HIS A 1 132 ? -0.593  10.558  -2.198  1.00 36.00  ? 171 HIS A CG  1 
ATOM   1067 N ND1 . HIS A 1 132 ? -1.846  10.935  -2.540  1.00 37.75  ? 171 HIS A ND1 1 
ATOM   1068 C CD2 . HIS A 1 132 ? -0.713  9.618   -1.239  1.00 42.99  ? 171 HIS A CD2 1 
ATOM   1069 C CE1 . HIS A 1 132 ? -2.723  10.261  -1.821  1.00 41.06  ? 171 HIS A CE1 1 
ATOM   1070 N NE2 . HIS A 1 132 ? -2.049  9.434   -1.018  1.00 40.19  ? 171 HIS A NE2 1 
ATOM   1071 N N   . ILE A 1 133 ? 2.550   11.574  -5.480  1.00 32.73  ? 172 ILE A N   1 
ATOM   1072 C CA  . ILE A 1 133 ? 3.781   12.264  -5.916  1.00 30.20  ? 172 ILE A CA  1 
ATOM   1073 C C   . ILE A 1 133 ? 3.553   13.756  -5.698  1.00 33.40  ? 172 ILE A C   1 
ATOM   1074 O O   . ILE A 1 133 ? 2.617   14.295  -6.349  1.00 31.52  ? 172 ILE A O   1 
ATOM   1075 C CB  . ILE A 1 133 ? 4.109   11.944  -7.373  1.00 30.60  ? 172 ILE A CB  1 
ATOM   1076 C CG1 . ILE A 1 133 ? 4.302   10.439  -7.575  1.00 30.84  ? 172 ILE A CG1 1 
ATOM   1077 C CG2 . ILE A 1 133 ? 5.320   12.738  -7.807  1.00 34.64  ? 172 ILE A CG2 1 
ATOM   1078 C CD1 . ILE A 1 133 ? 4.447   10.046  -9.018  1.00 31.99  ? 172 ILE A CD1 1 
ATOM   1079 N N   . VAL A 1 134 ? 4.355   14.328  -4.810  1.00 34.15  ? 173 VAL A N   1 
ATOM   1080 C CA  . VAL A 1 134 ? 4.253   15.718  -4.293  1.00 36.25  ? 173 VAL A CA  1 
ATOM   1081 C C   . VAL A 1 134 ? 5.396   16.506  -4.925  1.00 35.17  ? 173 VAL A C   1 
ATOM   1082 O O   . VAL A 1 134 ? 6.597   16.124  -4.702  1.00 37.11  ? 173 VAL A O   1 
ATOM   1083 C CB  . VAL A 1 134 ? 4.352   15.776  -2.757  1.00 39.41  ? 173 VAL A CB  1 
ATOM   1084 C CG1 . VAL A 1 134 ? 4.129   17.210  -2.258  1.00 44.40  ? 173 VAL A CG1 1 
ATOM   1085 C CG2 . VAL A 1 134 ? 3.399   14.818  -2.067  1.00 43.80  ? 173 VAL A CG2 1 
ATOM   1086 N N   . ARG A 1 135 ? 5.075   17.573  -5.647  1.00 33.86  ? 174 ARG A N   1 
ATOM   1087 C CA  . ARG A 1 135 ? 6.130   18.420  -6.257  1.00 34.70  ? 174 ARG A CA  1 
ATOM   1088 C C   . ARG A 1 135 ? 6.736   19.337  -5.196  1.00 36.37  ? 174 ARG A C   1 
ATOM   1089 O O   . ARG A 1 135 ? 5.963   20.005  -4.452  1.00 37.24  ? 174 ARG A O   1 
ATOM   1090 C CB  . ARG A 1 135 ? 5.644   19.239  -7.440  1.00 37.55  ? 174 ARG A CB  1 
ATOM   1091 C CG  . ARG A 1 135 ? 6.820   19.911  -8.133  1.00 39.64  ? 174 ARG A CG  1 
ATOM   1092 C CD  . ARG A 1 135 ? 6.474   20.150  -9.575  1.00 48.23  ? 174 ARG A CD  1 
ATOM   1093 N NE  . ARG A 1 135 ? 5.332   21.055  -9.631  1.00 54.91  ? 174 ARG A NE  1 
ATOM   1094 C CZ  . ARG A 1 135 ? 4.477   21.173  -10.658 1.00 60.28  ? 174 ARG A CZ  1 
ATOM   1095 N NH1 . ARG A 1 135 ? 3.495   22.067  -10.593 1.00 51.55  ? 174 ARG A NH1 1 
ATOM   1096 N NH2 . ARG A 1 135 ? 4.593   20.389  -11.728 1.00 57.64  ? 174 ARG A NH2 1 
ATOM   1097 N N   . VAL A 1 136 ? 8.062   19.344  -5.075  1.00 36.13  ? 175 VAL A N   1 
ATOM   1098 C CA  . VAL A 1 136 ? 8.685   20.139  -3.980  1.00 38.52  ? 175 VAL A CA  1 
ATOM   1099 C C   . VAL A 1 136 ? 8.862   21.574  -4.473  1.00 33.33  ? 175 VAL A C   1 
ATOM   1100 O O   . VAL A 1 136 ? 9.079   21.789  -5.683  1.00 33.43  ? 175 VAL A O   1 
ATOM   1101 C CB  . VAL A 1 136 ? 9.942   19.522  -3.338  1.00 44.28  ? 175 VAL A CB  1 
ATOM   1102 C CG1 . VAL A 1 136 ? 10.086  18.037  -3.595  1.00 45.34  ? 175 VAL A CG1 1 
ATOM   1103 C CG2 . VAL A 1 136 ? 11.211  20.299  -3.567  1.00 45.11  ? 175 VAL A CG2 1 
ATOM   1104 N N   . GLY A 1 137 ? 8.662   22.495  -3.549  1.00 35.76  ? 176 GLY A N   1 
ATOM   1105 C CA  . GLY A 1 137 ? 8.880   23.941  -3.713  1.00 42.26  ? 176 GLY A CA  1 
ATOM   1106 C C   . GLY A 1 137 ? 7.741   24.556  -4.494  1.00 45.58  ? 176 GLY A C   1 
ATOM   1107 O O   . GLY A 1 137 ? 7.951   25.586  -5.115  1.00 46.76  ? 176 GLY A O   1 
ATOM   1108 N N   . ASP A 1 138 ? 6.605   23.868  -4.575  1.00 40.41  ? 177 ASP A N   1 
ATOM   1109 C CA  . ASP A 1 138 ? 5.522   24.262  -5.509  1.00 37.07  ? 177 ASP A CA  1 
ATOM   1110 C C   . ASP A 1 138 ? 4.538   25.115  -4.724  1.00 36.24  ? 177 ASP A C   1 
ATOM   1111 O O   . ASP A 1 138 ? 3.975   24.620  -3.762  1.00 34.88  ? 177 ASP A O   1 
ATOM   1112 C CB  . ASP A 1 138 ? 4.877   23.031  -6.139  1.00 37.64  ? 177 ASP A CB  1 
ATOM   1113 C CG  . ASP A 1 138 ? 3.808   23.416  -7.131  1.00 41.04  ? 177 ASP A CG  1 
ATOM   1114 O OD1 . ASP A 1 138 ? 3.645   24.642  -7.399  1.00 41.44  ? 177 ASP A OD1 1 
ATOM   1115 O OD2 . ASP A 1 138 ? 3.109   22.533  -7.548  1.00 41.10  ? 177 ASP A OD2 1 
ATOM   1116 N N   . PRO A 1 139 ? 4.382   26.437  -4.997  1.00 40.58  ? 178 PRO A N   1 
ATOM   1117 C CA  . PRO A 1 139 ? 3.388   27.235  -4.266  1.00 42.06  ? 178 PRO A CA  1 
ATOM   1118 C C   . PRO A 1 139 ? 1.946   26.708  -4.475  1.00 39.08  ? 178 PRO A C   1 
ATOM   1119 O O   . PRO A 1 139 ? 1.116   26.941  -3.584  1.00 39.45  ? 178 PRO A O   1 
ATOM   1120 C CB  . PRO A 1 139 ? 3.581   28.666  -4.800  1.00 44.63  ? 178 PRO A CB  1 
ATOM   1121 C CG  . PRO A 1 139 ? 4.270   28.490  -6.150  1.00 46.08  ? 178 PRO A CG  1 
ATOM   1122 C CD  . PRO A 1 139 ? 5.075   27.211  -6.027  1.00 41.05  ? 178 PRO A CD  1 
ATOM   1123 N N   . GLN A 1 140 ? 1.661   25.944  -5.554  1.00 35.00  ? 179 GLN A N   1 
ATOM   1124 C CA  . GLN A 1 140 ? 0.329   25.307  -5.743  1.00 35.70  ? 179 GLN A CA  1 
ATOM   1125 C C   . GLN A 1 140 ? 0.251   23.925  -5.078  1.00 34.47  ? 179 GLN A C   1 
ATOM   1126 O O   . GLN A 1 140 ? -0.860  23.322  -5.040  1.00 34.97  ? 179 GLN A O   1 
ATOM   1127 C CB  . GLN A 1 140 ? -0.040  25.233  -7.220  1.00 39.29  ? 179 GLN A CB  1 
ATOM   1128 C CG  . GLN A 1 140 ? -0.108  26.600  -7.870  1.00 43.44  ? 179 GLN A CG  1 
ATOM   1129 C CD  . GLN A 1 140 ? -0.637  26.433  -9.266  1.00 46.97  ? 179 GLN A CD  1 
ATOM   1130 O OE1 . GLN A 1 140 ? -1.766  26.794  -9.558  1.00 51.13  ? 179 GLN A OE1 1 
ATOM   1131 N NE2 . GLN A 1 140 ? 0.165   25.807  -10.112 1.00 40.71  ? 179 GLN A NE2 1 
ATOM   1132 N N   . ARG A 1 141 ? 1.359   23.435  -4.531  1.00 31.92  ? 180 ARG A N   1 
ATOM   1133 C CA  . ARG A 1 141 ? 1.388   22.183  -3.736  1.00 34.59  ? 180 ARG A CA  1 
ATOM   1134 C C   . ARG A 1 141 ? 0.800   21.078  -4.602  1.00 34.48  ? 180 ARG A C   1 
ATOM   1135 O O   . ARG A 1 141 ? -0.030  20.282  -4.109  1.00 35.62  ? 180 ARG A O   1 
ATOM   1136 C CB  . ARG A 1 141 ? 0.613   22.339  -2.424  1.00 41.02  ? 180 ARG A CB  1 
ATOM   1137 C CG  . ARG A 1 141 ? 0.898   23.659  -1.722  1.00 50.39  ? 180 ARG A CG  1 
ATOM   1138 C CD  . ARG A 1 141 ? 0.602   23.577  -0.243  1.00 59.09  ? 180 ARG A CD  1 
ATOM   1139 N NE  . ARG A 1 141 ? -0.527  24.397  0.149   1.00 63.25  ? 180 ARG A NE  1 
ATOM   1140 C CZ  . ARG A 1 141 ? -1.463  24.010  1.015   1.00 86.49  ? 180 ARG A CZ  1 
ATOM   1141 N NH1 . ARG A 1 141 ? -2.448  24.831  1.342   1.00 89.01  ? 180 ARG A NH1 1 
ATOM   1142 N NH2 . ARG A 1 141 ? -1.433  22.795  1.540   1.00 89.97  ? 180 ARG A NH2 1 
ATOM   1143 N N   A MET A 1 142 ? 1.189   21.037  -5.882  0.25 32.86  ? 181 MET A N   1 
ATOM   1144 N N   B MET A 1 142 ? 1.219   21.023  -5.868  0.25 35.23  ? 181 MET A N   1 
ATOM   1145 C CA  A MET A 1 142 ? 0.619   20.068  -6.850  0.25 32.58  ? 181 MET A CA  1 
ATOM   1146 C CA  B MET A 1 142 ? 0.668   20.067  -6.859  0.25 36.50  ? 181 MET A CA  1 
ATOM   1147 C C   A MET A 1 142 ? 0.890   18.663  -6.312  0.25 32.01  ? 181 MET A C   1 
ATOM   1148 C C   B MET A 1 142 ? 1.017   18.646  -6.408  0.25 35.13  ? 181 MET A C   1 
ATOM   1149 O O   A MET A 1 142 ? 2.050   18.361  -5.981  0.25 32.91  ? 181 MET A O   1 
ATOM   1150 O O   B MET A 1 142 ? 2.180   18.402  -6.031  0.25 36.30  ? 181 MET A O   1 
ATOM   1151 C CB  A MET A 1 142 ? 1.210   20.188  -8.258  0.25 32.51  ? 181 MET A CB  1 
ATOM   1152 C CB  B MET A 1 142 ? 1.216   20.323  -8.263  0.25 38.76  ? 181 MET A CB  1 
ATOM   1153 C CG  A MET A 1 142 ? 0.520   19.272  -9.259  0.25 33.48  ? 181 MET A CG  1 
ATOM   1154 C CG  B MET A 1 142 ? 0.548   19.471  -9.310  0.25 41.82  ? 181 MET A CG  1 
ATOM   1155 S SD  A MET A 1 142 ? 1.247   19.330  -10.925 0.25 36.83  ? 181 MET A SD  1 
ATOM   1156 S SD  B MET A 1 142 ? 1.269   17.822  -9.355  0.25 48.09  ? 181 MET A SD  1 
ATOM   1157 C CE  A MET A 1 142 ? 0.308   18.053  -11.757 0.25 36.47  ? 181 MET A CE  1 
ATOM   1158 C CE  B MET A 1 142 ? 2.792   18.162  -10.240 0.25 48.75  ? 181 MET A CE  1 
ATOM   1159 N N   A ILE A 1 143 ? -0.163  17.860  -6.203  0.25 32.75  ? 182 ILE A N   1 
ATOM   1160 N N   B ILE A 1 143 ? 0.027   17.757  -6.430  0.25 34.71  ? 182 ILE A N   1 
ATOM   1161 C CA  A ILE A 1 143 ? -0.042  16.416  -5.867  0.25 32.47  ? 182 ILE A CA  1 
ATOM   1162 C CA  B ILE A 1 143 ? 0.169   16.343  -5.982  0.25 32.86  ? 182 ILE A CA  1 
ATOM   1163 C C   A ILE A 1 143 ? -0.726  15.617  -6.974  0.25 32.03  ? 182 ILE A C   1 
ATOM   1164 C C   B ILE A 1 143 ? -0.703  15.469  -6.885  0.25 33.43  ? 182 ILE A C   1 
ATOM   1165 O O   A ILE A 1 143 ? -1.660  16.133  -7.625  0.25 30.90  ? 182 ILE A O   1 
ATOM   1166 O O   B ILE A 1 143 ? -1.891  15.802  -7.071  0.25 31.23  ? 182 ILE A O   1 
ATOM   1167 C CB  A ILE A 1 143 ? -0.627  16.122  -4.476  0.25 32.76  ? 182 ILE A CB  1 
ATOM   1168 C CB  B ILE A 1 143 ? -0.201  16.217  -4.491  0.25 30.98  ? 182 ILE A CB  1 
ATOM   1169 C CG1 A ILE A 1 143 ? 0.173   16.835  -3.382  0.25 35.39  ? 182 ILE A CG1 1 
ATOM   1170 C CG1 B ILE A 1 143 ? 0.091   14.820  -3.937  0.25 31.25  ? 182 ILE A CG1 1 
ATOM   1171 C CG2 A ILE A 1 143 ? -0.727  14.621  -4.235  0.25 31.31  ? 182 ILE A CG2 1 
ATOM   1172 C CG2 B ILE A 1 143 ? -1.649  16.617  -4.244  0.25 32.51  ? 182 ILE A CG2 1 
ATOM   1173 C CD1 A ILE A 1 143 ? -0.393  16.666  -1.998  0.25 37.07  ? 182 ILE A CD1 1 
ATOM   1174 C CD1 B ILE A 1 143 ? -0.162  14.714  -2.453  0.25 32.42  ? 182 ILE A CD1 1 
ATOM   1175 N N   A THR A 1 144 ? -0.235  14.402  -7.199  0.25 30.08  ? 183 THR A N   1 
ATOM   1176 N N   B THR A 1 144 ? -0.118  14.411  -7.453  0.25 32.39  ? 183 THR A N   1 
ATOM   1177 C CA  A THR A 1 144 ? -0.843  13.409  -8.106  0.25 29.81  ? 183 THR A CA  1 
ATOM   1178 C CA  B THR A 1 144 ? -0.832  13.396  -8.261  0.25 32.29  ? 183 THR A CA  1 
ATOM   1179 C C   A THR A 1 144 ? -1.024  12.141  -7.280  0.25 30.50  ? 183 THR A C   1 
ATOM   1180 C C   B THR A 1 144 ? -0.861  12.090  -7.472  0.25 32.59  ? 183 THR A C   1 
ATOM   1181 O O   A THR A 1 144 ? -0.163  11.898  -6.415  0.25 30.17  ? 183 THR A O   1 
ATOM   1182 O O   B THR A 1 144 ? 0.235   11.612  -7.128  0.25 30.03  ? 183 THR A O   1 
ATOM   1183 C CB  A THR A 1 144 ? 0.018   13.187  -9.350  0.25 29.37  ? 183 THR A CB  1 
ATOM   1184 C CB  B THR A 1 144 ? -0.181  13.134  -9.621  0.25 32.66  ? 183 THR A CB  1 
ATOM   1185 O OG1 A THR A 1 144 ? 1.132   12.385  -8.967  0.25 30.74  ? 183 THR A OG1 1 
ATOM   1186 O OG1 B THR A 1 144 ? -0.154  14.344  -10.381 0.25 34.04  ? 183 THR A OG1 1 
ATOM   1187 C CG2 A THR A 1 144 ? 0.504   14.482  -9.962  0.25 29.16  ? 183 THR A CG2 1 
ATOM   1188 C CG2 B THR A 1 144 ? -0.922  12.071  -10.399 0.25 32.90  ? 183 THR A CG2 1 
ATOM   1189 N N   A SER A 1 145 ? -2.129  11.429  -7.495  0.25 29.33  ? 184 SER A N   1 
ATOM   1190 N N   B SER A 1 145 ? -2.070  11.590  -7.198  0.25 32.36  ? 184 SER A N   1 
ATOM   1191 C CA  A SER A 1 145 ? -2.482  10.221  -6.715  0.25 30.61  ? 184 SER A CA  1 
ATOM   1192 C CA  B SER A 1 145 ? -2.349  10.344  -6.443  0.25 32.45  ? 184 SER A CA  1 
ATOM   1193 C C   A SER A 1 145 ? -2.885  9.111   -7.685  0.25 28.79  ? 184 SER A C   1 
ATOM   1194 C C   B SER A 1 145 ? -2.646  9.226   -7.446  0.25 30.31  ? 184 SER A C   1 
ATOM   1195 O O   A SER A 1 145 ? -3.784  9.351   -8.526  0.25 27.74  ? 184 SER A O   1 
ATOM   1196 O O   B SER A 1 145 ? -3.044  9.542   -8.587  0.25 30.67  ? 184 SER A O   1 
ATOM   1197 C CB  A SER A 1 145 ? -3.567  10.515  -5.715  0.25 31.43  ? 184 SER A CB  1 
ATOM   1198 C CB  B SER A 1 145 ? -3.487  10.536  -5.491  0.25 34.30  ? 184 SER A CB  1 
ATOM   1199 O OG  A SER A 1 145 ? -3.225  11.623  -4.889  0.25 33.34  ? 184 SER A OG  1 
ATOM   1200 O OG  B SER A 1 145 ? -4.677  10.876  -6.190  0.25 36.38  ? 184 SER A OG  1 
ATOM   1201 N N   A HIS A 1 146 ? -2.203  7.963   -7.598  0.25 29.51  ? 185 HIS A N   1 
ATOM   1202 N N   B HIS A 1 146 ? -2.489  7.970   -7.016  0.25 30.24  ? 185 HIS A N   1 
ATOM   1203 C CA  A HIS A 1 146 ? -2.607  6.689   -8.246  0.25 27.43  ? 185 HIS A CA  1 
ATOM   1204 C CA  B HIS A 1 146 ? -2.444  6.777   -7.899  0.25 29.26  ? 185 HIS A CA  1 
ATOM   1205 C C   A HIS A 1 146 ? -2.966  5.675   -7.155  0.25 28.83  ? 185 HIS A C   1 
ATOM   1206 C C   B HIS A 1 146 ? -2.880  5.552   -7.091  0.25 29.92  ? 185 HIS A C   1 
ATOM   1207 O O   A HIS A 1 146 ? -2.315  5.658   -6.102  0.25 28.73  ? 185 HIS A O   1 
ATOM   1208 O O   B HIS A 1 146 ? -2.136  5.227   -6.146  0.25 30.90  ? 185 HIS A O   1 
ATOM   1209 C CB  A HIS A 1 146 ? -1.525  6.110   -9.176  0.25 27.12  ? 185 HIS A CB  1 
ATOM   1210 C CB  B HIS A 1 146 ? -1.006  6.598   -8.422  0.25 30.08  ? 185 HIS A CB  1 
ATOM   1211 C CG  A HIS A 1 146 ? -1.135  6.996   -10.312 0.25 26.46  ? 185 HIS A CG  1 
ATOM   1212 C CG  B HIS A 1 146 ? -0.386  7.838   -8.978  0.25 29.31  ? 185 HIS A CG  1 
ATOM   1213 N ND1 A HIS A 1 146 ? -1.486  6.731   -11.633 0.25 27.66  ? 185 HIS A ND1 1 
ATOM   1214 N ND1 B HIS A 1 146 ? 0.390   8.720   -8.211  0.25 30.34  ? 185 HIS A ND1 1 
ATOM   1215 C CD2 A HIS A 1 146 ? -0.423  8.138   -10.323 0.25 26.73  ? 185 HIS A CD2 1 
ATOM   1216 C CD2 B HIS A 1 146 ? -0.392  8.333   -10.236 0.25 30.33  ? 185 HIS A CD2 1 
ATOM   1217 C CE1 A HIS A 1 146 ? -1.009  7.699   -12.397 0.25 27.92  ? 185 HIS A CE1 1 
ATOM   1218 C CE1 B HIS A 1 146 ? 0.807   9.701   -8.977  0.25 31.18  ? 185 HIS A CE1 1 
ATOM   1219 N NE2 A HIS A 1 146 ? -0.345  8.572   -11.617 0.25 28.49  ? 185 HIS A NE2 1 
ATOM   1220 N NE2 B HIS A 1 146 ? 0.341   9.494   -10.228 0.25 30.68  ? 185 HIS A NE2 1 
ATOM   1221 N N   . CYS A 1 147 ? -3.997  4.885   -7.436  1.00 31.53  ? 186 CYS A N   1 
ATOM   1222 C CA  . CYS A 1 147 ? -4.461  3.715   -6.639  1.00 33.24  ? 186 CYS A CA  1 
ATOM   1223 C C   . CYS A 1 147 ? -4.063  2.458   -7.401  1.00 33.09  ? 186 CYS A C   1 
ATOM   1224 O O   . CYS A 1 147 ? -3.925  2.511   -8.670  1.00 32.08  ? 186 CYS A O   1 
ATOM   1225 C CB  . CYS A 1 147 ? -5.963  3.754   -6.392  1.00 39.21  ? 186 CYS A CB  1 
ATOM   1226 S SG  . CYS A 1 147 ? -6.493  5.239   -5.500  1.00 41.80  ? 186 CYS A SG  1 
ATOM   1227 N N   . PHE A 1 148 ? -3.875  1.372   -6.664  1.00 34.61  ? 187 PHE A N   1 
ATOM   1228 C CA  . PHE A 1 148 ? -3.361  0.109   -7.238  1.00 34.75  ? 187 PHE A CA  1 
ATOM   1229 C C   . PHE A 1 148 ? -4.346  -0.999  -6.872  1.00 34.15  ? 187 PHE A C   1 
ATOM   1230 O O   . PHE A 1 148 ? -4.138  -1.679  -5.882  1.00 33.22  ? 187 PHE A O   1 
ATOM   1231 C CB  . PHE A 1 148 ? -1.934  -0.139  -6.767  1.00 36.22  ? 187 PHE A CB  1 
ATOM   1232 C CG  . PHE A 1 148 ? -1.001  0.934   -7.240  1.00 35.04  ? 187 PHE A CG  1 
ATOM   1233 C CD1 . PHE A 1 148 ? -0.441  0.854   -8.503  1.00 34.44  ? 187 PHE A CD1 1 
ATOM   1234 C CD2 . PHE A 1 148 ? -0.820  2.093   -6.484  1.00 36.84  ? 187 PHE A CD2 1 
ATOM   1235 C CE1 . PHE A 1 148 ? 0.335   1.901   -8.987  1.00 37.36  ? 187 PHE A CE1 1 
ATOM   1236 C CE2 . PHE A 1 148 ? -0.028  3.119   -6.973  1.00 38.44  ? 187 PHE A CE2 1 
ATOM   1237 C CZ  . PHE A 1 148 ? 0.520   3.023   -8.226  1.00 33.76  ? 187 PHE A CZ  1 
ATOM   1238 N N   . PRO A 1 149 ? -5.452  -1.163  -7.618  1.00 38.52  ? 188 PRO A N   1 
ATOM   1239 C CA  . PRO A 1 149 ? -6.457  -2.178  -7.287  1.00 34.84  ? 188 PRO A CA  1 
ATOM   1240 C C   . PRO A 1 149 ? -5.923  -3.614  -7.210  1.00 35.08  ? 188 PRO A C   1 
ATOM   1241 O O   . PRO A 1 149 ? -6.502  -4.372  -6.452  1.00 34.80  ? 188 PRO A O   1 
ATOM   1242 C CB  . PRO A 1 149 ? -7.473  -2.071  -8.425  1.00 38.05  ? 188 PRO A CB  1 
ATOM   1243 C CG  . PRO A 1 149 ? -6.726  -1.352  -9.542  1.00 42.97  ? 188 PRO A CG  1 
ATOM   1244 C CD  . PRO A 1 149 ? -5.830  -0.381  -8.815  1.00 40.58  ? 188 PRO A CD  1 
ATOM   1245 N N   . GLU A 1 150 ? -4.867  -3.945  -7.955  1.00 37.51  ? 189 GLU A N   1 
ATOM   1246 C CA  . GLU A 1 150 ? -4.237  -5.300  -7.920  1.00 35.43  ? 189 GLU A CA  1 
ATOM   1247 C C   . GLU A 1 150 ? -3.661  -5.596  -6.530  1.00 33.82  ? 189 GLU A C   1 
ATOM   1248 O O   . GLU A 1 150 ? -3.468  -6.783  -6.194  1.00 35.41  ? 189 GLU A O   1 
ATOM   1249 C CB  . GLU A 1 150 ? -3.105  -5.386  -8.935  1.00 42.55  ? 189 GLU A CB  1 
ATOM   1250 C CG  . GLU A 1 150 ? -3.523  -5.034  -10.348 1.00 41.27  ? 189 GLU A CG  1 
ATOM   1251 C CD  . GLU A 1 150 ? -3.272  -3.605  -10.809 1.00 45.75  ? 189 GLU A CD  1 
ATOM   1252 O OE1 . GLU A 1 150 ? -3.140  -3.431  -12.021 1.00 48.72  ? 189 GLU A OE1 1 
ATOM   1253 O OE2 . GLU A 1 150 ? -3.209  -2.680  -9.972  1.00 41.82  ? 189 GLU A OE2 1 
ATOM   1254 N N   . THR A 1 151 ? -3.418  -4.561  -5.719  1.00 31.77  ? 190 THR A N   1 
ATOM   1255 C CA  . THR A 1 151 ? -2.661  -4.660  -4.456  1.00 28.58  ? 190 THR A CA  1 
ATOM   1256 C C   . THR A 1 151 ? -3.624  -4.641  -3.260  1.00 30.62  ? 190 THR A C   1 
ATOM   1257 O O   . THR A 1 151 ? -3.111  -4.548  -2.151  1.00 31.51  ? 190 THR A O   1 
ATOM   1258 C CB  . THR A 1 151 ? -1.594  -3.560  -4.324  1.00 31.23  ? 190 THR A CB  1 
ATOM   1259 O OG1 . THR A 1 151 ? -2.214  -2.276  -4.210  1.00 31.80  ? 190 THR A OG1 1 
ATOM   1260 C CG2 . THR A 1 151 ? -0.653  -3.483  -5.518  1.00 32.09  ? 190 THR A CG2 1 
ATOM   1261 N N   . GLN A 1 152 ? -4.943  -4.660  -3.480  1.00 32.49  ? 191 GLN A N   1 
ATOM   1262 C CA  . GLN A 1 152 ? -5.942  -4.641  -2.377  1.00 31.36  ? 191 GLN A CA  1 
ATOM   1263 C C   . GLN A 1 152 ? -5.700  -5.849  -1.468  1.00 32.14  ? 191 GLN A C   1 
ATOM   1264 O O   . GLN A 1 152 ? -5.371  -6.927  -1.977  1.00 31.30  ? 191 GLN A O   1 
ATOM   1265 C CB  . GLN A 1 152 ? -7.367  -4.759  -2.906  1.00 35.08  ? 191 GLN A CB  1 
ATOM   1266 C CG  . GLN A 1 152 ? -7.885  -3.485  -3.555  1.00 39.46  ? 191 GLN A CG  1 
ATOM   1267 C CD  . GLN A 1 152 ? -9.174  -3.711  -4.297  1.00 46.47  ? 191 GLN A CD  1 
ATOM   1268 O OE1 . GLN A 1 152 ? -9.698  -4.826  -4.342  1.00 42.54  ? 191 GLN A OE1 1 
ATOM   1269 N NE2 . GLN A 1 152 ? -9.694  -2.637  -4.872  1.00 46.44  ? 191 GLN A NE2 1 
ATOM   1270 N N   . PHE A 1 153 ? -5.901  -5.685  -0.177  1.00 32.24  ? 192 PHE A N   1 
ATOM   1271 C CA  . PHE A 1 153 ? -5.714  -6.802  0.776   1.00 31.77  ? 192 PHE A CA  1 
ATOM   1272 C C   . PHE A 1 153 ? -6.601  -6.582  1.984   1.00 33.80  ? 192 PHE A C   1 
ATOM   1273 O O   . PHE A 1 153 ? -7.024  -5.396  2.251   1.00 31.96  ? 192 PHE A O   1 
ATOM   1274 C CB  . PHE A 1 153 ? -4.248  -6.896  1.214   1.00 32.06  ? 192 PHE A CB  1 
ATOM   1275 C CG  . PHE A 1 153 ? -3.744  -5.692  1.953   1.00 31.12  ? 192 PHE A CG  1 
ATOM   1276 C CD1 . PHE A 1 153 ? -3.916  -5.563  3.315   1.00 30.31  ? 192 PHE A CD1 1 
ATOM   1277 C CD2 . PHE A 1 153 ? -3.166  -4.639  1.267   1.00 34.77  ? 192 PHE A CD2 1 
ATOM   1278 C CE1 . PHE A 1 153 ? -3.494  -4.431  3.990   1.00 31.25  ? 192 PHE A CE1 1 
ATOM   1279 C CE2 . PHE A 1 153 ? -2.723  -3.519  1.943   1.00 33.99  ? 192 PHE A CE2 1 
ATOM   1280 C CZ  . PHE A 1 153 ? -2.888  -3.409  3.305   1.00 35.14  ? 192 PHE A CZ  1 
ATOM   1281 N N   . ILE A 1 154 ? -6.827  -7.658  2.741   1.00 29.45  ? 193 ILE A N   1 
ATOM   1282 C CA  . ILE A 1 154 ? -7.469  -7.541  4.066   1.00 33.42  ? 193 ILE A CA  1 
ATOM   1283 C C   . ILE A 1 154 ? -6.371  -7.590  5.123   1.00 31.82  ? 193 ILE A C   1 
ATOM   1284 O O   . ILE A 1 154 ? -5.500  -8.475  5.060   1.00 31.95  ? 193 ILE A O   1 
ATOM   1285 C CB  . ILE A 1 154 ? -8.573  -8.615  4.266   1.00 35.52  ? 193 ILE A CB  1 
ATOM   1286 C CG1 . ILE A 1 154 ? -9.619  -8.540  3.150   1.00 35.34  ? 193 ILE A CG1 1 
ATOM   1287 C CG2 . ILE A 1 154 ? -9.194  -8.461  5.649   1.00 35.67  ? 193 ILE A CG2 1 
ATOM   1288 C CD1 . ILE A 1 154 ? -10.602 -9.634  3.168   1.00 40.80  ? 193 ILE A CD1 1 
ATOM   1289 N N   . ALA A 1 155 ? -6.356  -6.611  6.023   1.00 30.57  ? 194 ALA A N   1 
ATOM   1290 C CA  . ALA A 1 155 ? -5.480  -6.582  7.214   1.00 34.77  ? 194 ALA A CA  1 
ATOM   1291 C C   . ALA A 1 155 ? -5.935  -7.677  8.170   1.00 36.92  ? 194 ALA A C   1 
ATOM   1292 O O   . ALA A 1 155 ? -7.164  -7.764  8.456   1.00 37.39  ? 194 ALA A O   1 
ATOM   1293 C CB  . ALA A 1 155 ? -5.542  -5.255  7.879   1.00 33.54  ? 194 ALA A CB  1 
ATOM   1294 N N   . VAL A 1 156 ? -5.002  -8.498  8.642   1.00 36.24  ? 195 VAL A N   1 
ATOM   1295 C CA  . VAL A 1 156 ? -5.338  -9.612  9.583   1.00 36.82  ? 195 VAL A CA  1 
ATOM   1296 C C   . VAL A 1 156 ? -4.282  -9.629  10.698  1.00 37.52  ? 195 VAL A C   1 
ATOM   1297 O O   . VAL A 1 156 ? -3.108  -9.287  10.421  1.00 34.79  ? 195 VAL A O   1 
ATOM   1298 C CB  . VAL A 1 156 ? -5.416  -10.972 8.853   1.00 36.21  ? 195 VAL A CB  1 
ATOM   1299 C CG1 . VAL A 1 156 ? -6.528  -10.995 7.803   1.00 36.99  ? 195 VAL A CG1 1 
ATOM   1300 C CG2 . VAL A 1 156 ? -4.100  -11.409 8.218   1.00 37.96  ? 195 VAL A CG2 1 
ATOM   1301 N N   . THR A 1 157 ? -4.626  -10.083 11.906  1.00 41.67  ? 196 THR A N   1 
ATOM   1302 C CA  . THR A 1 157 ? -3.623  -10.299 12.988  1.00 40.06  ? 196 THR A CA  1 
ATOM   1303 C C   . THR A 1 157 ? -2.989  -11.686 12.791  1.00 42.47  ? 196 THR A C   1 
ATOM   1304 O O   . THR A 1 157 ? -1.966  -11.946 13.396  1.00 42.68  ? 196 THR A O   1 
ATOM   1305 C CB  . THR A 1 157 ? -4.235  -10.107 14.386  1.00 45.99  ? 196 THR A CB  1 
ATOM   1306 O OG1 . THR A 1 157 ? -5.266  -11.072 14.552  1.00 45.47  ? 196 THR A OG1 1 
ATOM   1307 C CG2 . THR A 1 157 ? -4.828  -8.739  14.616  1.00 47.28  ? 196 THR A CG2 1 
ATOM   1308 N N   . ALA A 1 158 ? -3.565  -12.534 11.941  1.00 39.14  ? 197 ALA A N   1 
ATOM   1309 C CA  . ALA A 1 158 ? -3.106  -13.910 11.644  1.00 41.96  ? 197 ALA A CA  1 
ATOM   1310 C C   . ALA A 1 158 ? -3.743  -14.311 10.327  1.00 41.49  ? 197 ALA A C   1 
ATOM   1311 O O   . ALA A 1 158 ? -4.915  -13.921 10.088  1.00 41.62  ? 197 ALA A O   1 
ATOM   1312 C CB  . ALA A 1 158 ? -3.490  -14.895 12.737  1.00 43.81  ? 197 ALA A CB  1 
ATOM   1313 N N   . TYR A 1 159 ? -3.016  -15.060 9.507   1.00 39.28  ? 198 TYR A N   1 
ATOM   1314 C CA  . TYR A 1 159 ? -3.533  -15.491 8.195   1.00 39.15  ? 198 TYR A CA  1 
ATOM   1315 C C   . TYR A 1 159 ? -4.767  -16.364 8.391   1.00 42.85  ? 198 TYR A C   1 
ATOM   1316 O O   . TYR A 1 159 ? -4.733  -17.262 9.247   1.00 39.69  ? 198 TYR A O   1 
ATOM   1317 C CB  . TYR A 1 159 ? -2.463  -16.218 7.403   1.00 39.26  ? 198 TYR A CB  1 
ATOM   1318 C CG  . TYR A 1 159 ? -1.410  -15.268 6.906   1.00 42.42  ? 198 TYR A CG  1 
ATOM   1319 C CD1 . TYR A 1 159 ? -1.755  -14.092 6.242   1.00 39.81  ? 198 TYR A CD1 1 
ATOM   1320 C CD2 . TYR A 1 159 ? -0.075  -15.532 7.123   1.00 46.17  ? 198 TYR A CD2 1 
ATOM   1321 C CE1 . TYR A 1 159 ? -0.784  -13.214 5.789   1.00 44.34  ? 198 TYR A CE1 1 
ATOM   1322 C CE2 . TYR A 1 159 ? 0.907   -14.662 6.681   1.00 51.53  ? 198 TYR A CE2 1 
ATOM   1323 C CZ  . TYR A 1 159 ? 0.554   -13.508 6.006   1.00 49.86  ? 198 TYR A CZ  1 
ATOM   1324 O OH  . TYR A 1 159 ? 1.543   -12.683 5.562   1.00 48.63  ? 198 TYR A OH  1 
ATOM   1325 N N   . GLN A 1 160 ? -5.795  -16.115 7.584   1.00 37.60  ? 199 GLN A N   1 
ATOM   1326 C CA  . GLN A 1 160 ? -7.072  -16.868 7.597   1.00 38.66  ? 199 GLN A CA  1 
ATOM   1327 C C   . GLN A 1 160 ? -6.999  -18.004 6.583   1.00 40.28  ? 199 GLN A C   1 
ATOM   1328 O O   . GLN A 1 160 ? -7.313  -19.151 6.917   1.00 39.85  ? 199 GLN A O   1 
ATOM   1329 C CB  . GLN A 1 160 ? -8.207  -15.897 7.296   1.00 39.08  ? 199 GLN A CB  1 
ATOM   1330 C CG  . GLN A 1 160 ? -8.251  -14.765 8.307   1.00 37.70  ? 199 GLN A CG  1 
ATOM   1331 C CD  . GLN A 1 160 ? -8.496  -15.291 9.698   1.00 45.15  ? 199 GLN A CD  1 
ATOM   1332 O OE1 . GLN A 1 160 ? -9.502  -15.955 9.941   1.00 44.26  ? 199 GLN A OE1 1 
ATOM   1333 N NE2 . GLN A 1 160 ? -7.565  -15.034 10.618  1.00 44.77  ? 199 GLN A NE2 1 
ATOM   1334 N N   . ASN A 1 161 ? -6.641  -17.664 5.356   1.00 37.41  ? 200 ASN A N   1 
ATOM   1335 C CA  . ASN A 1 161 ? -6.609  -18.593 4.222   1.00 35.81  ? 200 ASN A CA  1 
ATOM   1336 C C   . ASN A 1 161 ? -5.266  -19.332 4.260   1.00 41.73  ? 200 ASN A C   1 
ATOM   1337 O O   . ASN A 1 161 ? -4.242  -18.688 4.029   1.00 40.44  ? 200 ASN A O   1 
ATOM   1338 C CB  . ASN A 1 161 ? -6.877  -17.764 2.970   1.00 39.87  ? 200 ASN A CB  1 
ATOM   1339 C CG  . ASN A 1 161 ? -6.969  -18.559 1.705   1.00 38.77  ? 200 ASN A CG  1 
ATOM   1340 O OD1 . ASN A 1 161 ? -6.757  -19.769 1.721   1.00 43.62  ? 200 ASN A OD1 1 
ATOM   1341 N ND2 . ASN A 1 161 ? -7.289  -17.874 0.623   1.00 38.13  ? 200 ASN A ND2 1 
ATOM   1342 N N   . GLU A 1 162 ? -5.249  -20.651 4.496   1.00 39.72  ? 201 GLU A N   1 
ATOM   1343 C CA  . GLU A 1 162 ? -3.961  -21.402 4.496   1.00 40.61  ? 201 GLU A CA  1 
ATOM   1344 C C   . GLU A 1 162 ? -3.275  -21.289 3.134   1.00 37.53  ? 201 GLU A C   1 
ATOM   1345 O O   . GLU A 1 162 ? -2.054  -21.478 3.082   1.00 45.60  ? 201 GLU A O   1 
ATOM   1346 C CB  . GLU A 1 162 ? -4.128  -22.888 4.839   1.00 45.47  ? 201 GLU A CB  1 
ATOM   1347 C CG  . GLU A 1 162 ? -4.757  -23.715 3.737   1.00 48.95  ? 201 GLU A CG  1 
ATOM   1348 C CD  . GLU A 1 162 ? -6.237  -23.477 3.479   1.00 55.05  ? 201 GLU A CD  1 
ATOM   1349 O OE1 . GLU A 1 162 ? -6.747  -24.002 2.465   1.00 67.94  ? 201 GLU A OE1 1 
ATOM   1350 O OE2 . GLU A 1 162 ? -6.882  -22.777 4.295   1.00 58.21  ? 201 GLU A OE2 1 
ATOM   1351 N N   . GLU A 1 163 ? -4.015  -21.053 2.066   1.00 39.67  ? 202 GLU A N   1 
ATOM   1352 C CA  . GLU A 1 163 ? -3.453  -20.902 0.699   1.00 45.87  ? 202 GLU A CA  1 
ATOM   1353 C C   . GLU A 1 163 ? -2.608  -19.627 0.581   1.00 44.84  ? 202 GLU A C   1 
ATOM   1354 O O   . GLU A 1 163 ? -1.657  -19.622 -0.237  1.00 39.92  ? 202 GLU A O   1 
ATOM   1355 C CB  . GLU A 1 163 ? -4.574  -20.843 -0.331  1.00 50.80  ? 202 GLU A CB  1 
ATOM   1356 C CG  . GLU A 1 163 ? -5.115  -22.199 -0.704  1.00 59.49  ? 202 GLU A CG  1 
ATOM   1357 C CD  . GLU A 1 163 ? -5.804  -22.125 -2.046  1.00 65.14  ? 202 GLU A CD  1 
ATOM   1358 O OE1 . GLU A 1 163 ? -5.264  -22.667 -3.022  1.00 80.17  ? 202 GLU A OE1 1 
ATOM   1359 O OE2 . GLU A 1 163 ? -6.849  -21.478 -2.113  1.00 77.26  ? 202 GLU A OE2 1 
ATOM   1360 N N   . ILE A 1 164 ? -2.989  -18.567 1.296   1.00 40.48  ? 203 ILE A N   1 
ATOM   1361 C CA  . ILE A 1 164 ? -2.187  -17.308 1.379   1.00 40.58  ? 203 ILE A CA  1 
ATOM   1362 C C   . ILE A 1 164 ? -0.913  -17.607 2.166   1.00 43.81  ? 203 ILE A C   1 
ATOM   1363 O O   . ILE A 1 164 ? 0.168   -17.231 1.705   1.00 41.40  ? 203 ILE A O   1 
ATOM   1364 C CB  . ILE A 1 164 ? -3.009  -16.162 2.017   1.00 40.87  ? 203 ILE A CB  1 
ATOM   1365 C CG1 . ILE A 1 164 ? -4.022  -15.583 1.028   1.00 34.87  ? 203 ILE A CG1 1 
ATOM   1366 C CG2 . ILE A 1 164 ? -2.098  -15.095 2.615   1.00 40.29  ? 203 ILE A CG2 1 
ATOM   1367 C CD1 . ILE A 1 164 ? -3.422  -14.902 -0.186  1.00 38.57  ? 203 ILE A CD1 1 
ATOM   1368 N N   . THR A 1 165 ? -1.034  -18.285 3.303   1.00 44.02  ? 204 THR A N   1 
ATOM   1369 C CA  . THR A 1 165 ? 0.129   -18.701 4.107   1.00 47.12  ? 204 THR A CA  1 
ATOM   1370 C C   . THR A 1 165 ? 1.120   -19.413 3.190   1.00 40.25  ? 204 THR A C   1 
ATOM   1371 O O   . THR A 1 165 ? 2.296   -19.063 3.255   1.00 48.58  ? 204 THR A O   1 
ATOM   1372 C CB  . THR A 1 165 ? -0.274  -19.594 5.281   1.00 49.29  ? 204 THR A CB  1 
ATOM   1373 O OG1 . THR A 1 165 ? -1.302  -18.900 5.995   1.00 45.06  ? 204 THR A OG1 1 
ATOM   1374 C CG2 . THR A 1 165 ? 0.912   -19.911 6.164   1.00 49.55  ? 204 THR A CG2 1 
ATOM   1375 N N   . ALA A 1 166 ? 0.651   -20.322 2.347   1.00 44.01  ? 205 ALA A N   1 
ATOM   1376 C CA  . ALA A 1 166 ? 1.507   -21.182 1.498   1.00 46.09  ? 205 ALA A CA  1 
ATOM   1377 C C   . ALA A 1 166 ? 2.131   -20.318 0.388   1.00 46.91  ? 205 ALA A C   1 
ATOM   1378 O O   . ALA A 1 166 ? 3.328   -20.465 0.112   1.00 44.22  ? 205 ALA A O   1 
ATOM   1379 C CB  . ALA A 1 166 ? 0.698   -22.330 0.956   1.00 48.19  ? 205 ALA A CB  1 
ATOM   1380 N N   . LEU A 1 167 ? 1.374   -19.387 -0.183  1.00 40.48  ? 206 LEU A N   1 
ATOM   1381 C CA  . LEU A 1 167 ? 1.898   -18.455 -1.218  1.00 41.53  ? 206 LEU A CA  1 
ATOM   1382 C C   . LEU A 1 167 ? 2.985   -17.553 -0.642  1.00 43.38  ? 206 LEU A C   1 
ATOM   1383 O O   . LEU A 1 167 ? 4.002   -17.368 -1.347  1.00 46.83  ? 206 LEU A O   1 
ATOM   1384 C CB  . LEU A 1 167 ? 0.767   -17.612 -1.808  1.00 45.27  ? 206 LEU A CB  1 
ATOM   1385 C CG  . LEU A 1 167 ? 0.388   -17.878 -3.261  1.00 52.57  ? 206 LEU A CG  1 
ATOM   1386 C CD1 . LEU A 1 167 ? 0.052   -16.579 -3.966  1.00 52.46  ? 206 LEU A CD1 1 
ATOM   1387 C CD2 . LEU A 1 167 ? 1.457   -18.637 -4.028  1.00 56.46  ? 206 LEU A CD2 1 
ATOM   1388 N N   . LYS A 1 168 ? 2.775   -17.002 0.562   1.00 39.14  ? 207 LYS A N   1 
ATOM   1389 C CA  . LYS A 1 168 ? 3.737   -16.100 1.244   1.00 40.94  ? 207 LYS A CA  1 
ATOM   1390 C C   . LYS A 1 168 ? 5.059   -16.871 1.416   1.00 47.97  ? 207 LYS A C   1 
ATOM   1391 O O   . LYS A 1 168 ? 6.107   -16.331 1.058   1.00 50.29  ? 207 LYS A O   1 
ATOM   1392 C CB  . LYS A 1 168 ? 3.174   -15.607 2.582   1.00 44.59  ? 207 LYS A CB  1 
ATOM   1393 C CG  . LYS A 1 168 ? 1.882   -14.788 2.463   1.00 42.95  ? 207 LYS A CG  1 
ATOM   1394 C CD  . LYS A 1 168 ? 2.095   -13.306 2.374   1.00 40.97  ? 207 LYS A CD  1 
ATOM   1395 C CE  . LYS A 1 168 ? 0.787   -12.541 2.343   1.00 39.62  ? 207 LYS A CE  1 
ATOM   1396 N NZ  . LYS A 1 168 ? 0.970   -11.157 2.824   1.00 39.25  ? 207 LYS A NZ  1 
ATOM   1397 N N   . ILE A 1 169 ? 4.983   -18.121 1.873   1.00 49.39  ? 208 ILE A N   1 
ATOM   1398 C CA  . ILE A 1 169 ? 6.162   -19.027 2.029   1.00 50.15  ? 208 ILE A CA  1 
ATOM   1399 C C   . ILE A 1 169 ? 6.765   -19.331 0.655   1.00 49.54  ? 208 ILE A C   1 
ATOM   1400 O O   . ILE A 1 169 ? 8.003   -19.319 0.551   1.00 59.18  ? 208 ILE A O   1 
ATOM   1401 C CB  . ILE A 1 169 ? 5.780   -20.308 2.796   1.00 53.11  ? 208 ILE A CB  1 
ATOM   1402 C CG1 . ILE A 1 169 ? 5.393   -19.974 4.232   1.00 57.31  ? 208 ILE A CG1 1 
ATOM   1403 C CG2 . ILE A 1 169 ? 6.919   -21.325 2.756   1.00 56.47  ? 208 ILE A CG2 1 
ATOM   1404 C CD1 . ILE A 1 169 ? 4.589   -21.045 4.915   1.00 65.75  ? 208 ILE A CD1 1 
ATOM   1405 N N   . LYS A 1 170 ? 5.945   -19.611 -0.355  1.00 46.79  ? 209 LYS A N   1 
ATOM   1406 C CA  . LYS A 1 170 ? 6.420   -20.090 -1.678  1.00 49.51  ? 209 LYS A CA  1 
ATOM   1407 C C   . LYS A 1 170 ? 7.287   -19.018 -2.359  1.00 58.95  ? 209 LYS A C   1 
ATOM   1408 O O   . LYS A 1 170 ? 8.296   -19.401 -2.975  1.00 50.93  ? 209 LYS A O   1 
ATOM   1409 C CB  . LYS A 1 170 ? 5.233   -20.449 -2.574  1.00 53.16  ? 209 LYS A CB  1 
ATOM   1410 C CG  . LYS A 1 170 ? 5.579   -20.809 -4.014  1.00 52.70  ? 209 LYS A CG  1 
ATOM   1411 C CD  . LYS A 1 170 ? 4.357   -21.044 -4.880  1.00 55.88  ? 209 LYS A CD  1 
ATOM   1412 C CE  . LYS A 1 170 ? 4.668   -21.285 -6.344  1.00 62.01  ? 209 LYS A CE  1 
ATOM   1413 N NZ  . LYS A 1 170 ? 5.611   -22.414 -6.532  1.00 60.11  ? 209 LYS A NZ  1 
ATOM   1414 N N   . TYR A 1 171 ? 6.873   -17.744 -2.326  1.00 53.40  ? 210 TYR A N   1 
ATOM   1415 C CA  . TYR A 1 171 ? 7.473   -16.666 -3.159  1.00 52.18  ? 210 TYR A CA  1 
ATOM   1416 C C   . TYR A 1 171 ? 8.428   -15.811 -2.324  1.00 51.71  ? 210 TYR A C   1 
ATOM   1417 O O   . TYR A 1 171 ? 9.069   -14.958 -2.963  1.00 61.52  ? 210 TYR A O   1 
ATOM   1418 C CB  . TYR A 1 171 ? 6.412   -15.787 -3.833  1.00 47.02  ? 210 TYR A CB  1 
ATOM   1419 C CG  . TYR A 1 171 ? 5.667   -16.437 -4.965  1.00 49.04  ? 210 TYR A CG  1 
ATOM   1420 C CD1 . TYR A 1 171 ? 6.326   -16.977 -6.050  1.00 49.72  ? 210 TYR A CD1 1 
ATOM   1421 C CD2 . TYR A 1 171 ? 4.292   -16.531 -4.952  1.00 46.62  ? 210 TYR A CD2 1 
ATOM   1422 C CE1 . TYR A 1 171 ? 5.645   -17.583 -7.091  1.00 52.24  ? 210 TYR A CE1 1 
ATOM   1423 C CE2 . TYR A 1 171 ? 3.592   -17.121 -5.989  1.00 53.14  ? 210 TYR A CE2 1 
ATOM   1424 C CZ  . TYR A 1 171 ? 4.269   -17.652 -7.065  1.00 47.84  ? 210 TYR A CZ  1 
ATOM   1425 O OH  . TYR A 1 171 ? 3.577   -18.277 -8.053  1.00 52.13  ? 210 TYR A OH  1 
ATOM   1426 N N   . ASN A 1 172 ? 8.497   -15.991 -0.998  1.00 59.40  ? 211 ASN A N   1 
ATOM   1427 C CA  . ASN A 1 172 ? 9.187   -15.060 -0.062  1.00 68.66  ? 211 ASN A CA  1 
ATOM   1428 C C   . ASN A 1 172 ? 10.397  -15.757 0.544   1.00 76.45  ? 211 ASN A C   1 
ATOM   1429 O O   . ASN A 1 172 ? 11.261  -16.138 -0.255  1.00 86.07  ? 211 ASN A O   1 
ATOM   1430 C CB  . ASN A 1 172 ? 8.295   -14.526 1.069   1.00 73.31  ? 211 ASN A CB  1 
ATOM   1431 C CG  . ASN A 1 172 ? 8.932   -13.382 1.842   1.00 74.50  ? 211 ASN A CG  1 
ATOM   1432 O OD1 . ASN A 1 172 ? 9.879   -12.756 1.367   1.00 68.65  ? 211 ASN A OD1 1 
ATOM   1433 N ND2 . ASN A 1 172 ? 8.420   -13.088 3.028   1.00 70.73  ? 211 ASN A ND2 1 
ATOM   1434 O OXT . ASN A 1 172 ? 10.477  -15.907 1.786   1.00 71.57  ? 211 ASN A OXT 1 
HETATM 1435 C C4  . O0M B 2 .   ? 7.577   -14.407 -8.416  0.45 58.10  ? 301 O0M A C4  1 
HETATM 1436 C C5  . O0M B 2 .   ? 8.477   -13.870 -7.496  0.45 63.48  ? 301 O0M A C5  1 
HETATM 1437 C C6  . O0M B 2 .   ? 8.920   -12.568 -7.628  0.45 60.55  ? 301 O0M A C6  1 
HETATM 1438 C C7  . O0M B 2 .   ? 9.993   -12.014 -6.747  0.45 59.46  ? 301 O0M A C7  1 
HETATM 1439 C C8  . O0M B 2 .   ? 8.830   -11.776 -4.660  0.45 59.69  ? 301 O0M A C8  1 
HETATM 1440 C C10 . O0M B 2 .   ? 8.628   -9.341  -3.822  0.45 56.24  ? 301 O0M A C10 1 
HETATM 1441 C C13 . O0M B 2 .   ? 8.426   -11.804 -8.652  0.45 60.34  ? 301 O0M A C13 1 
HETATM 1442 N N   . O0M B 2 .   ? 9.451   -11.031 -5.772  0.45 59.70  ? 301 O0M A N   1 
HETATM 1443 C C   . O0M B 2 .   ? 6.854   -15.490 -11.105 0.45 58.01  ? 301 O0M A C   1 
HETATM 1444 O O   . O0M B 2 .   ? 8.248   -8.537  -2.764  0.45 51.53  ? 301 O0M A O   1 
HETATM 1445 C C1  . O0M B 2 .   ? 6.253   -14.216 -10.538 0.45 58.36  ? 301 O0M A C1  1 
HETATM 1446 C C11 . O0M B 2 .   ? 10.042  -9.055  -4.304  0.45 56.73  ? 301 O0M A C11 1 
HETATM 1447 C C12 . O0M B 2 .   ? 10.549  -10.137 -5.272  0.45 57.37  ? 301 O0M A C12 1 
HETATM 1448 C C14 . O0M B 2 .   ? 7.532   -12.335 -9.558  0.45 65.71  ? 301 O0M A C14 1 
HETATM 1449 C C2  . O0M B 2 .   ? 4.847   -14.459 -10.071 0.45 56.27  ? 301 O0M A C2  1 
HETATM 1450 C C3  . O0M B 2 .   ? 7.114   -13.641 -9.468  0.45 59.34  ? 301 O0M A C3  1 
HETATM 1451 C C9  . O0M B 2 .   ? 8.499   -10.831 -3.496  0.45 58.89  ? 301 O0M A C9  1 
HETATM 1452 O O   . HOH C 3 .   ? 8.979   1.398   12.653  1.00 68.19  ? 401 HOH A O   1 
HETATM 1453 O O   . HOH C 3 .   ? 10.522  -18.055 0.844   1.00 59.56  ? 402 HOH A O   1 
HETATM 1454 O O   . HOH C 3 .   ? 3.932   0.739   -20.496 1.00 50.28  ? 403 HOH A O   1 
HETATM 1455 O O   . HOH C 3 .   ? 5.284   8.716   -19.792 1.00 43.58  ? 404 HOH A O   1 
HETATM 1456 O O   . HOH C 3 .   ? 6.278   -13.466 4.014   1.00 59.45  ? 405 HOH A O   1 
HETATM 1457 O O   . HOH C 3 .   ? -1.019  -21.271 -1.850  1.00 48.04  ? 406 HOH A O   1 
HETATM 1458 O O   . HOH C 3 .   ? -25.285 1.849   10.249  1.00 58.28  ? 407 HOH A O   1 
HETATM 1459 O O   . HOH C 3 .   ? -3.735  13.031  -18.128 1.00 50.42  ? 408 HOH A O   1 
HETATM 1460 O O   . HOH C 3 .   ? -8.309  -19.515 -1.889  1.00 59.74  ? 409 HOH A O   1 
HETATM 1461 O O   . HOH C 3 .   ? 11.288  -4.768  -12.921 1.00 38.35  ? 410 HOH A O   1 
HETATM 1462 O O   . HOH C 3 .   ? 16.742  4.188   -4.168  1.00 54.35  ? 411 HOH A O   1 
HETATM 1463 O O   . HOH C 3 .   ? -3.256  -17.693 -6.967  1.00 51.41  ? 412 HOH A O   1 
HETATM 1464 O O   . HOH C 3 .   ? -12.193 -6.394  13.279  1.00 68.39  ? 413 HOH A O   1 
HETATM 1465 O O   . HOH C 3 .   ? -18.663 -21.827 9.378   1.00 61.94  ? 414 HOH A O   1 
HETATM 1466 O O   . HOH C 3 .   ? -14.348 -22.162 0.979   1.00 52.64  ? 415 HOH A O   1 
HETATM 1467 O O   . HOH C 3 .   ? -2.525  -0.564  -11.148 1.00 47.33  ? 416 HOH A O   1 
HETATM 1468 O O   . HOH C 3 .   ? 3.107   25.879  -9.524  1.00 44.93  ? 417 HOH A O   1 
HETATM 1469 O O   . HOH C 3 .   ? 11.517  3.374   5.929   1.00 48.03  ? 418 HOH A O   1 
HETATM 1470 O O   . HOH C 3 .   ? -3.864  14.006  -5.433  0.50 51.39  ? 419 HOH A O   1 
HETATM 1471 O O   . HOH C 3 .   ? 8.673   -8.006  2.592   1.00 46.24  ? 420 HOH A O   1 
HETATM 1472 O O   . HOH C 3 .   ? 3.516   20.063  -3.784  1.00 43.97  ? 421 HOH A O   1 
HETATM 1473 O O   . HOH C 3 .   ? 6.010   22.255  -2.678  1.00 58.57  ? 422 HOH A O   1 
HETATM 1474 O O   . HOH C 3 .   ? 5.812   4.155   -18.281 1.00 51.18  ? 423 HOH A O   1 
HETATM 1475 O O   . HOH C 3 .   ? -13.467 -3.606  4.647   1.00 33.53  ? 424 HOH A O   1 
HETATM 1476 O O   . HOH C 3 .   ? 1.111   5.756   -23.285 1.00 76.58  ? 425 HOH A O   1 
HETATM 1477 O O   . HOH C 3 .   ? -19.071 -0.793  0.669   1.00 49.43  ? 426 HOH A O   1 
HETATM 1478 O O   . HOH C 3 .   ? 2.028   -6.931  6.517   1.00 41.68  ? 427 HOH A O   1 
HETATM 1479 O O   . HOH C 3 .   ? 10.898  -6.980  -9.825  1.00 42.20  ? 428 HOH A O   1 
HETATM 1480 O O   . HOH C 3 .   ? 10.436  7.182   5.601   1.00 69.68  ? 429 HOH A O   1 
HETATM 1481 O O   . HOH C 3 .   ? -0.677  -10.071 14.612  1.00 51.45  ? 430 HOH A O   1 
HETATM 1482 O O   . HOH C 3 .   ? 6.759   -3.236  3.460   1.00 39.06  ? 431 HOH A O   1 
HETATM 1483 O O   . HOH C 3 .   ? -12.427 5.004   2.084   1.00 51.47  ? 432 HOH A O   1 
HETATM 1484 O O   . HOH C 3 .   ? 4.446   -22.808 0.360   1.00 44.17  ? 433 HOH A O   1 
HETATM 1485 O O   . HOH C 3 .   ? 16.048  3.686   -1.097  1.00 58.98  ? 434 HOH A O   1 
HETATM 1486 O O   . HOH C 3 .   ? 1.748   27.756  -1.187  1.00 51.23  ? 435 HOH A O   1 
HETATM 1487 O O   . HOH C 3 .   ? -6.155  -12.042 -9.753  1.00 66.23  ? 436 HOH A O   1 
HETATM 1488 O O   . HOH C 3 .   ? 3.309   16.041  -8.201  1.00 51.38  ? 437 HOH A O   1 
HETATM 1489 O O   . HOH C 3 .   ? -17.993 -6.153  14.341  1.00 63.09  ? 438 HOH A O   1 
HETATM 1490 O O   . HOH C 3 .   ? -6.384  -1.506  14.343  1.00 77.26  ? 439 HOH A O   1 
HETATM 1491 O O   . HOH C 3 .   ? -3.917  13.276  -2.932  1.00 90.28  ? 440 HOH A O   1 
HETATM 1492 O O   . HOH C 3 .   ? -8.884  5.872   14.115  1.00 86.58  ? 441 HOH A O   1 
HETATM 1493 O O   . HOH C 3 .   ? -2.934  5.073   5.470   1.00 42.27  ? 442 HOH A O   1 
HETATM 1494 O O   . HOH C 3 .   ? -3.814  25.389  3.553   1.00 69.85  ? 443 HOH A O   1 
HETATM 1495 O O   . HOH C 3 .   ? -8.546  -20.057 9.091   1.00 59.13  ? 444 HOH A O   1 
HETATM 1496 O O   . HOH C 3 .   ? 12.524  -3.760  -2.984  1.00 53.42  ? 445 HOH A O   1 
HETATM 1497 O O   . HOH C 3 .   ? 11.913  18.961  -18.210 1.00 66.42  ? 446 HOH A O   1 
HETATM 1498 O O   . HOH C 3 .   ? -10.539 -19.147 -0.014  1.00 44.21  ? 447 HOH A O   1 
HETATM 1499 O O   . HOH C 3 .   ? 10.318  1.750   1.929   1.00 41.23  ? 448 HOH A O   1 
HETATM 1500 O O   . HOH C 3 .   ? -19.082 -18.524 3.844   1.00 41.88  ? 449 HOH A O   1 
HETATM 1501 O O   . HOH C 3 .   ? -13.104 -9.888  -0.644  1.00 58.81  ? 450 HOH A O   1 
HETATM 1502 O O   . HOH C 3 .   ? -10.002 1.879   8.491   1.00 55.24  ? 451 HOH A O   1 
HETATM 1503 O O   . HOH C 3 .   ? 0.369   24.556  -12.495 1.00 45.97  ? 452 HOH A O   1 
HETATM 1504 O O   . HOH C 3 .   ? -2.578  -20.707 7.559   1.00 45.39  ? 453 HOH A O   1 
HETATM 1505 O O   . HOH C 3 .   ? -15.543 -9.538  10.825  1.00 56.60  ? 454 HOH A O   1 
HETATM 1506 O O   . HOH C 3 .   ? 10.334  -5.789  3.006   1.00 65.85  ? 455 HOH A O   1 
HETATM 1507 O O   . HOH C 3 .   ? -11.032 -5.130  -7.597  1.00 60.01  ? 456 HOH A O   1 
HETATM 1508 O O   . HOH C 3 .   ? -21.958 -12.280 5.294   1.00 45.30  ? 457 HOH A O   1 
HETATM 1509 O O   . HOH C 3 .   ? -0.544  -23.378 4.323   1.00 50.27  ? 458 HOH A O   1 
HETATM 1510 O O   . HOH C 3 .   ? -20.947 1.475   6.745   1.00 61.89  ? 459 HOH A O   1 
HETATM 1511 O O   . HOH C 3 .   ? -2.724  20.066  -3.721  1.00 40.39  ? 460 HOH A O   1 
HETATM 1512 O O   . HOH C 3 .   ? -12.332 -1.131  4.434   1.00 43.55  ? 461 HOH A O   1 
HETATM 1513 O O   . HOH C 3 .   ? 10.211  12.690  -18.581 1.00 54.82  ? 462 HOH A O   1 
HETATM 1514 O O   . HOH C 3 .   ? 10.147  -2.249  -15.150 1.00 52.49  ? 463 HOH A O   1 
HETATM 1515 O O   . HOH C 3 .   ? -13.010 -12.176 -1.436  1.00 60.26  ? 464 HOH A O   1 
HETATM 1516 O O   . HOH C 3 .   ? 14.654  13.623  3.503   1.00 59.19  ? 465 HOH A O   1 
HETATM 1517 O O   . HOH C 3 .   ? -11.694 2.048   14.895  1.00 69.55  ? 466 HOH A O   1 
HETATM 1518 O O   . HOH C 3 .   ? 7.616   -5.920  -12.786 0.50 35.67  ? 467 HOH A O   1 
HETATM 1519 O O   . HOH C 3 .   ? -9.912  -17.582 -1.881  1.00 62.39  ? 468 HOH A O   1 
HETATM 1520 O O   . HOH C 3 .   ? -5.437  -18.236 11.718  1.00 56.13  ? 469 HOH A O   1 
HETATM 1521 O O   . HOH C 3 .   ? 8.818   -4.960  13.801  1.00 72.68  ? 470 HOH A O   1 
HETATM 1522 O O   . HOH C 3 .   ? -7.133  2.027   13.745  1.00 63.18  ? 471 HOH A O   1 
HETATM 1523 O O   . HOH C 3 .   ? -7.549  -15.107 1.692   1.00 35.95  ? 472 HOH A O   1 
HETATM 1524 O O   . HOH C 3 .   ? 5.011   -4.320  -6.656  1.00 33.51  ? 473 HOH A O   1 
HETATM 1525 O O   . HOH C 3 .   ? -10.080 -11.035 -4.616  1.00 60.54  ? 474 HOH A O   1 
HETATM 1526 O O   . HOH C 3 .   ? -5.697  -4.017  18.937  1.00 68.77  ? 475 HOH A O   1 
HETATM 1527 O O   . HOH C 3 .   ? -3.510  -8.030  -3.700  1.00 35.12  ? 476 HOH A O   1 
HETATM 1528 O O   . HOH C 3 .   ? 16.145  8.789   -15.100 1.00 45.66  ? 477 HOH A O   1 
HETATM 1529 O O   . HOH C 3 .   ? 19.552  11.956  -6.735  1.00 53.00  ? 478 HOH A O   1 
HETATM 1530 O O   . HOH C 3 .   ? 1.068   -19.408 -7.667  1.00 59.99  ? 479 HOH A O   1 
HETATM 1531 O O   . HOH C 3 .   ? 4.567   14.885  -14.677 1.00 49.50  ? 480 HOH A O   1 
HETATM 1532 O O   . HOH C 3 .   ? -9.875  5.318   3.913   1.00 50.34  ? 481 HOH A O   1 
HETATM 1533 O O   . HOH C 3 .   ? 10.700  4.103   -11.981 1.00 36.72  ? 482 HOH A O   1 
HETATM 1534 O O   . HOH C 3 .   ? 6.625   -9.487  6.726   1.00 68.88  ? 483 HOH A O   1 
HETATM 1535 O O   . HOH C 3 .   ? -7.151  -9.106  -2.484  1.00 37.27  ? 484 HOH A O   1 
HETATM 1536 O O   . HOH C 3 .   ? 12.404  1.766   0.396   1.00 55.30  ? 485 HOH A O   1 
HETATM 1537 O O   . HOH C 3 .   ? 5.467   3.951   -15.750 1.00 54.30  ? 486 HOH A O   1 
HETATM 1538 O O   . HOH C 3 .   ? 14.071  4.923   -8.194  1.00 38.57  ? 487 HOH A O   1 
HETATM 1539 O O   . HOH C 3 .   ? 5.291   -2.260  0.534   1.00 36.96  ? 488 HOH A O   1 
HETATM 1540 O O   . HOH C 3 .   ? -6.659  3.719   -3.062  1.00 59.08  ? 489 HOH A O   1 
HETATM 1541 O O   . HOH C 3 .   ? 1.393   22.482  -12.508 1.00 41.73  ? 490 HOH A O   1 
HETATM 1542 O O   . HOH C 3 .   ? 10.654  20.764  -7.923  1.00 39.06  ? 491 HOH A O   1 
HETATM 1543 O O   . HOH C 3 .   ? -12.915 -15.738 -0.509  1.00 51.31  ? 492 HOH A O   1 
HETATM 1544 O O   . HOH C 3 .   ? -20.934 -15.990 8.120   1.00 62.96  ? 493 HOH A O   1 
HETATM 1545 O O   . HOH C 3 .   ? 10.625  1.466   8.352   1.00 67.15  ? 494 HOH A O   1 
HETATM 1546 O O   . HOH C 3 .   ? -0.165  -0.747  -13.199 1.00 40.36  ? 495 HOH A O   1 
HETATM 1547 O O   . HOH C 3 .   ? 7.032   8.312   6.945   1.00 44.24  ? 496 HOH A O   1 
HETATM 1548 O O   . HOH C 3 .   ? -7.962  -3.724  14.475  1.00 55.22  ? 497 HOH A O   1 
HETATM 1549 O O   . HOH C 3 .   ? -0.470  -16.257 10.400  1.00 54.05  ? 498 HOH A O   1 
HETATM 1550 O O   . HOH C 3 .   ? 19.586  10.166  -3.554  1.00 52.48  ? 499 HOH A O   1 
HETATM 1551 O O   . HOH C 3 .   ? -7.263  -16.396 13.232  1.00 64.24  ? 500 HOH A O   1 
HETATM 1552 O O   . HOH C 3 .   ? 1.094   -8.087  17.831  1.00 56.73  ? 501 HOH A O   1 
HETATM 1553 O O   . HOH C 3 .   ? -3.822  4.374   7.847   1.00 55.24  ? 502 HOH A O   1 
HETATM 1554 O O   . HOH C 3 .   ? -2.406  -5.824  -13.613 1.00 76.73  ? 503 HOH A O   1 
HETATM 1555 O O   . HOH C 3 .   ? -11.190 -14.903 -3.594  1.00 62.02  ? 504 HOH A O   1 
HETATM 1556 O O   . HOH C 3 .   ? -8.838  -21.244 0.199   1.00 58.40  ? 505 HOH A O   1 
HETATM 1557 O O   . HOH C 3 .   ? -0.938  8.346   11.421  1.00 89.68  ? 506 HOH A O   1 
HETATM 1558 O O   . HOH C 3 .   ? 8.535   -7.092  9.343   1.00 44.49  ? 507 HOH A O   1 
HETATM 1559 O O   . HOH C 3 .   ? -8.890  4.069   7.689   1.00 65.77  ? 508 HOH A O   1 
HETATM 1560 O O   . HOH C 3 .   ? 15.591  8.829   4.752   1.00 62.07  ? 509 HOH A O   1 
HETATM 1561 O O   . HOH C 3 .   ? 17.064  4.410   -16.203 1.00 72.65  ? 510 HOH A O   1 
HETATM 1562 O O   . HOH C 3 .   ? 9.725   14.992  1.920   1.00 60.37  ? 511 HOH A O   1 
HETATM 1563 O O   . HOH C 3 .   ? -9.784  -8.139  -2.920  1.00 52.65  ? 512 HOH A O   1 
HETATM 1564 O O   . HOH C 3 .   ? -20.739 -20.349 4.062   1.00 39.47  ? 513 HOH A O   1 
HETATM 1565 O O   . HOH C 3 .   ? -0.523  -3.144  -13.575 1.00 58.03  ? 514 HOH A O   1 
HETATM 1566 O O   . HOH C 3 .   ? -12.022 -14.237 10.160  1.00 47.55  ? 515 HOH A O   1 
HETATM 1567 O O   . HOH C 3 .   ? 9.965   9.354   -18.932 1.00 53.79  ? 516 HOH A O   1 
HETATM 1568 O O   . HOH C 3 .   ? 1.467   9.619   9.319   1.00 57.67  ? 517 HOH A O   1 
HETATM 1569 O O   . HOH C 3 .   ? 13.244  2.681   -4.009  1.00 38.58  ? 518 HOH A O   1 
HETATM 1570 O O   . HOH C 3 .   ? -7.786  8.568   -4.642  1.00 49.93  ? 519 HOH A O   1 
HETATM 1571 O O   . HOH C 3 .   ? -5.901  7.025   4.002   1.00 52.60  ? 520 HOH A O   1 
HETATM 1572 O O   . HOH C 3 .   ? 6.257   23.963  -10.127 1.00 62.15  ? 521 HOH A O   1 
HETATM 1573 O O   . HOH C 3 .   ? 13.388  4.865   -5.419  1.00 46.01  ? 522 HOH A O   1 
HETATM 1574 O O   . HOH C 3 .   ? 3.605   -17.685 5.758   1.00 57.08  ? 523 HOH A O   1 
HETATM 1575 O O   . HOH C 3 .   ? -0.263  11.695  8.154   1.00 64.64  ? 524 HOH A O   1 
HETATM 1576 O O   . HOH C 3 .   ? -7.748  -11.193 12.195  1.00 50.57  ? 525 HOH A O   1 
HETATM 1577 O O   . HOH C 3 .   ? -20.285 1.099   12.245  1.00 64.96  ? 526 HOH A O   1 
HETATM 1578 O O   . HOH C 3 .   ? -12.691 -21.299 7.307   1.00 44.37  ? 527 HOH A O   1 
HETATM 1579 O O   . HOH C 3 .   ? 1.413   7.052   18.801  1.00 65.95  ? 528 HOH A O   1 
HETATM 1580 O O   . HOH C 3 .   ? 11.561  1.884   -13.284 1.00 52.22  ? 529 HOH A O   1 
HETATM 1581 O O   . HOH C 3 .   ? 11.555  13.152  3.624   1.00 61.24  ? 530 HOH A O   1 
HETATM 1582 O O   . HOH C 3 .   ? 8.212   23.534  -8.236  1.00 52.20  ? 531 HOH A O   1 
HETATM 1583 O O   . HOH C 3 .   ? 17.714  21.667  -16.510 1.00 76.44  ? 532 HOH A O   1 
HETATM 1584 O O   . HOH C 3 .   ? 7.200   -5.435  22.281  1.00 60.32  ? 533 HOH A O   1 
HETATM 1585 O O   . HOH C 3 .   ? -1.341  2.826   -21.877 1.00 55.22  ? 534 HOH A O   1 
HETATM 1586 O O   . HOH C 3 .   ? -6.369  -5.604  15.276  1.00 61.69  ? 535 HOH A O   1 
HETATM 1587 O O   . HOH C 3 .   ? 12.265  10.960  3.718   1.00 57.12  ? 536 HOH A O   1 
HETATM 1588 O O   . HOH C 3 .   ? -2.352  -21.516 -3.992  1.00 62.09  ? 537 HOH A O   1 
HETATM 1589 O O   . HOH C 3 .   ? 3.609   14.358  -10.088 1.00 48.61  ? 538 HOH A O   1 
HETATM 1590 O O   . HOH C 3 .   ? 0.471   28.772  -11.735 1.00 60.58  ? 539 HOH A O   1 
HETATM 1591 O O   . HOH C 3 .   ? 9.736   -8.634  0.302   1.00 61.60  ? 540 HOH A O   1 
HETATM 1592 O O   . HOH C 3 .   ? 3.868   -14.706 9.589   1.00 65.70  ? 541 HOH A O   1 
HETATM 1593 O O   . HOH C 3 .   ? 2.448   -13.538 13.305  1.00 70.99  ? 542 HOH A O   1 
HETATM 1594 O O   . HOH C 3 .   ? 8.771   -9.942  4.391   1.00 58.29  ? 543 HOH A O   1 
HETATM 1595 O O   . HOH C 3 .   ? -11.140 -17.360 -3.975  1.00 67.96  ? 544 HOH A O   1 
HETATM 1596 O O   . HOH C 3 .   ? -15.746 3.184   0.885   1.00 67.00  ? 545 HOH A O   1 
HETATM 1597 O O   . HOH C 3 .   ? -2.147  -24.328 0.966   1.00 50.60  ? 546 HOH A O   1 
HETATM 1598 O O   . HOH C 3 .   ? 2.038   -23.020 4.232   1.00 56.08  ? 547 HOH A O   1 
HETATM 1599 O O   . HOH C 3 .   ? -14.629 -22.941 8.919   1.00 68.76  ? 548 HOH A O   1 
HETATM 1600 O O   . HOH C 3 .   ? 1.414   -21.848 -2.820  1.00 51.64  ? 549 HOH A O   1 
HETATM 1601 O O   . HOH C 3 .   ? -0.722  13.354  -24.204 1.00 65.05  ? 550 HOH A O   1 
HETATM 1602 O O   . HOH C 3 .   ? 14.439  22.960  -16.134 1.00 54.37  ? 551 HOH A O   1 
HETATM 1603 O O   . HOH C 3 .   ? -21.802 -20.615 1.379   1.00 62.84  ? 552 HOH A O   1 
HETATM 1604 O O   . HOH C 3 .   ? 6.260   16.036  0.987   1.00 69.33  ? 553 HOH A O   1 
HETATM 1605 O O   . HOH C 3 .   ? -6.215  -19.929 -11.722 1.00 80.06  ? 554 HOH A O   1 
HETATM 1606 O O   . HOH C 3 .   ? -8.141  -19.080 11.751  1.00 66.65  ? 555 HOH A O   1 
HETATM 1607 O O   . HOH C 3 .   ? 0.337   2.742   -16.584 1.00 64.05  ? 556 HOH A O   1 
HETATM 1608 O O   . HOH C 3 .   ? 16.321  3.945   -7.149  1.00 54.53  ? 557 HOH A O   1 
HETATM 1609 O O   . HOH C 3 .   ? 6.992   -23.576 -0.184  1.00 50.99  ? 558 HOH A O   1 
HETATM 1610 O O   . HOH C 3 .   ? -7.306  -7.599  16.439  1.00 73.18  ? 559 HOH A O   1 
HETATM 1611 O O   . HOH C 3 .   ? 9.810   -2.423  17.095  1.00 65.95  ? 560 HOH A O   1 
HETATM 1612 O O   . HOH C 3 .   ? -0.413  4.412   -24.907 1.00 81.53  ? 561 HOH A O   1 
HETATM 1613 O O   . HOH C 3 .   ? 11.970  9.557   5.868   1.00 68.35  ? 562 HOH A O   1 
HETATM 1614 O O   . HOH C 3 .   ? 3.586   15.383  -12.209 1.00 57.03  ? 563 HOH A O   1 
HETATM 1615 O O   . HOH C 3 .   ? -7.981  -9.762  -9.788  1.00 65.77  ? 564 HOH A O   1 
HETATM 1616 O O   . HOH C 3 .   ? 3.651   -24.117 2.584   1.00 52.87  ? 565 HOH A O   1 
HETATM 1617 O O   . HOH C 3 .   ? -1.374  -24.116 -1.421  1.00 57.04  ? 566 HOH A O   1 
HETATM 1618 O O   . HOH C 3 .   ? -21.347 -16.743 5.459   1.00 54.83  ? 567 HOH A O   1 
HETATM 1619 O O   . HOH C 3 .   ? -22.459 -13.294 2.689   1.00 53.50  ? 568 HOH A O   1 
HETATM 1620 O O   . HOH C 3 .   ? 2.052   -10.169 17.111  1.00 79.05  ? 569 HOH A O   1 
HETATM 1621 O O   . HOH C 3 .   ? 18.878  2.649   -1.440  1.00 73.39  ? 570 HOH A O   1 
HETATM 1622 O O   . HOH C 3 .   ? -13.390 2.786   17.903  1.00 59.09  ? 571 HOH A O   1 
HETATM 1623 O O   . HOH C 3 .   ? -20.929 -13.218 0.463   1.00 52.97  ? 572 HOH A O   1 
HETATM 1624 O O   . HOH C 3 .   ? -18.241 5.093   15.791  1.00 62.68  ? 573 HOH A O   1 
HETATM 1625 O O   . HOH C 3 .   ? 1.157   -25.367 -0.946  1.00 55.44  ? 574 HOH A O   1 
HETATM 1626 O O   . HOH C 3 .   ? -4.628  1.091   23.876  1.00 86.10  ? 575 HOH A O   1 
HETATM 1627 O O   . HOH C 3 .   ? -1.235  -11.662 19.268  1.00 74.77  ? 576 HOH A O   1 
HETATM 1628 O O   . HOH C 3 .   ? 5.714   -25.463 3.701   1.00 54.37  ? 577 HOH A O   1 
HETATM 1629 O O   . HOH C 3 .   ? 2.493   -28.177 -3.066  1.00 69.83  ? 578 HOH A O   1 
# 
